data_1MR6
#
_entry.id   1MR6
#
_cell.length_a   1.000
_cell.length_b   1.000
_cell.length_c   1.000
_cell.angle_alpha   90.00
_cell.angle_beta   90.00
_cell.angle_gamma   90.00
#
_symmetry.space_group_name_H-M   'P 1'
#
_entity_poly.entity_id   1
_entity_poly.type   'polypeptide(L)'
_entity_poly.pdbx_seq_one_letter_code
;MQCKTCSFYTCPNSETCPDGKNICVKRSWTAVRGDGPKREIRRECAATCPPSKLGLTVFCCTTDNCNH
;
_entity_poly.pdbx_strand_id   A
#
# COMPACT_ATOMS: atom_id res chain seq x y z
N MET A 1 8.24 -12.72 1.66
CA MET A 1 7.49 -11.66 2.38
C MET A 1 6.00 -11.78 2.10
N GLN A 2 5.21 -10.99 2.77
CA GLN A 2 3.75 -11.02 2.54
C GLN A 2 3.17 -9.67 2.93
N CYS A 3 2.56 -8.99 2.00
CA CYS A 3 1.99 -7.65 2.29
C CYS A 3 0.80 -7.40 1.37
N LYS A 4 -0.38 -7.40 1.94
CA LYS A 4 -1.61 -7.17 1.14
C LYS A 4 -1.58 -5.77 0.52
N THR A 5 -2.00 -5.67 -0.71
CA THR A 5 -2.02 -4.34 -1.39
C THR A 5 -3.31 -4.23 -2.21
N CYS A 6 -4.42 -4.03 -1.56
CA CYS A 6 -5.71 -3.92 -2.31
C CYS A 6 -5.96 -2.47 -2.71
N SER A 7 -7.11 -2.19 -3.25
CA SER A 7 -7.43 -0.79 -3.64
C SER A 7 -8.44 -0.21 -2.66
N PHE A 8 -9.20 -1.06 -2.01
CA PHE A 8 -10.20 -0.57 -1.02
C PHE A 8 -9.48 -0.10 0.23
N TYR A 9 -10.21 0.29 1.24
CA TYR A 9 -9.56 0.77 2.49
C TYR A 9 -9.87 -0.23 3.61
N THR A 10 -9.80 -1.50 3.32
CA THR A 10 -10.09 -2.51 4.37
C THR A 10 -9.95 -3.92 3.80
N CYS A 11 -8.75 -4.33 3.50
CA CYS A 11 -8.54 -5.70 2.95
C CYS A 11 -7.72 -6.51 3.96
N PRO A 12 -8.41 -7.16 4.86
CA PRO A 12 -7.78 -7.96 5.91
C PRO A 12 -7.32 -9.31 5.35
N ASN A 13 -7.69 -9.60 4.14
CA ASN A 13 -7.26 -10.89 3.54
C ASN A 13 -5.73 -10.96 3.51
N SER A 14 -5.17 -12.03 3.02
CA SER A 14 -3.69 -12.13 2.97
C SER A 14 -3.21 -12.11 1.52
N GLU A 15 -2.03 -11.63 1.29
CA GLU A 15 -1.51 -11.57 -0.11
C GLU A 15 0.03 -11.54 -0.11
N THR A 16 0.64 -12.69 -0.24
CA THR A 16 2.13 -12.74 -0.24
C THR A 16 2.68 -11.85 -1.37
N CYS A 17 3.86 -11.33 -1.19
CA CYS A 17 4.45 -10.43 -2.24
C CYS A 17 5.60 -11.15 -2.96
N PRO A 18 5.56 -11.14 -4.28
CA PRO A 18 6.58 -11.79 -5.11
C PRO A 18 7.82 -10.88 -5.29
N ASP A 19 8.61 -11.16 -6.28
CA ASP A 19 9.83 -10.33 -6.53
C ASP A 19 10.83 -10.48 -5.38
N GLY A 20 12.01 -9.93 -5.53
CA GLY A 20 13.02 -10.03 -4.45
C GLY A 20 12.83 -8.89 -3.47
N LYS A 21 11.69 -8.26 -3.49
CA LYS A 21 11.44 -7.16 -2.53
C LYS A 21 11.11 -7.77 -1.18
N ASN A 22 10.41 -7.08 -0.32
CA ASN A 22 10.12 -7.70 1.00
C ASN A 22 9.30 -6.80 1.91
N ILE A 23 8.28 -6.12 1.45
CA ILE A 23 7.55 -5.27 2.41
C ILE A 23 6.15 -4.91 1.95
N CYS A 24 5.45 -4.24 2.82
CA CYS A 24 4.07 -3.77 2.53
C CYS A 24 4.17 -2.28 2.27
N VAL A 25 3.28 -1.71 1.51
CA VAL A 25 3.40 -0.25 1.26
C VAL A 25 2.04 0.37 0.93
N LYS A 26 1.92 1.64 1.15
CA LYS A 26 0.65 2.34 0.86
C LYS A 26 0.93 3.84 0.68
N ARG A 27 0.14 4.53 -0.08
CA ARG A 27 0.35 5.99 -0.29
C ARG A 27 -1.03 6.61 -0.36
N SER A 28 -1.28 7.68 0.33
CA SER A 28 -2.66 8.23 0.30
C SER A 28 -2.66 9.70 -0.06
N TRP A 29 -3.56 10.06 -0.92
CA TRP A 29 -3.66 11.48 -1.30
C TRP A 29 -5.08 11.79 -1.69
N THR A 30 -5.53 12.92 -1.33
CA THR A 30 -6.91 13.30 -1.70
C THR A 30 -6.90 13.77 -3.14
N ALA A 31 -7.97 13.57 -3.85
CA ALA A 31 -8.00 13.99 -5.27
C ALA A 31 -9.35 13.62 -5.89
N VAL A 32 -10.15 14.60 -6.22
CA VAL A 32 -11.48 14.30 -6.82
C VAL A 32 -11.34 14.13 -8.34
N ARG A 33 -11.38 12.92 -8.82
CA ARG A 33 -11.25 12.71 -10.28
C ARG A 33 -12.62 12.36 -10.88
N GLY A 34 -13.15 11.22 -10.54
CA GLY A 34 -14.49 10.84 -11.07
C GLY A 34 -15.46 10.63 -9.90
N ASP A 35 -15.53 9.43 -9.39
CA ASP A 35 -16.45 9.16 -8.25
C ASP A 35 -15.75 8.28 -7.22
N GLY A 36 -14.45 8.15 -7.33
CA GLY A 36 -13.70 7.30 -6.37
C GLY A 36 -13.83 7.87 -4.96
N PRO A 37 -13.04 7.37 -4.05
CA PRO A 37 -13.03 7.81 -2.65
C PRO A 37 -12.28 9.14 -2.50
N LYS A 38 -11.88 9.47 -1.31
CA LYS A 38 -11.15 10.75 -1.10
C LYS A 38 -9.64 10.48 -1.08
N ARG A 39 -9.13 10.01 0.03
CA ARG A 39 -7.67 9.73 0.12
C ARG A 39 -7.38 8.39 -0.55
N GLU A 40 -6.74 8.43 -1.69
CA GLU A 40 -6.40 7.16 -2.41
C GLU A 40 -5.19 6.51 -1.74
N ILE A 41 -5.41 5.56 -0.87
CA ILE A 41 -4.26 4.89 -0.15
C ILE A 41 -3.70 3.73 -1.00
N ARG A 42 -3.39 3.97 -2.24
CA ARG A 42 -2.85 2.87 -3.11
C ARG A 42 -1.87 2.00 -2.30
N ARG A 43 -1.60 0.80 -2.75
CA ARG A 43 -0.65 -0.06 -1.96
C ARG A 43 0.26 -0.84 -2.91
N GLU A 44 1.14 -1.65 -2.37
CA GLU A 44 2.07 -2.43 -3.23
C GLU A 44 3.17 -3.06 -2.34
N CYS A 45 3.97 -3.92 -2.90
CA CYS A 45 5.06 -4.55 -2.10
C CYS A 45 6.41 -4.03 -2.57
N ALA A 46 7.32 -3.77 -1.66
CA ALA A 46 8.66 -3.26 -2.08
C ALA A 46 9.67 -3.47 -0.96
N ALA A 47 10.80 -2.82 -1.03
CA ALA A 47 11.81 -2.94 0.05
C ALA A 47 11.34 -2.11 1.24
N THR A 48 11.14 -0.83 1.03
CA THR A 48 10.62 0.05 2.12
C THR A 48 9.22 0.47 1.73
N CYS A 49 9.10 0.96 0.53
CA CYS A 49 7.79 1.45 0.04
C CYS A 49 7.99 1.92 -1.41
N PRO A 50 6.95 2.44 -2.03
CA PRO A 50 7.07 2.93 -3.42
C PRO A 50 8.06 4.10 -3.47
N PRO A 51 8.27 4.64 -4.65
CA PRO A 51 9.20 5.76 -4.85
C PRO A 51 8.65 7.08 -4.31
N SER A 52 7.67 7.03 -3.46
CA SER A 52 7.10 8.28 -2.90
C SER A 52 8.20 9.05 -2.17
N LYS A 53 8.08 10.35 -2.13
CA LYS A 53 9.09 11.17 -1.41
C LYS A 53 8.50 11.58 -0.07
N LEU A 54 7.49 10.86 0.34
CA LEU A 54 6.80 11.16 1.63
C LEU A 54 5.79 12.28 1.40
N GLY A 55 5.85 12.96 0.28
CA GLY A 55 4.84 14.01 0.02
C GLY A 55 3.50 13.29 0.09
N LEU A 56 3.53 12.03 -0.26
CA LEU A 56 2.33 11.18 -0.17
C LEU A 56 2.43 10.44 1.17
N THR A 57 1.35 10.06 1.76
CA THR A 57 1.47 9.35 3.06
C THR A 57 1.92 7.92 2.82
N VAL A 58 3.20 7.63 2.95
CA VAL A 58 3.64 6.24 2.73
C VAL A 58 3.37 5.43 3.99
N PHE A 59 3.03 4.20 3.84
CA PHE A 59 2.81 3.33 5.01
C PHE A 59 3.33 1.95 4.66
N CYS A 60 4.46 1.59 5.21
CA CYS A 60 5.04 0.27 4.89
C CYS A 60 4.91 -0.66 6.10
N CYS A 61 5.33 -1.88 5.97
CA CYS A 61 5.22 -2.82 7.12
C CYS A 61 6.22 -3.97 6.95
N THR A 62 7.00 -4.23 7.96
CA THR A 62 8.01 -5.33 7.87
C THR A 62 7.42 -6.61 8.47
N THR A 63 6.39 -7.14 7.87
CA THR A 63 5.77 -8.39 8.39
C THR A 63 4.77 -8.92 7.37
N ASP A 64 4.17 -10.05 7.63
CA ASP A 64 3.19 -10.61 6.66
C ASP A 64 2.09 -9.57 6.41
N ASN A 65 1.15 -9.88 5.54
CA ASN A 65 0.04 -8.92 5.21
C ASN A 65 -0.17 -7.90 6.36
N CYS A 66 0.23 -6.68 6.15
CA CYS A 66 0.06 -5.65 7.22
C CYS A 66 -0.84 -4.52 6.71
N ASN A 67 -0.31 -3.63 5.93
CA ASN A 67 -1.13 -2.50 5.40
C ASN A 67 -2.32 -3.04 4.61
N HIS A 68 -3.48 -3.11 5.20
CA HIS A 68 -4.66 -3.62 4.48
C HIS A 68 -5.20 -2.53 3.55
N MET A 1 8.87 -12.10 3.40
CA MET A 1 8.01 -10.97 3.89
C MET A 1 6.55 -11.25 3.55
N GLN A 2 5.67 -10.38 3.98
CA GLN A 2 4.23 -10.58 3.68
C GLN A 2 3.53 -9.21 3.74
N CYS A 3 2.99 -8.78 2.65
CA CYS A 3 2.31 -7.45 2.65
C CYS A 3 1.16 -7.46 1.65
N LYS A 4 -0.05 -7.32 2.13
CA LYS A 4 -1.23 -7.32 1.21
C LYS A 4 -0.98 -6.34 0.06
N THR A 5 -1.71 -6.46 -1.01
CA THR A 5 -1.49 -5.54 -2.16
C THR A 5 -2.74 -5.52 -3.06
N CYS A 6 -3.89 -5.35 -2.48
CA CYS A 6 -5.12 -5.32 -3.31
C CYS A 6 -5.41 -3.86 -3.71
N SER A 7 -6.62 -3.39 -3.51
CA SER A 7 -6.92 -1.99 -3.88
C SER A 7 -7.96 -1.41 -2.91
N PHE A 8 -8.13 -2.03 -1.78
CA PHE A 8 -9.12 -1.53 -0.80
C PHE A 8 -8.40 -1.18 0.52
N TYR A 9 -8.99 -0.36 1.34
CA TYR A 9 -8.34 0.00 2.62
C TYR A 9 -8.10 -1.26 3.46
N THR A 10 -8.74 -2.34 3.09
CA THR A 10 -8.55 -3.61 3.86
C THR A 10 -8.81 -4.79 2.93
N CYS A 11 -7.81 -5.60 2.70
CA CYS A 11 -7.99 -6.76 1.80
C CYS A 11 -7.36 -8.01 2.42
N PRO A 12 -8.18 -8.87 2.97
CA PRO A 12 -7.72 -10.10 3.59
C PRO A 12 -7.40 -11.14 2.51
N ASN A 13 -7.82 -10.88 1.30
CA ASN A 13 -7.56 -11.83 0.19
C ASN A 13 -6.04 -11.99 0.03
N SER A 14 -5.37 -10.98 -0.44
CA SER A 14 -3.89 -11.09 -0.61
C SER A 14 -3.22 -11.09 0.76
N GLU A 15 -1.98 -11.46 0.83
CA GLU A 15 -1.29 -11.47 2.15
C GLU A 15 0.22 -11.45 1.95
N THR A 16 0.84 -12.61 1.91
CA THR A 16 2.31 -12.68 1.75
C THR A 16 2.75 -12.00 0.44
N CYS A 17 4.00 -11.62 0.37
CA CYS A 17 4.54 -10.97 -0.86
C CYS A 17 5.23 -12.05 -1.70
N PRO A 18 5.53 -11.73 -2.92
CA PRO A 18 6.20 -12.68 -3.83
C PRO A 18 7.65 -12.93 -3.39
N ASP A 19 8.33 -13.85 -4.02
CA ASP A 19 9.72 -14.16 -3.62
C ASP A 19 10.71 -13.18 -4.26
N GLY A 20 10.39 -11.92 -4.23
CA GLY A 20 11.29 -10.91 -4.84
C GLY A 20 11.11 -9.56 -4.12
N LYS A 21 9.92 -9.28 -3.67
CA LYS A 21 9.69 -7.98 -2.97
C LYS A 21 10.18 -8.06 -1.55
N ASN A 22 9.89 -7.06 -0.77
CA ASN A 22 10.37 -7.08 0.64
C ASN A 22 9.60 -6.15 1.57
N ILE A 23 8.55 -5.51 1.15
CA ILE A 23 7.86 -4.60 2.12
C ILE A 23 6.37 -4.48 1.86
N CYS A 24 5.72 -3.80 2.77
CA CYS A 24 4.27 -3.53 2.68
C CYS A 24 4.09 -2.04 2.41
N VAL A 25 3.98 -1.68 1.17
CA VAL A 25 3.85 -0.23 0.84
C VAL A 25 2.37 0.19 0.75
N LYS A 26 2.00 1.19 1.50
CA LYS A 26 0.60 1.67 1.47
C LYS A 26 0.62 3.18 1.26
N ARG A 27 0.11 3.65 0.16
CA ARG A 27 0.11 5.12 -0.10
C ARG A 27 -1.30 5.68 0.13
N SER A 28 -1.43 6.98 0.20
CA SER A 28 -2.77 7.57 0.41
C SER A 28 -2.78 9.04 -0.02
N TRP A 29 -3.61 9.38 -0.96
CA TRP A 29 -3.70 10.79 -1.41
C TRP A 29 -5.17 11.14 -1.64
N THR A 30 -5.47 12.40 -1.76
CA THR A 30 -6.87 12.82 -1.94
C THR A 30 -7.10 13.42 -3.33
N ALA A 31 -6.27 13.06 -4.26
CA ALA A 31 -6.41 13.61 -5.63
C ALA A 31 -7.81 13.27 -6.16
N VAL A 32 -8.69 14.21 -6.13
CA VAL A 32 -10.08 13.97 -6.62
C VAL A 32 -10.05 13.59 -8.10
N ARG A 33 -10.83 12.61 -8.48
CA ARG A 33 -10.85 12.19 -9.91
C ARG A 33 -11.94 12.97 -10.65
N GLY A 34 -13.18 12.77 -10.27
CA GLY A 34 -14.29 13.49 -10.95
C GLY A 34 -15.55 13.41 -10.09
N ASP A 35 -15.80 12.28 -9.48
CA ASP A 35 -17.02 12.13 -8.64
C ASP A 35 -16.71 11.22 -7.45
N GLY A 36 -15.75 11.58 -6.63
CA GLY A 36 -15.41 10.73 -5.45
C GLY A 36 -14.33 11.41 -4.61
N PRO A 37 -14.77 12.21 -3.68
CA PRO A 37 -13.89 12.94 -2.76
C PRO A 37 -13.41 12.03 -1.62
N LYS A 38 -12.25 11.47 -1.75
CA LYS A 38 -11.74 10.58 -0.67
C LYS A 38 -10.22 10.39 -0.84
N ARG A 39 -9.59 9.78 0.13
CA ARG A 39 -8.12 9.56 0.02
C ARG A 39 -7.85 8.30 -0.80
N GLU A 40 -7.75 8.43 -2.09
CA GLU A 40 -7.47 7.23 -2.94
C GLU A 40 -6.15 6.60 -2.50
N ILE A 41 -6.21 5.50 -1.82
CA ILE A 41 -4.96 4.83 -1.35
C ILE A 41 -4.60 3.65 -2.26
N ARG A 42 -3.62 2.88 -1.90
CA ARG A 42 -3.21 1.71 -2.74
C ARG A 42 -2.13 0.90 -2.03
N ARG A 43 -1.95 -0.34 -2.39
CA ARG A 43 -0.90 -1.17 -1.72
C ARG A 43 -0.17 -2.04 -2.74
N GLU A 44 1.04 -2.43 -2.43
CA GLU A 44 1.84 -3.28 -3.37
C GLU A 44 3.13 -3.71 -2.66
N CYS A 45 3.71 -4.82 -3.03
CA CYS A 45 4.98 -5.22 -2.35
C CYS A 45 6.14 -4.48 -3.01
N ALA A 46 6.99 -3.87 -2.22
CA ALA A 46 8.13 -3.12 -2.81
C ALA A 46 9.21 -2.93 -1.75
N ALA A 47 10.30 -2.29 -2.09
CA ALA A 47 11.36 -2.05 -1.09
C ALA A 47 10.81 -1.03 -0.08
N THR A 48 11.17 0.22 -0.17
CA THR A 48 10.58 1.20 0.77
C THR A 48 9.11 1.32 0.38
N CYS A 49 8.84 2.08 -0.64
CA CYS A 49 7.45 2.24 -1.14
C CYS A 49 7.52 2.78 -2.57
N PRO A 50 6.47 2.53 -3.32
CA PRO A 50 6.38 2.94 -4.75
C PRO A 50 6.21 4.45 -5.03
N PRO A 51 5.58 5.18 -4.15
CA PRO A 51 5.35 6.63 -4.34
C PRO A 51 6.63 7.41 -4.06
N SER A 52 6.91 7.69 -2.83
CA SER A 52 8.15 8.46 -2.50
C SER A 52 8.58 8.18 -1.06
N LYS A 53 7.97 8.83 -0.11
CA LYS A 53 8.35 8.61 1.31
C LYS A 53 7.24 9.12 2.21
N LEU A 54 7.12 10.42 2.35
CA LEU A 54 6.03 10.95 3.20
C LEU A 54 5.47 12.25 2.63
N GLY A 55 5.94 12.66 1.50
CA GLY A 55 5.39 13.90 0.88
C GLY A 55 3.90 13.65 0.71
N LEU A 56 3.58 12.43 0.38
CA LEU A 56 2.17 12.02 0.24
C LEU A 56 1.88 11.16 1.48
N THR A 57 1.03 10.18 1.40
CA THR A 57 0.81 9.35 2.61
C THR A 57 1.36 7.95 2.36
N VAL A 58 2.63 7.76 2.59
CA VAL A 58 3.22 6.41 2.39
C VAL A 58 3.27 5.68 3.72
N PHE A 59 3.38 4.39 3.67
CA PHE A 59 3.47 3.60 4.93
C PHE A 59 4.07 2.23 4.61
N CYS A 60 5.37 2.17 4.48
CA CYS A 60 6.03 0.87 4.18
C CYS A 60 6.16 0.07 5.46
N CYS A 61 6.31 -1.22 5.36
CA CYS A 61 6.44 -2.05 6.60
C CYS A 61 7.30 -3.27 6.33
N THR A 62 8.27 -3.53 7.18
CA THR A 62 9.13 -4.73 7.00
C THR A 62 8.55 -5.88 7.79
N THR A 63 7.25 -5.90 7.94
CA THR A 63 6.58 -6.98 8.69
C THR A 63 5.45 -7.56 7.84
N ASP A 64 4.85 -8.63 8.27
CA ASP A 64 3.74 -9.21 7.47
C ASP A 64 2.68 -8.14 7.23
N ASN A 65 1.54 -8.50 6.70
CA ASN A 65 0.46 -7.49 6.45
C ASN A 65 0.44 -6.47 7.59
N CYS A 66 1.09 -5.35 7.40
CA CYS A 66 1.13 -4.31 8.47
C CYS A 66 -0.15 -3.47 8.43
N ASN A 67 -0.70 -3.24 7.27
CA ASN A 67 -1.94 -2.42 7.19
C ASN A 67 -2.96 -3.13 6.29
N HIS A 68 -3.49 -4.23 6.72
CA HIS A 68 -4.49 -4.95 5.89
C HIS A 68 -5.77 -4.13 5.80
N MET A 1 9.51 -13.08 1.95
CA MET A 1 8.77 -11.89 2.45
C MET A 1 7.27 -12.08 2.23
N GLN A 2 6.49 -11.25 2.84
CA GLN A 2 5.02 -11.35 2.68
C GLN A 2 4.38 -10.03 3.07
N CYS A 3 3.69 -9.41 2.16
CA CYS A 3 3.03 -8.12 2.50
C CYS A 3 1.58 -8.16 2.00
N LYS A 4 0.65 -7.67 2.76
CA LYS A 4 -0.76 -7.69 2.32
C LYS A 4 -1.00 -6.58 1.28
N THR A 5 -1.22 -6.94 0.05
CA THR A 5 -1.43 -5.90 -1.00
C THR A 5 -2.84 -6.07 -1.60
N CYS A 6 -3.85 -5.92 -0.79
CA CYS A 6 -5.24 -6.05 -1.31
C CYS A 6 -5.59 -4.84 -2.17
N SER A 7 -6.80 -4.37 -2.11
CA SER A 7 -7.19 -3.18 -2.92
C SER A 7 -8.20 -2.34 -2.15
N PHE A 8 -9.11 -2.96 -1.44
CA PHE A 8 -10.12 -2.19 -0.68
C PHE A 8 -9.42 -1.42 0.45
N TYR A 9 -10.14 -0.62 1.18
CA TYR A 9 -9.51 0.16 2.28
C TYR A 9 -8.94 -0.82 3.31
N THR A 10 -9.31 -2.06 3.25
CA THR A 10 -8.78 -3.04 4.24
C THR A 10 -9.11 -4.46 3.79
N CYS A 11 -8.26 -5.40 4.11
CA CYS A 11 -8.55 -6.81 3.71
C CYS A 11 -8.14 -7.74 4.86
N PRO A 12 -9.06 -8.57 5.28
CA PRO A 12 -8.82 -9.54 6.37
C PRO A 12 -7.98 -10.70 5.85
N ASN A 13 -7.83 -10.80 4.56
CA ASN A 13 -7.02 -11.91 3.99
C ASN A 13 -5.52 -11.56 4.08
N SER A 14 -4.68 -12.40 3.55
CA SER A 14 -3.21 -12.12 3.60
C SER A 14 -2.62 -12.32 2.20
N GLU A 15 -1.41 -11.89 1.98
CA GLU A 15 -0.81 -12.08 0.63
C GLU A 15 0.72 -11.96 0.69
N THR A 16 1.40 -13.02 0.36
CA THR A 16 2.88 -12.97 0.36
C THR A 16 3.34 -12.16 -0.85
N CYS A 17 4.59 -11.73 -0.88
CA CYS A 17 5.06 -10.94 -2.04
C CYS A 17 5.80 -11.86 -3.03
N PRO A 18 5.68 -11.54 -4.30
CA PRO A 18 6.32 -12.33 -5.36
C PRO A 18 7.82 -11.98 -5.47
N ASP A 19 8.58 -12.82 -6.12
CA ASP A 19 10.03 -12.54 -6.27
C ASP A 19 10.65 -12.29 -4.88
N GLY A 20 11.86 -11.81 -4.84
CA GLY A 20 12.53 -11.56 -3.53
C GLY A 20 12.21 -10.14 -3.05
N LYS A 21 10.95 -9.79 -3.01
CA LYS A 21 10.59 -8.43 -2.54
C LYS A 21 10.63 -8.39 -1.02
N ASN A 22 9.98 -7.44 -0.39
CA ASN A 22 10.08 -7.44 1.10
C ASN A 22 9.20 -6.40 1.80
N ILE A 23 8.26 -5.74 1.17
CA ILE A 23 7.49 -4.74 1.96
C ILE A 23 6.09 -4.49 1.39
N CYS A 24 5.32 -3.75 2.14
CA CYS A 24 3.96 -3.39 1.69
C CYS A 24 3.85 -1.87 1.63
N VAL A 25 4.06 -1.31 0.48
CA VAL A 25 3.99 0.16 0.36
C VAL A 25 2.59 0.55 -0.11
N LYS A 26 1.83 1.18 0.74
CA LYS A 26 0.45 1.58 0.35
C LYS A 26 0.48 2.96 -0.29
N ARG A 27 -0.64 3.40 -0.81
CA ARG A 27 -0.71 4.74 -1.46
C ARG A 27 -2.07 5.36 -1.13
N SER A 28 -2.12 6.64 -0.88
CA SER A 28 -3.43 7.28 -0.54
C SER A 28 -3.40 8.75 -0.94
N TRP A 29 -4.29 9.16 -1.80
CA TRP A 29 -4.31 10.58 -2.22
C TRP A 29 -5.71 11.14 -2.11
N THR A 30 -5.84 12.42 -2.06
CA THR A 30 -7.18 13.03 -1.97
C THR A 30 -7.72 13.26 -3.37
N ALA A 31 -8.78 12.59 -3.71
CA ALA A 31 -9.35 12.77 -5.07
C ALA A 31 -10.56 11.85 -5.26
N VAL A 32 -11.67 12.40 -5.68
CA VAL A 32 -12.87 11.55 -5.90
C VAL A 32 -12.80 10.99 -7.32
N ARG A 33 -12.40 11.81 -8.25
CA ARG A 33 -12.29 11.36 -9.66
C ARG A 33 -10.91 11.76 -10.19
N GLY A 34 -10.42 12.90 -9.80
CA GLY A 34 -9.08 13.35 -10.27
C GLY A 34 -8.47 14.27 -9.21
N ASP A 35 -9.25 15.17 -8.66
CA ASP A 35 -8.73 16.09 -7.62
C ASP A 35 -9.85 16.48 -6.66
N GLY A 36 -10.93 15.76 -6.67
CA GLY A 36 -12.06 16.09 -5.76
C GLY A 36 -11.68 15.76 -4.31
N PRO A 37 -12.56 16.11 -3.40
CA PRO A 37 -12.35 15.86 -1.97
C PRO A 37 -12.66 14.40 -1.62
N LYS A 38 -11.64 13.60 -1.42
CA LYS A 38 -11.88 12.17 -1.09
C LYS A 38 -10.54 11.51 -0.74
N ARG A 39 -10.45 10.21 -0.86
CA ARG A 39 -9.16 9.53 -0.55
C ARG A 39 -9.14 8.15 -1.21
N GLU A 40 -8.56 8.06 -2.38
CA GLU A 40 -8.48 6.74 -3.06
C GLU A 40 -7.15 6.10 -2.68
N ILE A 41 -7.17 4.95 -2.08
CA ILE A 41 -5.89 4.32 -1.68
C ILE A 41 -5.59 3.11 -2.57
N ARG A 42 -4.49 2.47 -2.32
CA ARG A 42 -4.09 1.28 -3.13
C ARG A 42 -2.93 0.61 -2.41
N ARG A 43 -2.53 -0.55 -2.82
CA ARG A 43 -1.39 -1.20 -2.11
C ARG A 43 -0.53 -1.98 -3.10
N GLU A 44 0.75 -2.03 -2.85
CA GLU A 44 1.66 -2.77 -3.75
C GLU A 44 2.90 -3.19 -2.95
N CYS A 45 3.53 -4.25 -3.34
CA CYS A 45 4.73 -4.71 -2.59
C CYS A 45 5.96 -4.00 -3.15
N ALA A 46 6.95 -3.78 -2.33
CA ALA A 46 8.18 -3.11 -2.82
C ALA A 46 9.30 -3.35 -1.83
N ALA A 47 10.51 -3.04 -2.22
CA ALA A 47 11.66 -3.21 -1.30
C ALA A 47 11.98 -1.84 -0.70
N THR A 48 11.04 -0.92 -0.79
CA THR A 48 11.26 0.44 -0.26
C THR A 48 10.39 0.68 0.97
N CYS A 49 10.28 1.92 1.35
CA CYS A 49 9.45 2.29 2.52
C CYS A 49 9.55 3.81 2.67
N PRO A 50 8.93 4.51 1.76
CA PRO A 50 8.95 5.98 1.73
C PRO A 50 7.92 6.56 2.71
N PRO A 51 8.24 7.72 3.24
CA PRO A 51 7.36 8.43 4.19
C PRO A 51 6.29 9.18 3.40
N SER A 52 6.70 9.88 2.39
CA SER A 52 5.74 10.64 1.55
C SER A 52 6.27 10.75 0.13
N LYS A 53 5.42 10.97 -0.83
CA LYS A 53 5.88 11.07 -2.24
C LYS A 53 5.13 12.21 -2.93
N LEU A 54 5.09 12.19 -4.24
CA LEU A 54 4.37 13.26 -5.00
C LEU A 54 3.08 13.65 -4.25
N GLY A 55 1.97 13.07 -4.62
CA GLY A 55 0.70 13.40 -3.92
C GLY A 55 0.12 12.08 -3.40
N LEU A 56 0.99 11.18 -3.00
CA LEU A 56 0.52 9.86 -2.49
C LEU A 56 1.16 9.57 -1.14
N THR A 57 0.38 9.07 -0.22
CA THR A 57 0.94 8.72 1.12
C THR A 57 1.38 7.25 1.08
N VAL A 58 2.57 6.96 1.53
CA VAL A 58 3.04 5.56 1.50
C VAL A 58 2.91 4.93 2.87
N PHE A 59 2.58 3.68 2.90
CA PHE A 59 2.48 2.99 4.20
C PHE A 59 3.26 1.68 4.09
N CYS A 60 4.55 1.76 4.29
CA CYS A 60 5.41 0.55 4.15
C CYS A 60 5.35 -0.33 5.40
N CYS A 61 5.40 -1.61 5.20
CA CYS A 61 5.39 -2.56 6.35
C CYS A 61 6.50 -3.60 6.15
N THR A 62 7.44 -3.66 7.05
CA THR A 62 8.56 -4.63 6.90
C THR A 62 8.23 -5.93 7.64
N THR A 63 7.21 -6.64 7.21
CA THR A 63 6.85 -7.91 7.89
C THR A 63 5.81 -8.65 7.04
N ASP A 64 5.45 -9.84 7.45
CA ASP A 64 4.45 -10.62 6.68
C ASP A 64 3.22 -9.72 6.42
N ASN A 65 2.24 -10.24 5.71
CA ASN A 65 1.01 -9.44 5.41
C ASN A 65 0.74 -8.41 6.50
N CYS A 66 1.07 -7.17 6.24
CA CYS A 66 0.86 -6.11 7.27
C CYS A 66 -0.24 -5.16 6.80
N ASN A 67 -0.03 -4.48 5.71
CA ASN A 67 -1.06 -3.53 5.20
C ASN A 67 -2.44 -4.19 5.23
N HIS A 68 -3.16 -4.02 6.30
CA HIS A 68 -4.51 -4.63 6.39
C HIS A 68 -5.56 -3.65 5.86
N MET A 1 8.60 -11.38 -0.61
CA MET A 1 8.33 -11.47 0.86
C MET A 1 6.84 -11.61 1.09
N GLN A 2 6.42 -11.47 2.31
CA GLN A 2 4.97 -11.57 2.62
C GLN A 2 4.53 -10.25 3.24
N CYS A 3 3.73 -9.51 2.55
CA CYS A 3 3.27 -8.22 3.11
C CYS A 3 1.73 -8.15 3.00
N LYS A 4 1.13 -7.08 3.45
CA LYS A 4 -0.36 -6.98 3.35
C LYS A 4 -0.74 -5.82 2.42
N THR A 5 -1.26 -6.12 1.26
CA THR A 5 -1.67 -5.04 0.31
C THR A 5 -2.99 -5.41 -0.36
N CYS A 6 -3.91 -5.94 0.38
CA CYS A 6 -5.22 -6.34 -0.24
C CYS A 6 -5.91 -5.09 -0.79
N SER A 7 -6.86 -5.30 -1.66
CA SER A 7 -7.59 -4.14 -2.25
C SER A 7 -8.31 -3.38 -1.14
N PHE A 8 -8.71 -4.07 -0.11
CA PHE A 8 -9.41 -3.39 1.01
C PHE A 8 -8.39 -2.64 1.87
N TYR A 9 -8.85 -1.85 2.80
CA TYR A 9 -7.90 -1.10 3.68
C TYR A 9 -7.72 -1.91 4.97
N THR A 10 -7.81 -3.20 4.88
CA THR A 10 -7.66 -4.05 6.08
C THR A 10 -7.79 -5.52 5.67
N CYS A 11 -6.70 -6.22 5.54
CA CYS A 11 -6.77 -7.65 5.13
C CYS A 11 -6.84 -8.54 6.36
N PRO A 12 -7.97 -9.17 6.56
CA PRO A 12 -8.17 -10.08 7.70
C PRO A 12 -7.45 -11.40 7.42
N ASN A 13 -7.17 -11.67 6.17
CA ASN A 13 -6.45 -12.92 5.82
C ASN A 13 -4.95 -12.62 5.69
N SER A 14 -4.41 -12.61 4.51
CA SER A 14 -2.96 -12.31 4.36
C SER A 14 -2.56 -12.38 2.88
N GLU A 15 -1.58 -11.61 2.48
CA GLU A 15 -1.14 -11.65 1.06
C GLU A 15 0.38 -11.74 1.00
N THR A 16 0.89 -12.93 0.97
CA THR A 16 2.37 -13.09 0.93
C THR A 16 2.90 -12.70 -0.45
N CYS A 17 3.52 -11.56 -0.57
CA CYS A 17 4.07 -11.14 -1.89
C CYS A 17 4.81 -12.34 -2.49
N PRO A 18 5.06 -12.29 -3.77
CA PRO A 18 5.74 -13.38 -4.48
C PRO A 18 7.23 -13.43 -4.12
N ASP A 19 7.94 -14.38 -4.65
CA ASP A 19 9.39 -14.49 -4.31
C ASP A 19 10.22 -13.55 -5.19
N GLY A 20 10.04 -12.29 -4.99
CA GLY A 20 10.81 -11.29 -5.78
C GLY A 20 10.76 -9.95 -5.05
N LYS A 21 9.63 -9.62 -4.49
CA LYS A 21 9.50 -8.33 -3.76
C LYS A 21 10.09 -8.46 -2.38
N ASN A 22 9.89 -7.47 -1.56
CA ASN A 22 10.46 -7.53 -0.19
C ASN A 22 9.72 -6.59 0.76
N ILE A 23 8.61 -6.01 0.37
CA ILE A 23 7.93 -5.08 1.30
C ILE A 23 6.47 -4.86 0.88
N CYS A 24 5.79 -4.06 1.65
CA CYS A 24 4.41 -3.65 1.32
C CYS A 24 4.45 -2.16 1.07
N VAL A 25 3.64 -1.65 0.20
CA VAL A 25 3.66 -0.18 -0.03
C VAL A 25 2.32 0.24 -0.63
N LYS A 26 1.40 0.63 0.20
CA LYS A 26 0.07 1.07 -0.29
C LYS A 26 0.11 2.60 -0.37
N ARG A 27 -0.74 3.21 -1.13
CA ARG A 27 -0.72 4.69 -1.23
C ARG A 27 -2.08 5.21 -1.63
N SER A 28 -2.46 6.31 -1.04
CA SER A 28 -3.77 6.93 -1.35
C SER A 28 -3.52 8.38 -1.70
N TRP A 29 -3.49 8.69 -2.97
CA TRP A 29 -3.21 10.09 -3.35
C TRP A 29 -4.45 10.76 -3.89
N THR A 30 -4.51 12.05 -3.76
CA THR A 30 -5.66 12.79 -4.29
C THR A 30 -5.40 13.13 -5.75
N ALA A 31 -6.31 12.83 -6.62
CA ALA A 31 -6.07 13.11 -8.05
C ALA A 31 -7.34 12.87 -8.87
N VAL A 32 -8.45 13.29 -8.37
CA VAL A 32 -9.70 13.10 -9.15
C VAL A 32 -9.50 13.79 -10.49
N ARG A 33 -9.61 15.09 -10.53
CA ARG A 33 -9.37 15.84 -11.80
C ARG A 33 -9.59 17.33 -11.55
N GLY A 34 -10.71 17.68 -10.96
CA GLY A 34 -10.98 19.11 -10.67
C GLY A 34 -10.96 19.35 -9.16
N ASP A 35 -12.00 18.96 -8.47
CA ASP A 35 -12.03 19.16 -6.99
C ASP A 35 -12.83 18.03 -6.35
N GLY A 36 -13.07 16.97 -7.08
CA GLY A 36 -13.86 15.84 -6.51
C GLY A 36 -13.04 15.16 -5.40
N PRO A 37 -13.74 14.68 -4.40
CA PRO A 37 -13.12 14.00 -3.25
C PRO A 37 -12.77 12.56 -3.62
N LYS A 38 -11.54 12.17 -3.42
CA LYS A 38 -11.15 10.77 -3.77
C LYS A 38 -9.67 10.53 -3.41
N ARG A 39 -9.27 9.30 -3.36
CA ARG A 39 -7.86 8.98 -3.01
C ARG A 39 -7.55 7.56 -3.48
N GLU A 40 -6.70 7.43 -4.47
CA GLU A 40 -6.35 6.07 -4.97
C GLU A 40 -5.48 5.36 -3.93
N ILE A 41 -6.08 4.61 -3.04
CA ILE A 41 -5.30 3.88 -1.98
C ILE A 41 -4.63 2.62 -2.53
N ARG A 42 -4.28 2.62 -3.78
CA ARG A 42 -3.65 1.43 -4.43
C ARG A 42 -2.76 0.66 -3.46
N ARG A 43 -2.53 -0.59 -3.70
CA ARG A 43 -1.66 -1.38 -2.77
C ARG A 43 -0.78 -2.33 -3.58
N GLU A 44 0.48 -2.38 -3.27
CA GLU A 44 1.40 -3.29 -4.01
C GLU A 44 2.64 -3.57 -3.19
N CYS A 45 3.30 -4.67 -3.45
CA CYS A 45 4.54 -4.99 -2.69
C CYS A 45 5.72 -4.29 -3.35
N ALA A 46 6.71 -3.93 -2.59
CA ALA A 46 7.88 -3.24 -3.18
C ALA A 46 9.10 -3.48 -2.31
N ALA A 47 10.09 -2.64 -2.44
CA ALA A 47 11.31 -2.77 -1.62
C ALA A 47 11.69 -1.37 -1.17
N THR A 48 10.70 -0.53 -1.05
CA THR A 48 10.94 0.88 -0.66
C THR A 48 10.18 1.25 0.61
N CYS A 49 10.02 2.52 0.77
CA CYS A 49 9.30 3.10 1.91
C CYS A 49 9.36 4.60 1.73
N PRO A 50 8.64 5.08 0.75
CA PRO A 50 8.64 6.51 0.40
C PRO A 50 7.99 7.37 1.48
N PRO A 51 8.08 8.66 1.31
CA PRO A 51 7.53 9.64 2.26
C PRO A 51 6.03 9.72 2.11
N SER A 52 5.30 9.64 3.18
CA SER A 52 3.82 9.69 3.06
C SER A 52 3.25 10.90 3.79
N LYS A 53 2.14 11.38 3.30
CA LYS A 53 1.45 12.54 3.94
C LYS A 53 -0.06 12.32 3.73
N LEU A 54 -0.52 12.52 2.53
CA LEU A 54 -1.94 12.26 2.20
C LEU A 54 -2.17 12.60 0.74
N GLY A 55 -1.50 13.60 0.22
CA GLY A 55 -1.65 13.85 -1.24
C GLY A 55 -1.21 12.54 -1.90
N LEU A 56 -0.42 11.80 -1.17
CA LEU A 56 0.06 10.47 -1.59
C LEU A 56 0.61 9.83 -0.32
N THR A 57 -0.21 9.09 0.38
CA THR A 57 0.24 8.49 1.67
C THR A 57 0.72 7.07 1.49
N VAL A 58 2.00 6.86 1.49
CA VAL A 58 2.52 5.47 1.34
C VAL A 58 2.58 4.80 2.70
N PHE A 59 2.45 3.52 2.72
CA PHE A 59 2.55 2.79 3.99
C PHE A 59 3.22 1.46 3.68
N CYS A 60 4.40 1.26 4.19
CA CYS A 60 5.11 0.00 3.87
C CYS A 60 5.48 -0.76 5.14
N CYS A 61 6.01 -1.93 4.97
CA CYS A 61 6.43 -2.75 6.14
C CYS A 61 7.42 -3.83 5.66
N THR A 62 8.45 -4.06 6.42
CA THR A 62 9.46 -5.08 6.00
C THR A 62 9.30 -6.35 6.85
N THR A 63 8.25 -7.09 6.62
CA THR A 63 8.04 -8.33 7.39
C THR A 63 6.81 -9.06 6.83
N ASP A 64 6.50 -10.21 7.35
CA ASP A 64 5.31 -10.95 6.84
C ASP A 64 4.13 -9.98 6.77
N ASN A 65 3.02 -10.41 6.23
CA ASN A 65 1.81 -9.53 6.10
C ASN A 65 1.81 -8.47 7.21
N CYS A 66 2.21 -7.27 6.88
CA CYS A 66 2.25 -6.19 7.91
C CYS A 66 1.63 -4.91 7.33
N ASN A 67 0.36 -4.92 7.05
CA ASN A 67 -0.29 -3.69 6.50
C ASN A 67 -1.80 -3.79 6.68
N HIS A 68 -2.24 -4.35 7.77
CA HIS A 68 -3.70 -4.47 8.01
C HIS A 68 -4.31 -3.08 8.16
N MET A 1 8.50 -11.03 1.54
CA MET A 1 7.65 -10.84 2.76
C MET A 1 6.19 -11.00 2.40
N GLN A 2 5.34 -10.65 3.30
CA GLN A 2 3.89 -10.74 3.02
C GLN A 2 3.32 -9.34 3.15
N CYS A 3 2.89 -8.77 2.06
CA CYS A 3 2.35 -7.38 2.12
C CYS A 3 1.31 -7.20 1.01
N LYS A 4 0.09 -7.60 1.25
CA LYS A 4 -0.98 -7.46 0.22
C LYS A 4 -0.84 -6.10 -0.47
N THR A 5 -1.30 -6.00 -1.69
CA THR A 5 -1.20 -4.70 -2.40
C THR A 5 -2.48 -4.45 -3.19
N CYS A 6 -3.60 -4.45 -2.52
CA CYS A 6 -4.89 -4.21 -3.22
C CYS A 6 -5.46 -2.87 -2.75
N SER A 7 -6.00 -2.84 -1.56
CA SER A 7 -6.57 -1.58 -1.02
C SER A 7 -7.15 -1.87 0.37
N PHE A 8 -6.50 -1.42 1.41
CA PHE A 8 -7.04 -1.69 2.77
C PHE A 8 -8.41 -1.04 2.92
N TYR A 9 -8.77 -0.18 2.01
CA TYR A 9 -10.12 0.45 2.11
C TYR A 9 -11.18 -0.59 1.70
N THR A 10 -10.74 -1.81 1.45
CA THR A 10 -11.69 -2.88 1.04
C THR A 10 -10.90 -4.18 0.81
N CYS A 11 -9.81 -4.37 1.49
CA CYS A 11 -9.01 -5.62 1.28
C CYS A 11 -8.63 -6.21 2.64
N PRO A 12 -9.55 -6.95 3.21
CA PRO A 12 -9.35 -7.61 4.51
C PRO A 12 -8.53 -8.89 4.32
N ASN A 13 -8.28 -9.26 3.09
CA ASN A 13 -7.50 -10.50 2.83
C ASN A 13 -6.01 -10.25 3.12
N SER A 14 -5.20 -11.25 2.88
CA SER A 14 -3.73 -11.09 3.13
C SER A 14 -2.97 -11.92 2.10
N GLU A 15 -1.75 -11.55 1.81
CA GLU A 15 -0.99 -12.34 0.79
C GLU A 15 0.52 -12.07 0.91
N THR A 16 1.30 -13.09 0.68
CA THR A 16 2.78 -12.93 0.74
C THR A 16 3.20 -11.85 -0.29
N CYS A 17 4.42 -11.88 -0.74
CA CYS A 17 4.86 -10.88 -1.76
C CYS A 17 5.46 -11.61 -2.96
N PRO A 18 5.37 -10.96 -4.11
CA PRO A 18 5.89 -11.53 -5.37
C PRO A 18 7.41 -11.33 -5.45
N ASP A 19 8.04 -11.97 -6.41
CA ASP A 19 9.52 -11.84 -6.56
C ASP A 19 10.19 -11.85 -5.19
N GLY A 20 11.43 -11.42 -5.12
CA GLY A 20 12.15 -11.41 -3.83
C GLY A 20 11.93 -10.06 -3.13
N LYS A 21 10.70 -9.66 -2.97
CA LYS A 21 10.44 -8.37 -2.28
C LYS A 21 10.58 -8.58 -0.79
N ASN A 22 10.13 -7.65 0.00
CA ASN A 22 10.28 -7.82 1.47
C ASN A 22 9.49 -6.79 2.27
N ILE A 23 8.65 -5.98 1.68
CA ILE A 23 7.93 -5.01 2.55
C ILE A 23 6.54 -4.69 2.02
N CYS A 24 5.81 -3.99 2.83
CA CYS A 24 4.45 -3.56 2.46
C CYS A 24 4.54 -2.08 2.15
N VAL A 25 3.68 -1.56 1.33
CA VAL A 25 3.79 -0.11 1.01
C VAL A 25 2.42 0.46 0.65
N LYS A 26 2.26 1.75 0.79
CA LYS A 26 0.96 2.37 0.48
C LYS A 26 1.16 3.86 0.21
N ARG A 27 0.19 4.50 -0.36
CA ARG A 27 0.29 5.97 -0.64
C ARG A 27 -1.10 6.56 -0.48
N SER A 28 -1.19 7.80 -0.07
CA SER A 28 -2.54 8.41 0.09
C SER A 28 -2.47 9.89 -0.24
N TRP A 29 -3.16 10.29 -1.28
CA TRP A 29 -3.15 11.72 -1.67
C TRP A 29 -4.57 12.16 -1.97
N THR A 30 -4.81 13.43 -1.89
CA THR A 30 -6.16 13.93 -2.19
C THR A 30 -6.29 13.97 -3.71
N ALA A 31 -7.47 13.95 -4.23
CA ALA A 31 -7.59 13.95 -5.70
C ALA A 31 -9.05 13.92 -6.12
N VAL A 32 -9.33 13.32 -7.25
CA VAL A 32 -10.73 13.25 -7.72
C VAL A 32 -11.53 12.32 -6.80
N ARG A 33 -12.81 12.51 -6.75
CA ARG A 33 -13.66 11.64 -5.87
C ARG A 33 -14.99 11.38 -6.57
N GLY A 34 -15.09 11.70 -7.83
CA GLY A 34 -16.36 11.46 -8.56
C GLY A 34 -16.60 9.96 -8.69
N ASP A 35 -15.55 9.19 -8.60
CA ASP A 35 -15.70 7.71 -8.71
C ASP A 35 -15.00 7.03 -7.53
N GLY A 36 -14.68 7.78 -6.51
CA GLY A 36 -14.00 7.17 -5.34
C GLY A 36 -14.05 8.15 -4.16
N PRO A 37 -13.22 7.90 -3.17
CA PRO A 37 -13.15 8.73 -1.97
C PRO A 37 -12.35 10.01 -2.25
N LYS A 38 -11.97 10.73 -1.24
CA LYS A 38 -11.20 11.98 -1.46
C LYS A 38 -9.71 11.65 -1.60
N ARG A 39 -9.13 11.05 -0.61
CA ARG A 39 -7.67 10.72 -0.69
C ARG A 39 -7.49 9.37 -1.40
N GLU A 40 -7.13 9.39 -2.66
CA GLU A 40 -6.92 8.10 -3.38
C GLU A 40 -5.73 7.38 -2.75
N ILE A 41 -5.76 6.09 -2.66
CA ILE A 41 -4.61 5.37 -2.06
C ILE A 41 -4.18 4.21 -2.95
N ARG A 42 -3.12 3.55 -2.62
CA ARG A 42 -2.62 2.42 -3.43
C ARG A 42 -1.63 1.61 -2.59
N ARG A 43 -1.29 0.43 -3.01
CA ARG A 43 -0.34 -0.40 -2.21
C ARG A 43 0.63 -1.14 -3.14
N GLU A 44 1.59 -1.82 -2.58
CA GLU A 44 2.58 -2.57 -3.42
C GLU A 44 3.66 -3.18 -2.52
N CYS A 45 4.46 -4.08 -3.04
CA CYS A 45 5.53 -4.68 -2.19
C CYS A 45 6.90 -4.14 -2.63
N ALA A 46 7.74 -3.81 -1.70
CA ALA A 46 9.09 -3.27 -2.08
C ALA A 46 10.06 -3.40 -0.89
N ALA A 47 11.13 -2.65 -0.93
CA ALA A 47 12.11 -2.71 0.21
C ALA A 47 11.62 -1.77 1.30
N THR A 48 11.14 -0.62 0.93
CA THR A 48 10.61 0.36 1.92
C THR A 48 9.20 0.73 1.51
N CYS A 49 9.12 1.36 0.39
CA CYS A 49 7.81 1.84 -0.12
C CYS A 49 8.04 2.35 -1.55
N PRO A 50 7.04 2.93 -2.17
CA PRO A 50 7.20 3.46 -3.54
C PRO A 50 8.28 4.55 -3.57
N PRO A 51 8.57 5.05 -4.74
CA PRO A 51 9.62 6.08 -4.91
C PRO A 51 9.24 7.40 -4.26
N SER A 52 8.09 7.49 -3.68
CA SER A 52 7.70 8.75 -3.01
C SER A 52 8.71 9.07 -1.91
N LYS A 53 8.56 10.17 -1.25
CA LYS A 53 9.50 10.52 -0.16
C LYS A 53 8.67 10.74 1.10
N LEU A 54 7.61 11.48 0.95
CA LEU A 54 6.69 11.73 2.09
C LEU A 54 5.76 12.91 1.76
N GLY A 55 6.03 13.65 0.72
CA GLY A 55 5.09 14.75 0.37
C GLY A 55 3.74 14.08 0.23
N LEU A 56 3.78 12.84 -0.18
CA LEU A 56 2.56 12.02 -0.29
C LEU A 56 2.54 11.16 0.97
N THR A 57 1.49 10.45 1.26
CA THR A 57 1.51 9.63 2.51
C THR A 57 1.97 8.20 2.21
N VAL A 58 3.24 7.92 2.38
CA VAL A 58 3.70 6.52 2.14
C VAL A 58 3.42 5.70 3.39
N PHE A 59 3.21 4.44 3.25
CA PHE A 59 2.96 3.58 4.44
C PHE A 59 3.53 2.19 4.16
N CYS A 60 4.52 1.80 4.91
CA CYS A 60 5.14 0.47 4.67
C CYS A 60 4.94 -0.42 5.89
N CYS A 61 5.47 -1.62 5.87
CA CYS A 61 5.29 -2.52 7.05
C CYS A 61 6.07 -3.82 6.84
N THR A 62 6.32 -4.56 7.89
CA THR A 62 7.08 -5.83 7.77
C THR A 62 6.58 -6.85 8.81
N THR A 63 5.32 -7.16 8.81
CA THR A 63 4.80 -8.14 9.81
C THR A 63 4.05 -9.26 9.09
N ASP A 64 3.25 -8.91 8.11
CA ASP A 64 2.48 -9.93 7.33
C ASP A 64 1.20 -9.26 6.79
N ASN A 65 0.99 -9.31 5.50
CA ASN A 65 -0.24 -8.69 4.92
C ASN A 65 -0.59 -7.42 5.71
N CYS A 66 0.36 -6.55 5.93
CA CYS A 66 0.08 -5.30 6.71
C CYS A 66 -0.93 -4.44 5.95
N ASN A 67 -0.49 -3.40 5.28
CA ASN A 67 -1.43 -2.53 4.55
C ASN A 67 -1.83 -3.19 3.22
N HIS A 68 -2.93 -3.88 3.22
CA HIS A 68 -3.38 -4.56 1.98
C HIS A 68 -3.58 -3.53 0.87
N MET A 1 8.51 -11.69 0.46
CA MET A 1 7.89 -11.73 1.81
C MET A 1 6.37 -11.77 1.69
N GLN A 2 5.70 -11.63 2.78
CA GLN A 2 4.23 -11.63 2.74
C GLN A 2 3.75 -10.29 3.30
N CYS A 3 3.24 -9.44 2.47
CA CYS A 3 2.75 -8.13 2.97
C CYS A 3 1.30 -7.93 2.52
N LYS A 4 0.62 -6.97 3.07
CA LYS A 4 -0.79 -6.73 2.65
C LYS A 4 -0.85 -5.48 1.76
N THR A 5 -0.57 -5.62 0.50
CA THR A 5 -0.59 -4.43 -0.41
C THR A 5 -1.52 -4.71 -1.60
N CYS A 6 -2.73 -5.10 -1.35
CA CYS A 6 -3.68 -5.38 -2.47
C CYS A 6 -3.83 -4.11 -3.33
N SER A 7 -4.98 -3.47 -3.31
CA SER A 7 -5.15 -2.24 -4.13
C SER A 7 -6.32 -1.43 -3.58
N PHE A 8 -7.37 -2.09 -3.17
CA PHE A 8 -8.54 -1.35 -2.62
C PHE A 8 -8.08 -0.49 -1.43
N TYR A 9 -9.00 0.10 -0.72
CA TYR A 9 -8.61 0.94 0.44
C TYR A 9 -8.22 0.02 1.61
N THR A 10 -8.81 -1.13 1.68
CA THR A 10 -8.48 -2.06 2.79
C THR A 10 -8.73 -3.51 2.33
N CYS A 11 -8.04 -4.45 2.92
CA CYS A 11 -8.24 -5.88 2.52
C CYS A 11 -8.18 -6.77 3.76
N PRO A 12 -9.27 -7.44 4.04
CA PRO A 12 -9.37 -8.33 5.21
C PRO A 12 -8.63 -9.64 4.92
N ASN A 13 -8.46 -9.96 3.66
CA ASN A 13 -7.74 -11.22 3.31
C ASN A 13 -6.24 -11.01 3.52
N SER A 14 -5.42 -11.58 2.67
CA SER A 14 -3.95 -11.41 2.85
C SER A 14 -3.27 -11.47 1.48
N GLU A 15 -1.98 -11.23 1.44
CA GLU A 15 -1.26 -11.27 0.13
C GLU A 15 0.22 -11.58 0.36
N THR A 16 0.60 -12.81 0.29
CA THR A 16 2.03 -13.17 0.51
C THR A 16 2.85 -12.79 -0.73
N CYS A 17 3.51 -11.66 -0.71
CA CYS A 17 4.33 -11.26 -1.89
C CYS A 17 5.20 -12.47 -2.28
N PRO A 18 5.70 -12.44 -3.49
CA PRO A 18 6.53 -13.52 -4.02
C PRO A 18 7.93 -13.53 -3.38
N ASP A 19 8.78 -14.41 -3.80
CA ASP A 19 10.15 -14.48 -3.21
C ASP A 19 11.08 -13.48 -3.89
N GLY A 20 10.58 -12.32 -4.19
CA GLY A 20 11.43 -11.28 -4.85
C GLY A 20 11.27 -9.98 -4.07
N LYS A 21 10.08 -9.69 -3.64
CA LYS A 21 9.84 -8.44 -2.88
C LYS A 21 10.19 -8.67 -1.41
N ASN A 22 9.83 -7.76 -0.57
CA ASN A 22 10.15 -7.93 0.88
C ASN A 22 9.43 -6.92 1.76
N ILE A 23 8.46 -6.20 1.26
CA ILE A 23 7.79 -5.20 2.15
C ILE A 23 6.44 -4.77 1.60
N CYS A 24 5.70 -4.05 2.40
CA CYS A 24 4.41 -3.49 1.97
C CYS A 24 4.60 -1.98 1.81
N VAL A 25 3.90 -1.37 0.90
CA VAL A 25 4.03 0.10 0.74
C VAL A 25 2.76 0.65 0.07
N LYS A 26 1.97 1.36 0.82
CA LYS A 26 0.70 1.92 0.24
C LYS A 26 0.80 3.45 0.16
N ARG A 27 0.27 4.01 -0.89
CA ARG A 27 0.30 5.49 -1.06
C ARG A 27 -1.13 6.01 -1.02
N SER A 28 -1.35 7.17 -0.45
CA SER A 28 -2.74 7.71 -0.39
C SER A 28 -2.72 9.18 -0.75
N TRP A 29 -3.82 9.72 -1.19
CA TRP A 29 -3.83 11.15 -1.56
C TRP A 29 -5.22 11.72 -1.52
N THR A 30 -5.32 12.96 -1.18
CA THR A 30 -6.63 13.62 -1.14
C THR A 30 -7.01 13.99 -2.56
N ALA A 31 -8.27 13.94 -2.89
CA ALA A 31 -8.65 14.27 -4.29
C ALA A 31 -10.16 14.16 -4.46
N VAL A 32 -10.74 14.97 -5.31
CA VAL A 32 -12.21 14.91 -5.53
C VAL A 32 -12.52 15.31 -6.96
N ARG A 33 -12.98 14.39 -7.77
CA ARG A 33 -13.29 14.73 -9.18
C ARG A 33 -14.80 14.63 -9.41
N GLY A 34 -15.35 13.45 -9.40
CA GLY A 34 -16.81 13.29 -9.61
C GLY A 34 -17.31 12.09 -8.82
N ASP A 35 -16.57 11.02 -8.81
CA ASP A 35 -17.03 9.81 -8.05
C ASP A 35 -15.90 9.33 -7.15
N GLY A 36 -14.78 10.00 -7.16
CA GLY A 36 -13.64 9.58 -6.29
C GLY A 36 -13.85 10.13 -4.87
N PRO A 37 -13.39 9.37 -3.91
CA PRO A 37 -13.49 9.75 -2.49
C PRO A 37 -12.43 10.80 -2.14
N LYS A 38 -12.15 10.97 -0.88
CA LYS A 38 -11.13 12.00 -0.48
C LYS A 38 -9.73 11.40 -0.58
N ARG A 39 -9.38 10.52 0.31
CA ARG A 39 -8.03 9.91 0.28
C ARG A 39 -8.06 8.58 -0.48
N GLU A 40 -7.71 8.61 -1.73
CA GLU A 40 -7.68 7.35 -2.54
C GLU A 40 -6.26 6.78 -2.48
N ILE A 41 -6.09 5.62 -1.93
CA ILE A 41 -4.71 5.06 -1.84
C ILE A 41 -4.61 3.75 -2.64
N ARG A 42 -3.42 3.44 -3.08
CA ARG A 42 -3.17 2.18 -3.82
C ARG A 42 -2.10 1.43 -3.03
N ARG A 43 -1.78 0.22 -3.38
CA ARG A 43 -0.74 -0.49 -2.59
C ARG A 43 -0.09 -1.60 -3.41
N GLU A 44 1.21 -1.64 -3.38
CA GLU A 44 1.97 -2.68 -4.12
C GLU A 44 3.03 -3.23 -3.17
N CYS A 45 3.72 -4.26 -3.55
CA CYS A 45 4.76 -4.82 -2.65
C CYS A 45 6.13 -4.30 -3.08
N ALA A 46 6.94 -3.90 -2.14
CA ALA A 46 8.29 -3.39 -2.47
C ALA A 46 9.27 -3.78 -1.36
N ALA A 47 10.43 -3.21 -1.35
CA ALA A 47 11.42 -3.54 -0.29
C ALA A 47 11.94 -2.25 0.31
N THR A 48 11.07 -1.30 0.47
CA THR A 48 11.50 0.02 1.03
C THR A 48 10.53 0.52 2.08
N CYS A 49 10.60 1.79 2.33
CA CYS A 49 9.71 2.48 3.30
C CYS A 49 9.90 3.97 3.06
N PRO A 50 9.41 4.42 1.94
CA PRO A 50 9.55 5.83 1.53
C PRO A 50 8.61 6.74 2.32
N PRO A 51 9.10 7.92 2.65
CA PRO A 51 8.31 8.92 3.38
C PRO A 51 7.44 9.65 2.38
N SER A 52 8.02 10.05 1.27
CA SER A 52 7.26 10.76 0.23
C SER A 52 7.99 10.61 -1.11
N LYS A 53 7.28 10.69 -2.20
CA LYS A 53 7.94 10.54 -3.53
C LYS A 53 7.46 11.65 -4.45
N LEU A 54 6.28 11.52 -4.97
CA LEU A 54 5.72 12.57 -5.88
C LEU A 54 4.93 13.53 -5.01
N GLY A 55 4.02 13.00 -4.25
CA GLY A 55 3.17 13.81 -3.36
C GLY A 55 2.22 12.85 -2.65
N LEU A 56 2.71 11.69 -2.34
CA LEU A 56 1.85 10.67 -1.67
C LEU A 56 2.40 10.30 -0.30
N THR A 57 1.57 9.67 0.49
CA THR A 57 2.01 9.24 1.84
C THR A 57 2.22 7.72 1.80
N VAL A 58 3.41 7.26 2.08
CA VAL A 58 3.66 5.80 2.05
C VAL A 58 3.47 5.21 3.44
N PHE A 59 3.21 3.94 3.48
CA PHE A 59 3.03 3.24 4.77
C PHE A 59 3.46 1.79 4.55
N CYS A 60 4.62 1.44 5.01
CA CYS A 60 5.10 0.05 4.78
C CYS A 60 5.02 -0.78 6.04
N CYS A 61 5.33 -2.04 5.92
CA CYS A 61 5.31 -2.95 7.10
C CYS A 61 6.22 -4.15 6.82
N THR A 62 6.70 -4.80 7.84
CA THR A 62 7.58 -5.97 7.62
C THR A 62 7.08 -7.15 8.44
N THR A 63 5.96 -7.71 8.05
CA THR A 63 5.41 -8.88 8.80
C THR A 63 4.44 -9.63 7.90
N ASP A 64 4.25 -10.90 8.14
CA ASP A 64 3.30 -11.69 7.29
C ASP A 64 2.03 -10.87 7.09
N ASN A 65 1.65 -10.64 5.86
CA ASN A 65 0.41 -9.84 5.57
C ASN A 65 0.26 -8.73 6.62
N CYS A 66 0.73 -7.54 6.33
CA CYS A 66 0.61 -6.43 7.32
C CYS A 66 0.50 -5.09 6.59
N ASN A 67 -0.70 -4.65 6.31
CA ASN A 67 -0.87 -3.33 5.63
C ASN A 67 -2.28 -3.24 5.03
N HIS A 68 -3.26 -3.77 5.71
CA HIS A 68 -4.65 -3.71 5.18
C HIS A 68 -5.21 -2.31 5.38
N MET A 1 8.65 -10.91 0.43
CA MET A 1 8.08 -11.03 1.80
C MET A 1 6.62 -11.41 1.72
N GLN A 2 5.94 -11.28 2.81
CA GLN A 2 4.51 -11.58 2.83
C GLN A 2 3.79 -10.27 3.13
N CYS A 3 3.28 -9.62 2.12
CA CYS A 3 2.59 -8.31 2.36
C CYS A 3 1.39 -8.20 1.43
N LYS A 4 0.22 -7.96 1.98
CA LYS A 4 -1.00 -7.86 1.14
C LYS A 4 -0.81 -6.79 0.06
N THR A 5 -1.67 -6.76 -0.93
CA THR A 5 -1.52 -5.74 -2.02
C THR A 5 -2.86 -5.58 -2.76
N CYS A 6 -3.92 -5.29 -2.05
CA CYS A 6 -5.23 -5.10 -2.73
C CYS A 6 -5.96 -3.91 -2.10
N SER A 7 -7.25 -3.98 -1.95
CA SER A 7 -7.99 -2.84 -1.34
C SER A 7 -7.90 -2.97 0.17
N PHE A 8 -6.75 -2.69 0.72
CA PHE A 8 -6.53 -2.82 2.19
C PHE A 8 -7.63 -2.10 2.99
N TYR A 9 -8.13 -0.99 2.50
CA TYR A 9 -9.19 -0.28 3.27
C TYR A 9 -10.40 -1.21 3.48
N THR A 10 -10.32 -2.39 2.94
CA THR A 10 -11.40 -3.38 3.05
C THR A 10 -10.83 -4.72 2.61
N CYS A 11 -9.55 -4.93 2.80
CA CYS A 11 -8.93 -6.21 2.35
C CYS A 11 -8.51 -7.07 3.55
N PRO A 12 -9.40 -7.91 3.99
CA PRO A 12 -9.15 -8.82 5.13
C PRO A 12 -8.35 -10.04 4.65
N ASN A 13 -8.23 -10.20 3.36
CA ASN A 13 -7.48 -11.38 2.82
C ASN A 13 -5.98 -11.22 3.08
N SER A 14 -5.16 -11.92 2.35
CA SER A 14 -3.68 -11.81 2.54
C SER A 14 -2.97 -12.08 1.22
N GLU A 15 -1.81 -11.49 1.03
CA GLU A 15 -1.06 -11.72 -0.25
C GLU A 15 0.44 -11.71 0.03
N THR A 16 1.08 -12.82 -0.19
CA THR A 16 2.55 -12.88 0.07
C THR A 16 3.34 -12.44 -1.17
N CYS A 17 4.14 -11.42 -1.04
CA CYS A 17 4.96 -10.96 -2.20
C CYS A 17 5.83 -12.13 -2.68
N PRO A 18 6.36 -12.00 -3.87
CA PRO A 18 7.20 -13.04 -4.47
C PRO A 18 8.59 -13.08 -3.81
N ASP A 19 9.48 -13.88 -4.33
CA ASP A 19 10.84 -13.96 -3.74
C ASP A 19 11.73 -12.84 -4.27
N GLY A 20 11.40 -11.63 -3.97
CA GLY A 20 12.21 -10.48 -4.45
C GLY A 20 11.91 -9.25 -3.59
N LYS A 21 10.66 -9.03 -3.28
CA LYS A 21 10.29 -7.86 -2.46
C LYS A 21 10.57 -8.12 -0.99
N ASN A 22 10.17 -7.22 -0.15
CA ASN A 22 10.43 -7.41 1.29
C ASN A 22 9.49 -6.62 2.18
N ILE A 23 8.46 -6.02 1.66
CA ILE A 23 7.59 -5.25 2.59
C ILE A 23 6.21 -4.99 2.00
N CYS A 24 5.38 -4.42 2.82
CA CYS A 24 4.01 -4.04 2.41
C CYS A 24 4.04 -2.52 2.26
N VAL A 25 3.40 -1.96 1.28
CA VAL A 25 3.48 -0.47 1.16
C VAL A 25 2.17 0.09 0.62
N LYS A 26 1.90 1.32 0.96
CA LYS A 26 0.65 1.97 0.48
C LYS A 26 0.90 3.45 0.22
N ARG A 27 0.13 4.02 -0.65
CA ARG A 27 0.25 5.46 -0.99
C ARG A 27 -1.10 6.10 -0.72
N SER A 28 -1.14 7.18 -0.01
CA SER A 28 -2.45 7.82 0.27
C SER A 28 -2.35 9.31 -0.03
N TRP A 29 -2.94 9.75 -1.09
CA TRP A 29 -2.85 11.18 -1.44
C TRP A 29 -4.25 11.74 -1.66
N THR A 30 -4.36 13.04 -1.70
CA THR A 30 -5.69 13.67 -1.87
C THR A 30 -5.99 13.94 -3.34
N ALA A 31 -5.49 13.15 -4.22
CA ALA A 31 -5.76 13.37 -5.67
C ALA A 31 -7.26 13.33 -5.92
N VAL A 32 -7.86 14.46 -6.17
CA VAL A 32 -9.34 14.48 -6.42
C VAL A 32 -9.61 13.98 -7.85
N ARG A 33 -10.69 13.27 -8.04
CA ARG A 33 -11.01 12.76 -9.40
C ARG A 33 -12.51 12.91 -9.67
N GLY A 34 -13.29 11.91 -9.34
CA GLY A 34 -14.75 12.00 -9.59
C GLY A 34 -15.52 11.07 -8.65
N ASP A 35 -14.92 9.98 -8.23
CA ASP A 35 -15.65 9.05 -7.32
C ASP A 35 -15.62 9.59 -5.89
N GLY A 36 -14.58 10.27 -5.51
CA GLY A 36 -14.51 10.81 -4.13
C GLY A 36 -13.33 11.79 -4.00
N PRO A 37 -13.63 13.02 -3.64
CA PRO A 37 -12.61 14.07 -3.47
C PRO A 37 -11.94 13.96 -2.10
N LYS A 38 -11.52 12.77 -1.74
CA LYS A 38 -10.86 12.62 -0.40
C LYS A 38 -9.38 12.24 -0.61
N ARG A 39 -9.09 10.99 -0.87
CA ARG A 39 -7.68 10.59 -1.07
C ARG A 39 -7.61 9.26 -1.83
N GLU A 40 -6.87 9.22 -2.89
CA GLU A 40 -6.75 7.96 -3.67
C GLU A 40 -5.60 7.14 -3.06
N ILE A 41 -5.72 5.85 -3.01
CA ILE A 41 -4.60 5.06 -2.42
C ILE A 41 -4.23 3.91 -3.34
N ARG A 42 -3.16 3.23 -3.01
CA ARG A 42 -2.69 2.10 -3.85
C ARG A 42 -1.67 1.29 -3.04
N ARG A 43 -1.41 0.07 -3.40
CA ARG A 43 -0.44 -0.74 -2.61
C ARG A 43 0.63 -1.36 -3.52
N GLU A 44 1.54 -2.10 -2.94
CA GLU A 44 2.62 -2.75 -3.73
C GLU A 44 3.68 -3.33 -2.78
N CYS A 45 4.45 -4.28 -3.25
CA CYS A 45 5.50 -4.87 -2.36
C CYS A 45 6.83 -4.16 -2.64
N ALA A 46 7.59 -3.86 -1.62
CA ALA A 46 8.90 -3.16 -1.84
C ALA A 46 9.79 -3.34 -0.61
N ALA A 47 10.92 -2.68 -0.58
CA ALA A 47 11.83 -2.79 0.59
C ALA A 47 11.23 -1.96 1.74
N THR A 48 11.24 -0.67 1.60
CA THR A 48 10.62 0.19 2.66
C THR A 48 9.25 0.59 2.16
N CYS A 49 9.24 1.32 1.08
CA CYS A 49 7.97 1.80 0.49
C CYS A 49 8.30 2.55 -0.80
N PRO A 50 7.29 2.95 -1.52
CA PRO A 50 7.48 3.70 -2.78
C PRO A 50 7.93 5.13 -2.46
N PRO A 51 8.31 5.84 -3.49
CA PRO A 51 8.79 7.23 -3.36
C PRO A 51 7.60 8.17 -3.18
N SER A 52 7.61 8.99 -2.18
CA SER A 52 6.47 9.91 -1.98
C SER A 52 6.95 11.35 -2.01
N LYS A 53 6.10 12.25 -2.41
CA LYS A 53 6.47 13.69 -2.47
C LYS A 53 5.21 14.51 -2.68
N LEU A 54 4.82 14.71 -3.93
CA LEU A 54 3.58 15.48 -4.28
C LEU A 54 2.83 15.87 -3.02
N GLY A 55 2.28 14.90 -2.39
CA GLY A 55 1.53 15.12 -1.14
C GLY A 55 1.03 13.75 -0.71
N LEU A 56 1.87 12.76 -0.90
CA LEU A 56 1.49 11.37 -0.58
C LEU A 56 2.01 10.97 0.81
N THR A 57 1.38 9.99 1.40
CA THR A 57 1.83 9.53 2.74
C THR A 57 2.27 8.07 2.60
N VAL A 58 3.48 7.75 2.95
CA VAL A 58 3.93 6.35 2.79
C VAL A 58 3.64 5.55 4.04
N PHE A 59 3.34 4.30 3.85
CA PHE A 59 3.09 3.40 5.00
C PHE A 59 3.67 2.04 4.64
N CYS A 60 4.33 1.39 5.54
CA CYS A 60 4.91 0.08 5.19
C CYS A 60 4.67 -0.91 6.33
N CYS A 61 5.10 -2.12 6.15
CA CYS A 61 4.89 -3.15 7.22
C CYS A 61 5.95 -4.25 7.07
N THR A 62 6.71 -4.50 8.09
CA THR A 62 7.75 -5.56 8.00
C THR A 62 7.24 -6.84 8.66
N THR A 63 6.20 -7.42 8.13
CA THR A 63 5.65 -8.67 8.72
C THR A 63 4.97 -9.51 7.64
N ASP A 64 4.00 -10.28 8.02
CA ASP A 64 3.27 -11.11 7.01
C ASP A 64 1.97 -10.42 6.65
N ASN A 65 1.58 -10.48 5.40
CA ASN A 65 0.32 -9.82 4.92
C ASN A 65 -0.14 -8.74 5.90
N CYS A 66 0.55 -7.64 5.95
CA CYS A 66 0.15 -6.56 6.91
C CYS A 66 -0.96 -5.71 6.29
N ASN A 67 -0.68 -4.44 5.99
CA ASN A 67 -1.72 -3.53 5.39
C ASN A 67 -3.12 -4.14 5.49
N HIS A 68 -3.49 -4.97 4.55
CA HIS A 68 -4.82 -5.65 4.60
C HIS A 68 -4.97 -6.53 3.36
N MET A 1 8.98 -12.32 4.30
CA MET A 1 8.06 -11.17 4.58
C MET A 1 6.63 -11.53 4.16
N GLN A 2 5.69 -10.74 4.56
CA GLN A 2 4.28 -11.00 4.20
C GLN A 2 3.53 -9.68 4.22
N CYS A 3 3.09 -9.24 3.09
CA CYS A 3 2.36 -7.93 3.04
C CYS A 3 1.30 -7.97 1.94
N LYS A 4 0.05 -8.05 2.32
CA LYS A 4 -1.04 -8.07 1.31
C LYS A 4 -0.87 -6.88 0.36
N THR A 5 -1.30 -7.02 -0.87
CA THR A 5 -1.15 -5.88 -1.82
C THR A 5 -2.29 -5.90 -2.86
N CYS A 6 -3.41 -5.35 -2.51
CA CYS A 6 -4.55 -5.32 -3.47
C CYS A 6 -4.88 -3.87 -3.83
N SER A 7 -6.01 -3.62 -4.42
CA SER A 7 -6.37 -2.22 -4.78
C SER A 7 -7.32 -1.64 -3.73
N PHE A 8 -7.99 -2.49 -2.98
CA PHE A 8 -8.92 -1.98 -1.95
C PHE A 8 -8.13 -1.65 -0.68
N TYR A 9 -8.68 -0.84 0.18
CA TYR A 9 -7.97 -0.48 1.44
C TYR A 9 -7.69 -1.76 2.25
N THR A 10 -8.52 -2.74 2.13
CA THR A 10 -8.32 -4.01 2.88
C THR A 10 -8.31 -5.19 1.91
N CYS A 11 -7.52 -6.18 2.17
CA CYS A 11 -7.47 -7.35 1.26
C CYS A 11 -6.89 -8.56 1.98
N PRO A 12 -7.75 -9.41 2.46
CA PRO A 12 -7.35 -10.62 3.18
C PRO A 12 -6.89 -11.69 2.18
N ASN A 13 -7.22 -11.51 0.93
CA ASN A 13 -6.81 -12.50 -0.10
C ASN A 13 -5.28 -12.53 -0.18
N SER A 14 -4.67 -11.43 -0.53
CA SER A 14 -3.18 -11.42 -0.62
C SER A 14 -2.59 -11.58 0.78
N GLU A 15 -1.35 -11.97 0.88
CA GLU A 15 -0.74 -12.15 2.22
C GLU A 15 0.79 -12.14 2.08
N THR A 16 1.39 -13.30 1.99
CA THR A 16 2.87 -13.36 1.86
C THR A 16 3.33 -12.64 0.60
N CYS A 17 4.43 -11.94 0.68
CA CYS A 17 4.96 -11.22 -0.52
C CYS A 17 5.64 -12.24 -1.43
N PRO A 18 5.91 -11.85 -2.64
CA PRO A 18 6.54 -12.74 -3.63
C PRO A 18 8.01 -12.99 -3.28
N ASP A 19 8.68 -13.83 -4.03
CA ASP A 19 10.11 -14.13 -3.74
C ASP A 19 11.02 -13.09 -4.38
N GLY A 20 10.76 -11.85 -4.12
CA GLY A 20 11.61 -10.77 -4.70
C GLY A 20 11.43 -9.49 -3.90
N LYS A 21 10.23 -9.21 -3.49
CA LYS A 21 9.98 -7.97 -2.70
C LYS A 21 10.37 -8.20 -1.26
N ASN A 22 9.96 -7.33 -0.39
CA ASN A 22 10.35 -7.53 1.04
C ASN A 22 9.55 -6.69 2.04
N ILE A 23 8.46 -6.08 1.67
CA ILE A 23 7.74 -5.28 2.71
C ILE A 23 6.29 -5.00 2.34
N CYS A 24 5.62 -4.34 3.23
CA CYS A 24 4.21 -3.94 3.00
C CYS A 24 4.23 -2.45 2.66
N VAL A 25 3.52 -2.03 1.65
CA VAL A 25 3.56 -0.59 1.30
C VAL A 25 2.20 -0.12 0.80
N LYS A 26 1.91 1.15 0.90
CA LYS A 26 0.59 1.64 0.42
C LYS A 26 0.63 3.16 0.17
N ARG A 27 0.31 3.57 -1.03
CA ARG A 27 0.28 5.03 -1.36
C ARG A 27 -1.08 5.59 -0.92
N SER A 28 -1.19 6.87 -0.68
CA SER A 28 -2.51 7.40 -0.24
C SER A 28 -2.64 8.89 -0.57
N TRP A 29 -3.56 9.21 -1.47
CA TRP A 29 -3.78 10.63 -1.86
C TRP A 29 -5.28 10.87 -1.98
N THR A 30 -5.68 12.10 -2.16
CA THR A 30 -7.12 12.43 -2.27
C THR A 30 -7.37 13.18 -3.58
N ALA A 31 -6.60 12.88 -4.57
CA ALA A 31 -6.73 13.55 -5.88
C ALA A 31 -8.15 13.37 -6.41
N VAL A 32 -8.89 12.44 -5.86
CA VAL A 32 -10.29 12.23 -6.33
C VAL A 32 -11.20 13.25 -5.65
N ARG A 33 -11.54 14.32 -6.32
CA ARG A 33 -12.42 15.34 -5.70
C ARG A 33 -13.42 15.85 -6.73
N GLY A 34 -13.58 15.15 -7.82
CA GLY A 34 -14.54 15.60 -8.87
C GLY A 34 -15.97 15.49 -8.32
N ASP A 35 -16.27 14.40 -7.65
CA ASP A 35 -17.64 14.23 -7.08
C ASP A 35 -17.55 14.24 -5.56
N GLY A 36 -16.41 13.90 -5.02
CA GLY A 36 -16.27 13.88 -3.54
C GLY A 36 -14.78 13.77 -3.18
N PRO A 37 -14.44 14.27 -2.01
CA PRO A 37 -13.06 14.25 -1.50
C PRO A 37 -12.71 12.87 -0.95
N LYS A 38 -12.31 11.95 -1.80
CA LYS A 38 -11.96 10.59 -1.31
C LYS A 38 -10.45 10.40 -1.36
N ARG A 39 -9.96 9.28 -0.91
CA ARG A 39 -8.49 9.03 -0.94
C ARG A 39 -8.20 7.76 -1.72
N GLU A 40 -7.73 7.90 -2.93
CA GLU A 40 -7.40 6.67 -3.71
C GLU A 40 -6.03 6.18 -3.26
N ILE A 41 -5.98 5.08 -2.56
CA ILE A 41 -4.66 4.58 -2.08
C ILE A 41 -4.18 3.46 -2.99
N ARG A 42 -3.22 2.71 -2.53
CA ARG A 42 -2.67 1.60 -3.35
C ARG A 42 -1.71 0.80 -2.48
N ARG A 43 -1.18 -0.30 -2.95
CA ARG A 43 -0.24 -1.08 -2.09
C ARG A 43 0.62 -2.02 -2.94
N GLU A 44 1.58 -2.67 -2.33
CA GLU A 44 2.48 -3.58 -3.09
C GLU A 44 3.64 -4.00 -2.19
N CYS A 45 4.41 -4.98 -2.61
CA CYS A 45 5.57 -5.42 -1.78
C CYS A 45 6.83 -4.69 -2.26
N ALA A 46 7.68 -4.28 -1.35
CA ALA A 46 8.93 -3.56 -1.77
C ALA A 46 9.96 -3.59 -0.64
N ALA A 47 10.99 -2.79 -0.74
CA ALA A 47 12.02 -2.75 0.33
C ALA A 47 11.43 -1.93 1.47
N THR A 48 11.26 -0.65 1.26
CA THR A 48 10.63 0.21 2.31
C THR A 48 9.22 0.49 1.84
N CYS A 49 9.12 1.10 0.70
CA CYS A 49 7.79 1.43 0.09
C CYS A 49 8.05 2.14 -1.24
N PRO A 50 7.00 2.32 -2.00
CA PRO A 50 7.09 2.99 -3.31
C PRO A 50 7.30 4.49 -3.12
N PRO A 51 7.49 5.19 -4.22
CA PRO A 51 7.72 6.64 -4.18
C PRO A 51 6.41 7.35 -3.89
N SER A 52 6.08 7.48 -2.64
CA SER A 52 4.81 8.16 -2.28
C SER A 52 5.09 9.55 -1.68
N LYS A 53 6.16 9.68 -0.93
CA LYS A 53 6.47 10.99 -0.31
C LYS A 53 6.82 12.04 -1.37
N LEU A 54 7.00 11.66 -2.61
CA LEU A 54 7.34 12.68 -3.65
C LEU A 54 6.43 13.89 -3.40
N GLY A 55 5.26 13.60 -2.93
CA GLY A 55 4.27 14.65 -2.61
C GLY A 55 3.00 13.94 -2.15
N LEU A 56 3.17 12.84 -1.45
CA LEU A 56 1.98 12.07 -1.00
C LEU A 56 2.25 11.40 0.35
N THR A 57 1.50 10.38 0.69
CA THR A 57 1.73 9.70 2.00
C THR A 57 2.07 8.22 1.76
N VAL A 58 3.15 7.74 2.32
CA VAL A 58 3.50 6.30 2.15
C VAL A 58 3.11 5.55 3.42
N PHE A 59 2.62 4.36 3.27
CA PHE A 59 2.29 3.56 4.46
C PHE A 59 3.01 2.21 4.33
N CYS A 60 4.21 2.15 4.81
CA CYS A 60 4.98 0.87 4.70
C CYS A 60 5.03 0.21 6.07
N CYS A 61 5.46 -1.02 6.14
CA CYS A 61 5.50 -1.71 7.46
C CYS A 61 6.43 -2.93 7.37
N THR A 62 7.02 -3.32 8.47
CA THR A 62 7.94 -4.49 8.44
C THR A 62 7.34 -5.64 9.25
N THR A 63 6.28 -6.23 8.77
CA THR A 63 5.66 -7.37 9.52
C THR A 63 4.64 -8.08 8.63
N ASP A 64 4.04 -9.12 9.12
CA ASP A 64 3.03 -9.87 8.31
C ASP A 64 1.84 -8.97 8.01
N ASN A 65 1.27 -9.11 6.83
CA ASN A 65 0.08 -8.28 6.41
C ASN A 65 -0.11 -7.06 7.32
N CYS A 66 0.78 -6.11 7.26
CA CYS A 66 0.64 -4.91 8.13
C CYS A 66 -0.46 -4.00 7.56
N ASN A 67 -0.49 -3.83 6.27
CA ASN A 67 -1.54 -2.96 5.66
C ASN A 67 -2.74 -3.81 5.25
N HIS A 68 -3.32 -4.51 6.19
CA HIS A 68 -4.50 -5.36 5.86
C HIS A 68 -5.64 -4.48 5.36
N MET A 1 8.74 -11.16 1.24
CA MET A 1 7.93 -11.04 2.50
C MET A 1 6.45 -11.21 2.17
N GLN A 2 5.61 -11.01 3.13
CA GLN A 2 4.16 -11.12 2.88
C GLN A 2 3.54 -9.73 3.12
N CYS A 3 3.10 -9.08 2.08
CA CYS A 3 2.52 -7.73 2.28
C CYS A 3 1.30 -7.54 1.35
N LYS A 4 0.19 -7.16 1.91
CA LYS A 4 -1.04 -6.96 1.07
C LYS A 4 -0.78 -5.91 0.00
N THR A 5 -1.50 -5.98 -1.09
CA THR A 5 -1.31 -4.99 -2.19
C THR A 5 -2.53 -4.98 -3.09
N CYS A 6 -3.69 -5.25 -2.54
CA CYS A 6 -4.93 -5.26 -3.37
C CYS A 6 -5.30 -3.82 -3.72
N SER A 7 -6.57 -3.54 -3.92
CA SER A 7 -6.98 -2.15 -4.27
C SER A 7 -8.00 -1.64 -3.24
N PHE A 8 -8.75 -2.53 -2.65
CA PHE A 8 -9.76 -2.11 -1.65
C PHE A 8 -9.08 -1.57 -0.39
N TYR A 9 -9.80 -0.88 0.43
CA TYR A 9 -9.19 -0.33 1.69
C TYR A 9 -9.53 -1.27 2.84
N THR A 10 -9.60 -2.54 2.57
CA THR A 10 -9.93 -3.51 3.64
C THR A 10 -9.95 -4.92 3.05
N CYS A 11 -8.82 -5.40 2.63
CA CYS A 11 -8.78 -6.77 2.04
C CYS A 11 -8.48 -7.80 3.13
N PRO A 12 -9.46 -8.61 3.44
CA PRO A 12 -9.31 -9.65 4.46
C PRO A 12 -8.49 -10.80 3.90
N ASN A 13 -8.41 -10.90 2.61
CA ASN A 13 -7.61 -11.99 1.98
C ASN A 13 -6.15 -11.83 2.40
N SER A 14 -5.22 -12.05 1.51
CA SER A 14 -3.78 -11.90 1.88
C SER A 14 -2.91 -12.00 0.63
N GLU A 15 -1.94 -11.15 0.50
CA GLU A 15 -1.06 -11.21 -0.70
C GLU A 15 0.41 -11.33 -0.26
N THR A 16 0.85 -12.53 -0.02
CA THR A 16 2.27 -12.73 0.40
C THR A 16 3.21 -12.43 -0.77
N CYS A 17 3.96 -11.36 -0.68
CA CYS A 17 4.91 -11.03 -1.80
C CYS A 17 5.75 -12.26 -2.14
N PRO A 18 6.33 -12.23 -3.30
CA PRO A 18 7.17 -13.35 -3.79
C PRO A 18 8.53 -13.36 -3.06
N ASP A 19 9.43 -14.21 -3.48
CA ASP A 19 10.76 -14.28 -2.81
C ASP A 19 11.70 -13.24 -3.41
N GLY A 20 11.26 -12.02 -3.51
CA GLY A 20 12.14 -10.96 -4.08
C GLY A 20 11.89 -9.65 -3.35
N LYS A 21 10.66 -9.31 -3.09
CA LYS A 21 10.37 -8.04 -2.38
C LYS A 21 10.60 -8.23 -0.89
N ASN A 22 10.18 -7.29 -0.10
CA ASN A 22 10.42 -7.43 1.36
C ASN A 22 9.53 -6.50 2.19
N ILE A 23 8.64 -5.74 1.62
CA ILE A 23 7.84 -4.87 2.50
C ILE A 23 6.44 -4.63 1.99
N CYS A 24 5.66 -4.05 2.84
CA CYS A 24 4.27 -3.70 2.50
C CYS A 24 4.24 -2.20 2.26
N VAL A 25 3.43 -1.71 1.38
CA VAL A 25 3.44 -0.25 1.15
C VAL A 25 2.04 0.27 0.81
N LYS A 26 1.82 1.54 1.05
CA LYS A 26 0.50 2.15 0.75
C LYS A 26 0.66 3.66 0.66
N ARG A 27 0.13 4.27 -0.36
CA ARG A 27 0.26 5.74 -0.51
C ARG A 27 -1.14 6.36 -0.42
N SER A 28 -1.24 7.64 -0.28
CA SER A 28 -2.60 8.26 -0.20
C SER A 28 -2.51 9.76 -0.52
N TRP A 29 -3.11 10.15 -1.61
CA TRP A 29 -3.10 11.60 -1.98
C TRP A 29 -4.52 12.05 -2.19
N THR A 30 -4.73 13.32 -2.30
CA THR A 30 -6.11 13.79 -2.49
C THR A 30 -6.40 13.84 -3.98
N ALA A 31 -7.21 12.93 -4.43
CA ALA A 31 -7.54 12.88 -5.87
C ALA A 31 -9.01 12.49 -6.03
N VAL A 32 -9.74 13.21 -6.85
CA VAL A 32 -11.17 12.88 -7.05
C VAL A 32 -11.32 11.45 -7.56
N ARG A 33 -12.22 10.70 -6.98
CA ARG A 33 -12.41 9.29 -7.43
C ARG A 33 -13.65 9.19 -8.33
N GLY A 34 -14.75 9.77 -7.91
CA GLY A 34 -15.98 9.70 -8.75
C GLY A 34 -16.96 10.80 -8.32
N ASP A 35 -17.12 11.01 -7.05
CA ASP A 35 -18.07 12.07 -6.59
C ASP A 35 -17.68 12.56 -5.20
N GLY A 36 -16.41 12.60 -4.89
CA GLY A 36 -15.99 13.08 -3.54
C GLY A 36 -14.45 13.01 -3.43
N PRO A 37 -13.86 14.09 -2.98
CA PRO A 37 -12.40 14.17 -2.82
C PRO A 37 -11.97 13.46 -1.52
N LYS A 38 -11.61 12.21 -1.59
CA LYS A 38 -11.19 11.48 -0.36
C LYS A 38 -9.67 11.35 -0.34
N ARG A 39 -9.16 10.22 -0.73
CA ARG A 39 -7.69 10.02 -0.74
C ARG A 39 -7.33 8.88 -1.69
N GLU A 40 -6.92 9.24 -2.87
CA GLU A 40 -6.51 8.24 -3.89
C GLU A 40 -5.38 7.39 -3.31
N ILE A 41 -5.68 6.34 -2.59
CA ILE A 41 -4.59 5.52 -2.01
C ILE A 41 -4.19 4.40 -2.98
N ARG A 42 -3.29 3.56 -2.55
CA ARG A 42 -2.82 2.45 -3.42
C ARG A 42 -1.87 1.56 -2.59
N ARG A 43 -1.63 0.34 -2.99
CA ARG A 43 -0.73 -0.53 -2.19
C ARG A 43 0.17 -1.35 -3.11
N GLU A 44 1.20 -1.95 -2.56
CA GLU A 44 2.13 -2.78 -3.39
C GLU A 44 3.26 -3.32 -2.50
N CYS A 45 4.19 -4.04 -3.08
CA CYS A 45 5.31 -4.60 -2.25
C CYS A 45 6.63 -3.94 -2.68
N ALA A 46 7.48 -3.59 -1.75
CA ALA A 46 8.77 -2.94 -2.12
C ALA A 46 9.77 -3.04 -0.97
N ALA A 47 10.86 -2.32 -1.06
CA ALA A 47 11.88 -2.35 0.04
C ALA A 47 11.33 -1.50 1.19
N THR A 48 11.35 -0.20 1.03
CA THR A 48 10.78 0.67 2.10
C THR A 48 9.36 1.00 1.70
N CYS A 49 9.22 1.43 0.48
CA CYS A 49 7.90 1.82 -0.04
C CYS A 49 8.12 2.28 -1.50
N PRO A 50 7.09 2.77 -2.15
CA PRO A 50 7.23 3.25 -3.54
C PRO A 50 8.11 4.50 -3.54
N PRO A 51 8.42 4.99 -4.71
CA PRO A 51 9.29 6.16 -4.85
C PRO A 51 8.53 7.42 -4.47
N SER A 52 8.69 7.86 -3.26
CA SER A 52 7.97 9.08 -2.84
C SER A 52 8.86 9.95 -1.96
N LYS A 53 8.68 11.24 -2.01
CA LYS A 53 9.48 12.14 -1.14
C LYS A 53 8.65 12.42 0.11
N LEU A 54 7.65 11.62 0.33
CA LEU A 54 6.75 11.78 1.50
C LEU A 54 5.73 12.87 1.21
N GLY A 55 5.91 13.64 0.17
CA GLY A 55 4.89 14.66 -0.15
C GLY A 55 3.59 13.88 -0.30
N LEU A 56 3.73 12.66 -0.72
CA LEU A 56 2.57 11.75 -0.85
C LEU A 56 2.55 10.92 0.43
N THR A 57 1.42 10.67 1.01
CA THR A 57 1.43 9.90 2.29
C THR A 57 1.85 8.46 2.05
N VAL A 58 3.11 8.13 2.27
CA VAL A 58 3.55 6.72 2.08
C VAL A 58 3.14 5.92 3.32
N PHE A 59 3.13 4.63 3.21
CA PHE A 59 2.78 3.78 4.39
C PHE A 59 3.41 2.42 4.18
N CYS A 60 4.40 2.09 4.95
CA CYS A 60 5.05 0.78 4.76
C CYS A 60 4.86 -0.06 6.03
N CYS A 61 5.17 -1.32 5.96
CA CYS A 61 4.99 -2.21 7.14
C CYS A 61 6.12 -3.24 7.17
N THR A 62 6.53 -3.67 8.33
CA THR A 62 7.64 -4.66 8.40
C THR A 62 7.15 -6.01 8.93
N THR A 63 6.02 -6.47 8.48
CA THR A 63 5.51 -7.78 8.96
C THR A 63 4.65 -8.42 7.85
N ASP A 64 4.29 -9.67 8.00
CA ASP A 64 3.45 -10.32 6.96
C ASP A 64 2.27 -9.41 6.68
N ASN A 65 1.41 -9.75 5.74
CA ASN A 65 0.23 -8.87 5.44
C ASN A 65 -0.27 -8.20 6.73
N CYS A 66 0.19 -7.01 7.02
CA CYS A 66 -0.23 -6.32 8.27
C CYS A 66 -1.34 -5.32 7.96
N ASN A 67 -1.21 -4.56 6.90
CA ASN A 67 -2.26 -3.57 6.55
C ASN A 67 -3.26 -4.19 5.59
N HIS A 68 -4.32 -4.76 6.08
CA HIS A 68 -5.33 -5.39 5.20
C HIS A 68 -5.97 -4.32 4.32
N MET A 1 8.71 -11.26 4.16
CA MET A 1 7.61 -10.26 4.07
C MET A 1 6.30 -10.98 3.74
N GLN A 2 5.19 -10.35 4.03
CA GLN A 2 3.88 -10.96 3.72
C GLN A 2 2.84 -9.86 3.71
N CYS A 3 2.76 -9.11 2.66
CA CYS A 3 1.76 -8.01 2.61
C CYS A 3 0.97 -8.09 1.30
N LYS A 4 -0.33 -7.88 1.37
CA LYS A 4 -1.17 -7.95 0.15
C LYS A 4 -1.26 -6.56 -0.47
N THR A 5 -1.90 -6.46 -1.61
CA THR A 5 -2.03 -5.13 -2.27
C THR A 5 -3.31 -5.07 -3.09
N CYS A 6 -4.43 -5.41 -2.49
CA CYS A 6 -5.72 -5.37 -3.23
C CYS A 6 -6.32 -3.96 -3.14
N SER A 7 -7.20 -3.63 -4.02
CA SER A 7 -7.82 -2.27 -3.98
C SER A 7 -8.53 -2.09 -2.63
N PHE A 8 -9.06 -3.14 -2.08
CA PHE A 8 -9.77 -3.02 -0.77
C PHE A 8 -8.74 -2.84 0.35
N TYR A 9 -9.20 -2.54 1.53
CA TYR A 9 -8.26 -2.34 2.67
C TYR A 9 -8.29 -3.57 3.56
N THR A 10 -8.35 -4.74 2.98
CA THR A 10 -8.38 -5.98 3.79
C THR A 10 -8.32 -7.20 2.87
N CYS A 11 -7.14 -7.67 2.57
CA CYS A 11 -7.02 -8.85 1.67
C CYS A 11 -6.40 -10.02 2.43
N PRO A 12 -7.24 -10.81 3.06
CA PRO A 12 -6.82 -11.97 3.85
C PRO A 12 -6.56 -13.16 2.92
N ASN A 13 -6.77 -12.98 1.64
CA ASN A 13 -6.54 -14.10 0.69
C ASN A 13 -5.08 -14.56 0.77
N SER A 14 -4.16 -13.76 0.29
CA SER A 14 -2.72 -14.15 0.34
C SER A 14 -2.00 -13.31 1.39
N GLU A 15 -0.70 -13.43 1.48
CA GLU A 15 0.06 -12.64 2.50
C GLU A 15 1.53 -12.56 2.09
N THR A 16 2.18 -13.69 2.06
CA THR A 16 3.63 -13.75 1.70
C THR A 16 3.85 -13.16 0.30
N CYS A 17 4.73 -12.20 0.19
CA CYS A 17 5.04 -11.59 -1.13
C CYS A 17 6.06 -12.49 -1.84
N PRO A 18 6.20 -12.32 -3.13
CA PRO A 18 7.14 -13.12 -3.92
C PRO A 18 8.59 -12.75 -3.58
N ASP A 19 9.54 -13.46 -4.15
CA ASP A 19 10.97 -13.19 -3.82
C ASP A 19 11.53 -11.99 -4.60
N GLY A 20 11.32 -10.81 -4.10
CA GLY A 20 11.84 -9.60 -4.78
C GLY A 20 11.84 -8.44 -3.78
N LYS A 21 10.69 -7.88 -3.53
CA LYS A 21 10.59 -6.78 -2.55
C LYS A 21 10.60 -7.37 -1.15
N ASN A 22 10.07 -6.70 -0.17
CA ASN A 22 10.12 -7.29 1.20
C ASN A 22 9.27 -6.52 2.21
N ILE A 23 8.15 -5.93 1.85
CA ILE A 23 7.40 -5.19 2.90
C ILE A 23 5.95 -4.89 2.50
N CYS A 24 5.26 -4.23 3.39
CA CYS A 24 3.86 -3.83 3.16
C CYS A 24 3.84 -2.32 2.90
N VAL A 25 3.63 -1.90 1.68
CA VAL A 25 3.63 -0.44 1.42
C VAL A 25 2.29 0.03 0.84
N LYS A 26 1.91 1.22 1.18
CA LYS A 26 0.63 1.78 0.63
C LYS A 26 0.79 3.30 0.55
N ARG A 27 0.13 3.93 -0.38
CA ARG A 27 0.27 5.40 -0.49
C ARG A 27 -1.11 6.05 -0.33
N SER A 28 -1.14 7.34 -0.16
CA SER A 28 -2.45 8.03 0.01
C SER A 28 -2.31 9.52 -0.29
N TRP A 29 -3.04 9.99 -1.27
CA TRP A 29 -3.00 11.44 -1.65
C TRP A 29 -4.42 11.88 -1.92
N THR A 30 -4.65 13.13 -2.21
CA THR A 30 -6.04 13.58 -2.45
C THR A 30 -6.13 14.26 -3.81
N ALA A 31 -5.26 13.90 -4.69
CA ALA A 31 -5.24 14.49 -6.05
C ALA A 31 -6.58 14.27 -6.76
N VAL A 32 -7.34 13.30 -6.32
CA VAL A 32 -8.65 13.05 -6.97
C VAL A 32 -9.77 13.72 -6.17
N ARG A 33 -10.44 14.68 -6.76
CA ARG A 33 -11.54 15.38 -6.03
C ARG A 33 -12.46 16.05 -7.05
N GLY A 34 -13.52 15.39 -7.44
CA GLY A 34 -14.45 15.99 -8.42
C GLY A 34 -15.87 15.99 -7.86
N ASP A 35 -16.38 14.84 -7.47
CA ASP A 35 -17.75 14.79 -6.91
C ASP A 35 -17.67 14.58 -5.39
N GLY A 36 -16.52 14.23 -4.90
CA GLY A 36 -16.37 14.03 -3.43
C GLY A 36 -14.88 13.91 -3.08
N PRO A 37 -14.57 14.19 -1.84
CA PRO A 37 -13.18 14.12 -1.35
C PRO A 37 -12.78 12.67 -1.08
N LYS A 38 -11.64 12.26 -1.54
CA LYS A 38 -11.20 10.85 -1.31
C LYS A 38 -9.68 10.78 -1.45
N ARG A 39 -9.03 10.13 -0.52
CA ARG A 39 -7.55 10.01 -0.58
C ARG A 39 -7.17 8.92 -1.57
N GLU A 40 -6.75 9.30 -2.74
CA GLU A 40 -6.33 8.30 -3.76
C GLU A 40 -5.24 7.42 -3.18
N ILE A 41 -5.59 6.36 -2.51
CA ILE A 41 -4.54 5.50 -1.90
C ILE A 41 -4.19 4.35 -2.85
N ARG A 42 -3.07 3.71 -2.60
CA ARG A 42 -2.65 2.58 -3.46
C ARG A 42 -1.96 1.53 -2.59
N ARG A 43 -1.71 0.36 -3.11
CA ARG A 43 -1.03 -0.69 -2.29
C ARG A 43 -0.15 -1.56 -3.17
N GLU A 44 0.93 -2.02 -2.63
CA GLU A 44 1.87 -2.89 -3.39
C GLU A 44 2.95 -3.41 -2.45
N CYS A 45 3.60 -4.48 -2.78
CA CYS A 45 4.66 -5.01 -1.89
C CYS A 45 6.00 -4.36 -2.26
N ALA A 46 6.69 -3.79 -1.31
CA ALA A 46 8.00 -3.14 -1.63
C ALA A 46 8.99 -3.40 -0.50
N ALA A 47 10.20 -2.94 -0.66
CA ALA A 47 11.22 -3.14 0.41
C ALA A 47 11.11 -1.99 1.41
N THR A 48 10.18 -1.09 1.22
CA THR A 48 10.05 0.04 2.18
C THR A 48 8.91 0.96 1.78
N CYS A 49 8.93 2.11 2.38
CA CYS A 49 7.95 3.17 2.09
C CYS A 49 8.76 4.37 1.62
N PRO A 50 8.95 4.46 0.32
CA PRO A 50 9.76 5.53 -0.30
C PRO A 50 9.23 6.93 0.02
N PRO A 51 9.89 7.94 -0.50
CA PRO A 51 9.50 9.33 -0.25
C PRO A 51 8.21 9.68 -0.99
N SER A 52 8.25 9.82 -2.27
CA SER A 52 6.99 10.16 -2.98
C SER A 52 7.17 10.08 -4.50
N LYS A 53 6.07 10.13 -5.21
CA LYS A 53 6.09 10.08 -6.70
C LYS A 53 4.64 10.14 -7.17
N LEU A 54 3.91 9.09 -6.93
CA LEU A 54 2.47 9.07 -7.31
C LEU A 54 1.64 8.95 -6.03
N GLY A 55 2.28 8.64 -4.93
CA GLY A 55 1.59 8.54 -3.63
C GLY A 55 2.38 9.37 -2.62
N LEU A 56 1.98 10.58 -2.41
CA LEU A 56 2.76 11.46 -1.48
C LEU A 56 2.84 10.86 -0.05
N THR A 57 1.90 10.06 0.38
CA THR A 57 2.02 9.52 1.77
C THR A 57 2.26 8.01 1.75
N VAL A 58 3.49 7.59 1.90
CA VAL A 58 3.76 6.13 1.91
C VAL A 58 3.47 5.57 3.30
N PHE A 59 3.48 4.28 3.42
CA PHE A 59 3.25 3.65 4.73
C PHE A 59 3.79 2.22 4.68
N CYS A 60 4.99 2.03 5.17
CA CYS A 60 5.59 0.66 5.13
C CYS A 60 5.27 -0.06 6.44
N CYS A 61 5.40 -1.36 6.45
CA CYS A 61 5.10 -2.13 7.68
C CYS A 61 6.00 -3.37 7.74
N THR A 62 6.60 -3.63 8.86
CA THR A 62 7.50 -4.81 8.98
C THR A 62 6.73 -5.98 9.59
N THR A 63 5.76 -6.50 8.88
CA THR A 63 4.99 -7.65 9.42
C THR A 63 4.04 -8.16 8.33
N ASP A 64 3.31 -9.21 8.60
CA ASP A 64 2.39 -9.76 7.58
C ASP A 64 1.48 -8.63 7.08
N ASN A 65 0.52 -8.97 6.26
CA ASN A 65 -0.41 -7.92 5.70
C ASN A 65 -0.68 -6.86 6.76
N CYS A 66 0.02 -5.77 6.70
CA CYS A 66 -0.19 -4.68 7.69
C CYS A 66 -1.05 -3.58 7.07
N ASN A 67 -1.27 -3.65 5.78
CA ASN A 67 -2.11 -2.61 5.12
C ASN A 67 -2.85 -3.23 3.93
N HIS A 68 -3.09 -4.51 3.99
CA HIS A 68 -3.80 -5.18 2.87
C HIS A 68 -5.19 -4.55 2.70
N MET A 1 6.69 -12.76 2.09
CA MET A 1 6.22 -11.72 3.05
C MET A 1 4.70 -11.64 3.02
N GLN A 2 4.17 -10.54 3.46
CA GLN A 2 2.71 -10.37 3.45
C GLN A 2 2.46 -8.87 3.36
N CYS A 3 2.04 -8.42 2.20
CA CYS A 3 1.81 -6.97 2.04
C CYS A 3 0.72 -6.74 0.99
N LYS A 4 -0.48 -6.48 1.42
CA LYS A 4 -1.60 -6.25 0.45
C LYS A 4 -1.11 -5.36 -0.69
N THR A 5 -1.82 -5.33 -1.78
CA THR A 5 -1.39 -4.47 -2.92
C THR A 5 -2.59 -4.20 -3.85
N CYS A 6 -3.73 -3.91 -3.29
CA CYS A 6 -4.92 -3.64 -4.14
C CYS A 6 -5.03 -2.13 -4.37
N SER A 7 -6.11 -1.68 -4.97
CA SER A 7 -6.28 -0.23 -5.22
C SER A 7 -7.38 0.32 -4.31
N PHE A 8 -7.73 -0.43 -3.29
CA PHE A 8 -8.78 0.03 -2.35
C PHE A 8 -8.18 0.19 -0.95
N TYR A 9 -8.75 1.02 -0.13
CA TYR A 9 -8.20 1.23 1.24
C TYR A 9 -8.34 -0.06 2.06
N THR A 10 -9.05 -1.03 1.55
CA THR A 10 -9.22 -2.30 2.31
C THR A 10 -9.31 -3.47 1.33
N CYS A 11 -8.28 -4.27 1.27
CA CYS A 11 -8.29 -5.44 0.33
C CYS A 11 -7.75 -6.67 1.04
N PRO A 12 -8.65 -7.44 1.60
CA PRO A 12 -8.28 -8.66 2.32
C PRO A 12 -7.98 -9.78 1.33
N ASN A 13 -8.26 -9.55 0.08
CA ASN A 13 -7.99 -10.59 -0.95
C ASN A 13 -6.49 -10.94 -0.97
N SER A 14 -5.71 -10.16 -1.66
CA SER A 14 -4.25 -10.44 -1.72
C SER A 14 -3.64 -10.34 -0.32
N GLU A 15 -2.52 -10.97 -0.11
CA GLU A 15 -1.87 -10.90 1.22
C GLU A 15 -0.39 -11.29 1.10
N THR A 16 -0.08 -12.54 1.32
CA THR A 16 1.34 -13.00 1.24
C THR A 16 1.92 -12.71 -0.15
N CYS A 17 2.84 -11.79 -0.23
CA CYS A 17 3.48 -11.46 -1.53
C CYS A 17 4.54 -12.53 -1.84
N PRO A 18 5.15 -12.43 -2.99
CA PRO A 18 6.16 -13.41 -3.43
C PRO A 18 7.46 -13.29 -2.61
N ASP A 19 8.32 -14.27 -2.72
CA ASP A 19 9.59 -14.25 -1.93
C ASP A 19 10.73 -13.61 -2.74
N GLY A 20 10.88 -12.32 -2.63
CA GLY A 20 11.97 -11.61 -3.36
C GLY A 20 12.16 -10.26 -2.69
N LYS A 21 11.19 -9.41 -2.78
CA LYS A 21 11.27 -8.09 -2.12
C LYS A 21 10.96 -8.33 -0.65
N ASN A 22 10.46 -7.38 0.07
CA ASN A 22 10.23 -7.69 1.52
C ASN A 22 9.44 -6.61 2.24
N ILE A 23 8.47 -5.99 1.64
CA ILE A 23 7.75 -4.98 2.44
C ILE A 23 6.37 -4.67 1.87
N CYS A 24 5.66 -3.89 2.62
CA CYS A 24 4.31 -3.47 2.22
C CYS A 24 4.32 -1.96 2.05
N VAL A 25 4.52 -1.48 0.86
CA VAL A 25 4.57 -0.01 0.67
C VAL A 25 3.28 0.46 -0.02
N LYS A 26 2.56 1.36 0.59
CA LYS A 26 1.30 1.85 -0.03
C LYS A 26 1.36 3.38 -0.18
N ARG A 27 0.69 3.89 -1.18
CA ARG A 27 0.68 5.37 -1.41
C ARG A 27 -0.64 5.92 -0.84
N SER A 28 -0.74 7.21 -0.67
CA SER A 28 -2.01 7.76 -0.12
C SER A 28 -2.10 9.26 -0.43
N TRP A 29 -3.14 9.66 -1.11
CA TRP A 29 -3.31 11.09 -1.43
C TRP A 29 -4.70 11.52 -0.99
N THR A 30 -5.01 12.78 -1.07
CA THR A 30 -6.35 13.24 -0.63
C THR A 30 -7.28 13.42 -1.84
N ALA A 31 -6.73 13.41 -3.02
CA ALA A 31 -7.58 13.59 -4.23
C ALA A 31 -8.65 12.51 -4.28
N VAL A 32 -9.89 12.90 -4.18
CA VAL A 32 -11.00 11.90 -4.21
C VAL A 32 -11.58 11.83 -5.63
N ARG A 33 -11.53 10.67 -6.23
CA ARG A 33 -12.08 10.54 -7.61
C ARG A 33 -13.60 10.74 -7.58
N GLY A 34 -14.31 9.81 -7.00
CA GLY A 34 -15.80 9.95 -6.94
C GLY A 34 -16.37 8.85 -6.03
N ASP A 35 -15.92 7.64 -6.19
CA ASP A 35 -16.44 6.54 -5.34
C ASP A 35 -15.62 6.46 -4.05
N GLY A 36 -14.32 6.42 -4.16
CA GLY A 36 -13.48 6.34 -2.93
C GLY A 36 -13.73 7.57 -2.06
N PRO A 37 -13.24 7.51 -0.84
CA PRO A 37 -13.41 8.61 0.13
C PRO A 37 -12.42 9.75 -0.16
N LYS A 38 -12.17 10.58 0.81
CA LYS A 38 -11.23 11.71 0.60
C LYS A 38 -9.84 11.18 0.22
N ARG A 39 -9.15 10.57 1.15
CA ARG A 39 -7.79 10.05 0.87
C ARG A 39 -7.87 8.71 0.15
N GLU A 40 -7.49 8.66 -1.10
CA GLU A 40 -7.50 7.37 -1.84
C GLU A 40 -6.11 6.76 -1.71
N ILE A 41 -6.01 5.47 -1.55
CA ILE A 41 -4.65 4.87 -1.38
C ILE A 41 -4.49 3.61 -2.25
N ARG A 42 -3.29 3.33 -2.63
CA ARG A 42 -3.00 2.11 -3.44
C ARG A 42 -1.90 1.34 -2.71
N ARG A 43 -1.46 0.24 -3.24
CA ARG A 43 -0.39 -0.51 -2.52
C ARG A 43 0.35 -1.46 -3.45
N GLU A 44 1.54 -1.81 -3.06
CA GLU A 44 2.37 -2.75 -3.86
C GLU A 44 3.44 -3.29 -2.94
N CYS A 45 3.95 -4.46 -3.19
CA CYS A 45 5.00 -4.98 -2.28
C CYS A 45 6.37 -4.52 -2.78
N ALA A 46 7.23 -4.14 -1.88
CA ALA A 46 8.58 -3.67 -2.26
C ALA A 46 9.51 -3.83 -1.08
N ALA A 47 10.79 -3.86 -1.32
CA ALA A 47 11.75 -4.01 -0.19
C ALA A 47 12.27 -2.61 0.15
N THR A 48 11.43 -1.63 0.00
CA THR A 48 11.85 -0.23 0.26
C THR A 48 11.17 0.32 1.51
N CYS A 49 11.16 1.63 1.60
CA CYS A 49 10.53 2.33 2.74
C CYS A 49 10.74 3.83 2.52
N PRO A 50 10.15 4.34 1.48
CA PRO A 50 10.28 5.76 1.11
C PRO A 50 9.40 6.65 1.98
N PRO A 51 9.84 7.86 2.18
CA PRO A 51 9.12 8.85 2.98
C PRO A 51 8.01 9.48 2.13
N SER A 52 8.39 9.98 0.99
CA SER A 52 7.40 10.60 0.06
C SER A 52 7.96 10.58 -1.36
N LYS A 53 7.11 10.58 -2.35
CA LYS A 53 7.61 10.56 -3.75
C LYS A 53 6.89 11.62 -4.57
N LEU A 54 6.81 11.44 -5.87
CA LEU A 54 6.12 12.43 -6.77
C LEU A 54 5.16 13.32 -5.97
N GLY A 55 4.01 12.81 -5.68
CA GLY A 55 3.02 13.59 -4.89
C GLY A 55 2.20 12.61 -4.06
N LEU A 56 2.82 11.57 -3.60
CA LEU A 56 2.09 10.54 -2.81
C LEU A 56 2.85 10.22 -1.53
N THR A 57 2.15 9.86 -0.50
CA THR A 57 2.81 9.51 0.78
C THR A 57 2.98 7.99 0.86
N VAL A 58 4.14 7.52 1.20
CA VAL A 58 4.38 6.06 1.29
C VAL A 58 4.29 5.62 2.74
N PHE A 59 4.04 4.38 2.94
CA PHE A 59 3.98 3.85 4.32
C PHE A 59 4.32 2.37 4.26
N CYS A 60 5.55 2.03 4.52
CA CYS A 60 5.96 0.61 4.42
C CYS A 60 5.85 -0.10 5.77
N CYS A 61 5.90 -1.40 5.74
CA CYS A 61 5.84 -2.18 7.01
C CYS A 61 6.23 -3.63 6.74
N THR A 62 6.66 -4.35 7.75
CA THR A 62 7.07 -5.77 7.55
C THR A 62 6.40 -6.67 8.58
N THR A 63 5.10 -6.74 8.59
CA THR A 63 4.41 -7.61 9.58
C THR A 63 3.51 -8.60 8.84
N ASP A 64 2.60 -8.09 8.06
CA ASP A 64 1.67 -8.96 7.29
C ASP A 64 0.45 -8.12 6.92
N ASN A 65 0.23 -7.92 5.65
CA ASN A 65 -0.91 -7.08 5.20
C ASN A 65 -1.12 -5.91 6.19
N CYS A 66 -0.05 -5.44 6.77
CA CYS A 66 -0.15 -4.33 7.76
C CYS A 66 -1.17 -3.30 7.27
N ASN A 67 -0.75 -2.36 6.47
CA ASN A 67 -1.70 -1.33 5.98
C ASN A 67 -2.73 -1.99 5.05
N HIS A 68 -3.88 -2.32 5.57
CA HIS A 68 -4.93 -2.97 4.73
C HIS A 68 -6.06 -1.97 4.46
N MET A 1 8.73 -10.59 0.54
CA MET A 1 8.08 -10.64 1.88
C MET A 1 6.58 -10.83 1.72
N GLN A 2 5.87 -10.88 2.81
CA GLN A 2 4.41 -11.04 2.74
C GLN A 2 3.76 -9.70 3.09
N CYS A 3 3.10 -9.06 2.16
CA CYS A 3 2.47 -7.76 2.47
C CYS A 3 1.17 -7.61 1.67
N LYS A 4 0.05 -7.83 2.30
CA LYS A 4 -1.27 -7.74 1.61
C LYS A 4 -1.24 -6.62 0.55
N THR A 5 -2.08 -6.72 -0.44
CA THR A 5 -2.12 -5.68 -1.50
C THR A 5 -3.48 -5.72 -2.20
N CYS A 6 -4.52 -5.30 -1.53
CA CYS A 6 -5.87 -5.33 -2.15
C CYS A 6 -6.13 -4.00 -2.86
N SER A 7 -7.37 -3.58 -2.93
CA SER A 7 -7.68 -2.29 -3.60
C SER A 7 -8.44 -1.38 -2.63
N PHE A 8 -8.29 -1.61 -1.36
CA PHE A 8 -9.00 -0.76 -0.36
C PHE A 8 -8.15 -0.67 0.92
N TYR A 9 -8.75 -0.31 2.02
CA TYR A 9 -7.97 -0.23 3.29
C TYR A 9 -7.94 -1.61 3.93
N THR A 10 -9.01 -1.95 4.59
CA THR A 10 -9.10 -3.28 5.24
C THR A 10 -8.93 -4.38 4.19
N CYS A 11 -8.54 -5.55 4.59
CA CYS A 11 -8.37 -6.66 3.61
C CYS A 11 -8.81 -7.98 4.25
N PRO A 12 -9.84 -8.57 3.70
CA PRO A 12 -10.38 -9.85 4.20
C PRO A 12 -9.46 -10.98 3.76
N ASN A 13 -8.66 -10.75 2.76
CA ASN A 13 -7.73 -11.81 2.28
C ASN A 13 -6.29 -11.36 2.55
N SER A 14 -5.33 -12.17 2.19
CA SER A 14 -3.91 -11.79 2.42
C SER A 14 -3.12 -11.94 1.12
N GLU A 15 -2.07 -11.18 0.96
CA GLU A 15 -1.27 -11.28 -0.29
C GLU A 15 0.21 -11.05 0.03
N THR A 16 0.99 -12.10 0.08
CA THR A 16 2.42 -11.92 0.39
C THR A 16 3.19 -11.55 -0.89
N CYS A 17 4.08 -10.59 -0.80
CA CYS A 17 4.87 -10.18 -2.00
C CYS A 17 5.50 -11.44 -2.61
N PRO A 18 5.92 -11.33 -3.84
CA PRO A 18 6.55 -12.44 -4.56
C PRO A 18 7.94 -12.75 -3.99
N ASP A 19 8.68 -13.60 -4.65
CA ASP A 19 10.05 -13.96 -4.15
C ASP A 19 11.06 -12.92 -4.63
N GLY A 20 10.77 -11.67 -4.47
CA GLY A 20 11.71 -10.61 -4.91
C GLY A 20 11.42 -9.30 -4.19
N LYS A 21 10.18 -9.04 -3.86
CA LYS A 21 9.85 -7.77 -3.15
C LYS A 21 10.25 -7.94 -1.70
N ASN A 22 9.84 -7.04 -0.84
CA ASN A 22 10.26 -7.19 0.58
C ASN A 22 9.39 -6.39 1.56
N ILE A 23 8.51 -5.54 1.12
CA ILE A 23 7.75 -4.78 2.14
C ILE A 23 6.31 -4.55 1.76
N CYS A 24 5.58 -4.06 2.72
CA CYS A 24 4.15 -3.73 2.53
C CYS A 24 4.07 -2.23 2.26
N VAL A 25 3.23 -1.83 1.34
CA VAL A 25 3.17 -0.37 1.04
C VAL A 25 1.73 0.07 0.78
N LYS A 26 1.43 1.28 1.16
CA LYS A 26 0.07 1.83 0.96
C LYS A 26 0.18 3.34 0.74
N ARG A 27 0.03 3.79 -0.48
CA ARG A 27 0.12 5.26 -0.74
C ARG A 27 -1.24 5.89 -0.44
N SER A 28 -1.27 7.11 0.01
CA SER A 28 -2.58 7.74 0.33
C SER A 28 -2.49 9.25 0.12
N TRP A 29 -3.10 9.74 -0.93
CA TRP A 29 -3.05 11.21 -1.19
C TRP A 29 -4.46 11.69 -1.58
N THR A 30 -4.65 12.97 -1.66
CA THR A 30 -5.99 13.51 -2.01
C THR A 30 -5.92 14.37 -3.27
N ALA A 31 -5.00 14.04 -4.13
CA ALA A 31 -4.81 14.81 -5.38
C ALA A 31 -6.10 14.84 -6.21
N VAL A 32 -6.19 14.04 -7.24
CA VAL A 32 -7.42 14.05 -8.08
C VAL A 32 -8.49 13.17 -7.45
N ARG A 33 -9.71 13.57 -7.56
CA ARG A 33 -10.83 12.78 -6.99
C ARG A 33 -12.15 13.21 -7.64
N GLY A 34 -12.28 13.03 -8.93
CA GLY A 34 -13.53 13.43 -9.63
C GLY A 34 -14.53 12.26 -9.59
N ASP A 35 -14.12 11.12 -9.10
CA ASP A 35 -15.05 9.97 -9.03
C ASP A 35 -14.64 9.06 -7.87
N GLY A 36 -13.37 8.79 -7.74
CA GLY A 36 -12.90 7.91 -6.63
C GLY A 36 -13.24 8.58 -5.29
N PRO A 37 -12.65 8.07 -4.23
CA PRO A 37 -12.86 8.59 -2.87
C PRO A 37 -12.03 9.86 -2.66
N LYS A 38 -11.92 10.32 -1.44
CA LYS A 38 -11.13 11.55 -1.17
C LYS A 38 -9.64 11.23 -1.28
N ARG A 39 -9.11 10.54 -0.31
CA ARG A 39 -7.65 10.21 -0.35
C ARG A 39 -7.40 9.02 -1.27
N GLU A 40 -7.08 9.28 -2.50
CA GLU A 40 -6.79 8.17 -3.46
C GLU A 40 -5.58 7.39 -2.96
N ILE A 41 -5.76 6.18 -2.50
CA ILE A 41 -4.60 5.40 -1.98
C ILE A 41 -4.19 4.32 -2.98
N ARG A 42 -3.30 3.44 -2.58
CA ARG A 42 -2.86 2.35 -3.48
C ARG A 42 -2.10 1.30 -2.66
N ARG A 43 -1.97 0.11 -3.17
CA ARG A 43 -1.26 -0.96 -2.40
C ARG A 43 -0.23 -1.66 -3.29
N GLU A 44 0.76 -2.28 -2.69
CA GLU A 44 1.79 -2.99 -3.49
C GLU A 44 2.93 -3.46 -2.59
N CYS A 45 4.05 -3.82 -3.16
CA CYS A 45 5.21 -4.26 -2.34
C CYS A 45 6.46 -3.49 -2.80
N ALA A 46 7.33 -3.14 -1.90
CA ALA A 46 8.55 -2.36 -2.32
C ALA A 46 9.64 -2.48 -1.25
N ALA A 47 10.65 -1.66 -1.32
CA ALA A 47 11.72 -1.70 -0.29
C ALA A 47 11.20 -0.95 0.93
N THR A 48 11.51 0.31 1.07
CA THR A 48 10.97 1.07 2.23
C THR A 48 9.47 1.16 2.04
N CYS A 49 9.08 1.82 0.99
CA CYS A 49 7.65 2.00 0.69
C CYS A 49 7.52 2.13 -0.85
N PRO A 50 6.35 2.51 -1.32
CA PRO A 50 6.11 2.65 -2.77
C PRO A 50 6.65 4.00 -3.24
N PRO A 51 6.52 4.26 -4.52
CA PRO A 51 7.00 5.52 -5.12
C PRO A 51 5.97 6.62 -4.87
N SER A 52 5.77 6.96 -3.65
CA SER A 52 4.80 8.03 -3.32
C SER A 52 5.49 9.39 -3.40
N LYS A 53 4.75 10.45 -3.39
CA LYS A 53 5.39 11.79 -3.44
C LYS A 53 6.02 12.08 -2.08
N LEU A 54 5.75 11.26 -1.10
CA LEU A 54 6.31 11.48 0.26
C LEU A 54 5.76 12.79 0.82
N GLY A 55 4.79 13.36 0.16
CA GLY A 55 4.16 14.61 0.66
C GLY A 55 2.73 14.27 1.07
N LEU A 56 2.26 13.12 0.65
CA LEU A 56 0.89 12.68 1.00
C LEU A 56 0.97 11.78 2.24
N THR A 57 0.81 10.48 2.10
CA THR A 57 0.90 9.61 3.31
C THR A 57 1.36 8.20 2.92
N VAL A 58 2.60 7.86 3.17
CA VAL A 58 3.06 6.49 2.84
C VAL A 58 2.88 5.61 4.06
N PHE A 59 2.64 4.35 3.85
CA PHE A 59 2.54 3.44 5.02
C PHE A 59 3.28 2.16 4.67
N CYS A 60 4.46 2.02 5.17
CA CYS A 60 5.29 0.82 4.87
C CYS A 60 5.62 0.08 6.18
N CYS A 61 5.67 -1.21 6.15
CA CYS A 61 6.01 -1.98 7.40
C CYS A 61 6.89 -3.17 7.03
N THR A 62 7.60 -3.69 7.99
CA THR A 62 8.51 -4.84 7.70
C THR A 62 8.01 -6.10 8.40
N THR A 63 6.83 -6.55 8.05
CA THR A 63 6.29 -7.79 8.69
C THR A 63 5.27 -8.42 7.74
N ASP A 64 5.02 -9.70 7.86
CA ASP A 64 4.03 -10.35 6.96
C ASP A 64 2.81 -9.43 6.85
N ASN A 65 2.00 -9.61 5.83
CA ASN A 65 0.78 -8.73 5.64
C ASN A 65 0.45 -7.97 6.93
N CYS A 66 1.02 -6.81 7.11
CA CYS A 66 0.78 -6.04 8.37
C CYS A 66 -0.47 -5.16 8.25
N ASN A 67 -0.64 -4.47 7.16
CA ASN A 67 -1.82 -3.58 7.02
C ASN A 67 -2.92 -4.26 6.19
N HIS A 68 -3.67 -5.14 6.81
CA HIS A 68 -4.76 -5.83 6.06
C HIS A 68 -5.73 -4.78 5.53
N MET A 1 8.81 -11.29 -0.13
CA MET A 1 8.34 -11.34 1.29
C MET A 1 6.82 -11.50 1.31
N GLN A 2 6.24 -11.37 2.46
CA GLN A 2 4.77 -11.48 2.57
C GLN A 2 4.23 -10.14 3.05
N CYS A 3 3.48 -9.46 2.23
CA CYS A 3 2.95 -8.14 2.68
C CYS A 3 1.55 -7.93 2.13
N LYS A 4 0.66 -7.37 2.92
CA LYS A 4 -0.73 -7.15 2.46
C LYS A 4 -0.74 -6.30 1.20
N THR A 5 -1.71 -6.50 0.35
CA THR A 5 -1.79 -5.71 -0.91
C THR A 5 -3.22 -5.72 -1.44
N CYS A 6 -4.17 -5.39 -0.61
CA CYS A 6 -5.59 -5.37 -1.06
C CYS A 6 -5.83 -4.18 -1.99
N SER A 7 -7.07 -3.91 -2.30
CA SER A 7 -7.37 -2.75 -3.20
C SER A 7 -8.25 -1.75 -2.45
N PHE A 8 -8.90 -2.19 -1.41
CA PHE A 8 -9.77 -1.26 -0.64
C PHE A 8 -8.95 -0.59 0.47
N TYR A 9 -9.58 0.24 1.25
CA TYR A 9 -8.84 0.94 2.34
C TYR A 9 -8.29 -0.09 3.34
N THR A 10 -9.04 -1.12 3.60
CA THR A 10 -8.57 -2.15 4.57
C THR A 10 -8.27 -3.46 3.84
N CYS A 11 -7.77 -4.44 4.53
CA CYS A 11 -7.46 -5.74 3.90
C CYS A 11 -7.61 -6.86 4.93
N PRO A 12 -8.72 -7.53 4.87
CA PRO A 12 -9.01 -8.64 5.80
C PRO A 12 -8.24 -9.89 5.36
N ASN A 13 -7.87 -9.94 4.12
CA ASN A 13 -7.11 -11.12 3.62
C ASN A 13 -5.62 -10.77 3.59
N SER A 14 -4.81 -11.56 2.95
CA SER A 14 -3.35 -11.25 2.90
C SER A 14 -2.76 -11.71 1.56
N GLU A 15 -1.64 -11.17 1.18
CA GLU A 15 -1.01 -11.58 -0.11
C GLU A 15 0.51 -11.70 0.08
N THR A 16 0.97 -12.90 0.33
CA THR A 16 2.44 -13.10 0.52
C THR A 16 3.18 -12.71 -0.77
N CYS A 17 3.80 -11.56 -0.79
CA CYS A 17 4.55 -11.15 -2.02
C CYS A 17 5.46 -12.31 -2.44
N PRO A 18 5.92 -12.27 -3.66
CA PRO A 18 6.78 -13.32 -4.22
C PRO A 18 8.20 -13.23 -3.63
N ASP A 19 9.06 -14.14 -4.00
CA ASP A 19 10.45 -14.13 -3.45
C ASP A 19 11.31 -13.14 -4.24
N GLY A 20 11.04 -11.88 -4.08
CA GLY A 20 11.83 -10.85 -4.80
C GLY A 20 11.63 -9.51 -4.09
N LYS A 21 10.43 -9.24 -3.66
CA LYS A 21 10.15 -7.97 -2.96
C LYS A 21 10.62 -8.06 -1.53
N ASN A 22 10.27 -7.10 -0.72
CA ASN A 22 10.74 -7.15 0.70
C ASN A 22 9.86 -6.32 1.62
N ILE A 23 8.75 -5.79 1.18
CA ILE A 23 7.97 -4.98 2.15
C ILE A 23 6.51 -4.83 1.72
N CYS A 24 5.76 -4.20 2.59
CA CYS A 24 4.33 -3.93 2.32
C CYS A 24 4.21 -2.44 2.03
N VAL A 25 3.28 -2.02 1.23
CA VAL A 25 3.20 -0.56 0.95
C VAL A 25 1.77 -0.14 0.57
N LYS A 26 1.39 1.04 0.97
CA LYS A 26 0.03 1.54 0.63
C LYS A 26 0.07 3.08 0.58
N ARG A 27 -0.50 3.67 -0.43
CA ARG A 27 -0.50 5.16 -0.54
C ARG A 27 -1.84 5.70 -0.05
N SER A 28 -1.86 6.90 0.48
CA SER A 28 -3.15 7.46 0.97
C SER A 28 -3.16 8.98 0.80
N TRP A 29 -3.95 9.47 -0.11
CA TRP A 29 -4.04 10.94 -0.31
C TRP A 29 -5.51 11.33 -0.42
N THR A 30 -5.81 12.59 -0.47
CA THR A 30 -7.23 13.02 -0.55
C THR A 30 -7.47 13.84 -1.81
N ALA A 31 -6.63 13.67 -2.78
CA ALA A 31 -6.78 14.44 -4.05
C ALA A 31 -8.15 14.13 -4.67
N VAL A 32 -8.99 15.13 -4.77
CA VAL A 32 -10.34 14.89 -5.35
C VAL A 32 -10.33 15.28 -6.83
N ARG A 33 -10.85 14.44 -7.68
CA ARG A 33 -10.87 14.76 -9.14
C ARG A 33 -12.32 14.96 -9.59
N GLY A 34 -12.53 15.03 -10.88
CA GLY A 34 -13.93 15.24 -11.39
C GLY A 34 -14.71 13.93 -11.27
N ASP A 35 -14.11 12.83 -11.64
CA ASP A 35 -14.82 11.53 -11.54
C ASP A 35 -14.05 10.60 -10.62
N GLY A 36 -14.16 10.79 -9.33
CA GLY A 36 -13.43 9.92 -8.38
C GLY A 36 -13.82 10.26 -6.94
N PRO A 37 -13.39 9.45 -6.02
CA PRO A 37 -13.68 9.64 -4.59
C PRO A 37 -12.78 10.73 -3.99
N LYS A 38 -12.64 10.75 -2.70
CA LYS A 38 -11.78 11.78 -2.06
C LYS A 38 -10.45 11.15 -1.64
N ARG A 39 -10.46 10.40 -0.57
CA ARG A 39 -9.20 9.76 -0.10
C ARG A 39 -8.91 8.53 -0.94
N GLU A 40 -8.06 8.67 -1.91
CA GLU A 40 -7.72 7.50 -2.77
C GLU A 40 -6.46 6.84 -2.21
N ILE A 41 -6.44 5.55 -2.09
CA ILE A 41 -5.23 4.89 -1.55
C ILE A 41 -4.72 3.85 -2.56
N ARG A 42 -3.82 3.01 -2.15
CA ARG A 42 -3.28 1.98 -3.09
C ARG A 42 -2.41 1.01 -2.30
N ARG A 43 -1.96 -0.06 -2.91
CA ARG A 43 -1.12 -1.04 -2.17
C ARG A 43 -0.16 -1.74 -3.13
N GLU A 44 0.82 -2.45 -2.60
CA GLU A 44 1.79 -3.16 -3.49
C GLU A 44 2.98 -3.64 -2.66
N CYS A 45 3.81 -4.49 -3.23
CA CYS A 45 5.00 -4.99 -2.48
C CYS A 45 6.24 -4.24 -2.97
N ALA A 46 7.13 -3.87 -2.08
CA ALA A 46 8.36 -3.15 -2.51
C ALA A 46 9.42 -3.23 -1.42
N ALA A 47 10.52 -2.54 -1.59
CA ALA A 47 11.58 -2.56 -0.54
C ALA A 47 11.10 -1.68 0.62
N THR A 48 10.80 -0.44 0.33
CA THR A 48 10.28 0.48 1.38
C THR A 48 8.84 0.79 1.01
N CYS A 49 8.67 1.43 -0.11
CA CYS A 49 7.33 1.79 -0.59
C CYS A 49 7.47 2.32 -2.03
N PRO A 50 6.38 2.52 -2.71
CA PRO A 50 6.41 3.00 -4.10
C PRO A 50 7.01 4.42 -4.26
N PRO A 51 6.31 5.43 -3.82
CA PRO A 51 6.80 6.81 -3.91
C PRO A 51 7.92 7.04 -2.87
N SER A 52 7.61 7.70 -1.78
CA SER A 52 8.65 7.95 -0.73
C SER A 52 8.01 8.79 0.37
N LYS A 53 7.46 9.92 0.00
CA LYS A 53 6.79 10.80 0.98
C LYS A 53 6.01 11.84 0.21
N LEU A 54 6.71 12.76 -0.40
CA LEU A 54 6.02 13.81 -1.17
C LEU A 54 4.85 14.29 -0.32
N GLY A 55 3.81 14.76 -0.92
CA GLY A 55 2.65 15.17 -0.11
C GLY A 55 1.75 13.94 0.08
N LEU A 56 2.24 12.78 -0.31
CA LEU A 56 1.44 11.54 -0.17
C LEU A 56 1.81 10.87 1.15
N THR A 57 0.91 10.10 1.72
CA THR A 57 1.23 9.42 2.99
C THR A 57 1.62 7.97 2.71
N VAL A 58 2.87 7.63 2.85
CA VAL A 58 3.28 6.23 2.59
C VAL A 58 3.13 5.41 3.86
N PHE A 59 2.84 4.16 3.71
CA PHE A 59 2.73 3.28 4.91
C PHE A 59 3.32 1.93 4.53
N CYS A 60 4.52 1.67 4.93
CA CYS A 60 5.15 0.37 4.57
C CYS A 60 5.17 -0.53 5.80
N CYS A 61 5.67 -1.71 5.67
CA CYS A 61 5.71 -2.65 6.84
C CYS A 61 6.81 -3.69 6.64
N THR A 62 7.73 -3.79 7.56
CA THR A 62 8.84 -4.77 7.42
C THR A 62 8.45 -6.10 8.07
N THR A 63 7.43 -6.75 7.57
CA THR A 63 7.02 -8.04 8.16
C THR A 63 5.99 -8.72 7.24
N ASP A 64 5.53 -9.88 7.60
CA ASP A 64 4.54 -10.60 6.75
C ASP A 64 3.38 -9.65 6.44
N ASN A 65 2.34 -10.16 5.82
CA ASN A 65 1.18 -9.29 5.48
C ASN A 65 0.92 -8.31 6.64
N CYS A 66 1.18 -7.05 6.43
CA CYS A 66 0.98 -6.04 7.51
C CYS A 66 -0.15 -5.08 7.13
N ASN A 67 0.08 -4.29 6.11
CA ASN A 67 -0.96 -3.31 5.68
C ASN A 67 -2.35 -3.94 5.75
N HIS A 68 -3.04 -3.76 6.85
CA HIS A 68 -4.40 -4.35 6.97
C HIS A 68 -5.40 -3.46 6.23
N MET A 1 9.39 -13.14 2.68
CA MET A 1 8.58 -12.18 3.50
C MET A 1 7.12 -12.27 3.08
N GLN A 2 6.29 -11.41 3.61
CA GLN A 2 4.86 -11.44 3.24
C GLN A 2 4.27 -10.05 3.52
N CYS A 3 3.45 -9.56 2.65
CA CYS A 3 2.86 -8.21 2.88
C CYS A 3 1.57 -8.06 2.07
N LYS A 4 0.59 -7.40 2.63
CA LYS A 4 -0.69 -7.22 1.90
C LYS A 4 -0.46 -6.41 0.62
N THR A 5 -1.06 -6.81 -0.46
CA THR A 5 -0.87 -6.07 -1.75
C THR A 5 -2.18 -6.06 -2.53
N CYS A 6 -3.29 -6.17 -1.85
CA CYS A 6 -4.60 -6.18 -2.56
C CYS A 6 -4.88 -4.77 -3.11
N SER A 7 -5.93 -4.63 -3.87
CA SER A 7 -6.26 -3.29 -4.44
C SER A 7 -7.41 -2.68 -3.64
N PHE A 8 -7.81 -3.32 -2.57
CA PHE A 8 -8.93 -2.76 -1.75
C PHE A 8 -8.35 -1.92 -0.61
N TYR A 9 -9.14 -1.08 -0.01
CA TYR A 9 -8.64 -0.23 1.11
C TYR A 9 -8.20 -1.11 2.28
N THR A 10 -8.67 -2.33 2.32
CA THR A 10 -8.28 -3.22 3.45
C THR A 10 -8.48 -4.68 3.04
N CYS A 11 -7.42 -5.43 3.00
CA CYS A 11 -7.54 -6.87 2.60
C CYS A 11 -7.64 -7.73 3.87
N PRO A 12 -8.77 -8.39 4.02
CA PRO A 12 -9.01 -9.27 5.19
C PRO A 12 -8.25 -10.58 5.02
N ASN A 13 -7.92 -10.92 3.80
CA ASN A 13 -7.18 -12.19 3.56
C ASN A 13 -5.69 -11.95 3.84
N SER A 14 -4.87 -12.95 3.62
CA SER A 14 -3.42 -12.77 3.88
C SER A 14 -2.66 -12.75 2.54
N GLU A 15 -1.70 -11.87 2.40
CA GLU A 15 -0.95 -11.80 1.12
C GLU A 15 0.56 -11.85 1.41
N THR A 16 1.27 -12.65 0.67
CA THR A 16 2.75 -12.78 0.88
C THR A 16 3.49 -11.99 -0.21
N CYS A 17 4.80 -12.11 -0.23
CA CYS A 17 5.60 -11.39 -1.26
C CYS A 17 6.49 -12.40 -1.99
N PRO A 18 7.01 -11.98 -3.12
CA PRO A 18 7.87 -12.83 -3.94
C PRO A 18 9.27 -12.95 -3.31
N ASP A 19 10.13 -13.72 -3.90
CA ASP A 19 11.50 -13.91 -3.33
C ASP A 19 12.42 -12.77 -3.80
N GLY A 20 11.96 -11.56 -3.71
CA GLY A 20 12.83 -10.42 -4.15
C GLY A 20 12.42 -9.16 -3.39
N LYS A 21 11.16 -8.97 -3.13
CA LYS A 21 10.74 -7.75 -2.40
C LYS A 21 10.97 -7.93 -0.92
N ASN A 22 10.55 -6.97 -0.13
CA ASN A 22 10.79 -7.10 1.33
C ASN A 22 9.82 -6.26 2.17
N ILE A 23 8.75 -5.76 1.64
CA ILE A 23 7.87 -4.95 2.54
C ILE A 23 6.43 -4.84 2.02
N CYS A 24 5.60 -4.27 2.84
CA CYS A 24 4.19 -4.03 2.49
C CYS A 24 4.08 -2.55 2.16
N VAL A 25 3.35 -2.17 1.15
CA VAL A 25 3.29 -0.72 0.82
C VAL A 25 1.90 -0.31 0.37
N LYS A 26 1.41 0.79 0.89
CA LYS A 26 0.08 1.29 0.48
C LYS A 26 0.16 2.81 0.42
N ARG A 27 -0.57 3.43 -0.48
CA ARG A 27 -0.50 4.91 -0.57
C ARG A 27 -1.90 5.48 -0.78
N SER A 28 -2.02 6.77 -0.81
CA SER A 28 -3.34 7.41 -1.02
C SER A 28 -3.12 8.87 -1.45
N TRP A 29 -3.57 9.23 -2.62
CA TRP A 29 -3.36 10.63 -3.09
C TRP A 29 -4.67 11.26 -3.48
N THR A 30 -4.73 12.55 -3.41
CA THR A 30 -5.97 13.25 -3.81
C THR A 30 -5.99 13.33 -5.34
N ALA A 31 -7.12 13.18 -5.94
CA ALA A 31 -7.15 13.23 -7.42
C ALA A 31 -8.59 13.33 -7.91
N VAL A 32 -9.37 12.28 -7.77
CA VAL A 32 -10.77 12.34 -8.22
C VAL A 32 -11.60 13.21 -7.27
N ARG A 33 -11.92 14.40 -7.68
CA ARG A 33 -12.73 15.30 -6.79
C ARG A 33 -13.87 15.91 -7.60
N GLY A 34 -14.81 15.10 -8.00
CA GLY A 34 -15.96 15.63 -8.81
C GLY A 34 -16.88 16.45 -7.91
N ASP A 35 -17.35 15.88 -6.83
CA ASP A 35 -18.25 16.66 -5.93
C ASP A 35 -17.82 16.46 -4.48
N GLY A 36 -16.64 15.96 -4.26
CA GLY A 36 -16.17 15.77 -2.86
C GLY A 36 -14.69 15.39 -2.85
N PRO A 37 -14.11 15.36 -1.67
CA PRO A 37 -12.70 15.00 -1.50
C PRO A 37 -12.51 13.49 -1.60
N LYS A 38 -11.54 13.04 -2.35
CA LYS A 38 -11.31 11.59 -2.48
C LYS A 38 -9.82 11.31 -2.71
N ARG A 39 -9.39 10.12 -2.44
CA ARG A 39 -7.96 9.76 -2.64
C ARG A 39 -7.85 8.32 -3.10
N GLU A 40 -7.11 8.09 -4.16
CA GLU A 40 -6.95 6.71 -4.66
C GLU A 40 -5.79 6.06 -3.93
N ILE A 41 -5.92 4.82 -3.55
CA ILE A 41 -4.81 4.15 -2.82
C ILE A 41 -4.27 3.00 -3.67
N ARG A 42 -3.10 2.51 -3.34
CA ARG A 42 -2.51 1.40 -4.13
C ARG A 42 -1.76 0.46 -3.18
N ARG A 43 -1.35 -0.69 -3.64
CA ARG A 43 -0.63 -1.63 -2.74
C ARG A 43 0.41 -2.43 -3.53
N GLU A 44 1.34 -3.06 -2.85
CA GLU A 44 2.40 -3.84 -3.57
C GLU A 44 3.58 -4.12 -2.61
N CYS A 45 4.48 -4.97 -3.00
CA CYS A 45 5.65 -5.27 -2.13
C CYS A 45 6.85 -4.43 -2.59
N ALA A 46 7.64 -3.93 -1.67
CA ALA A 46 8.81 -3.10 -2.07
C ALA A 46 9.82 -3.04 -0.92
N ALA A 47 10.76 -2.12 -0.99
CA ALA A 47 11.75 -1.99 0.12
C ALA A 47 11.13 -1.14 1.23
N THR A 48 10.07 -0.44 0.89
CA THR A 48 9.36 0.41 1.87
C THR A 48 8.03 0.76 1.23
N CYS A 49 8.08 1.70 0.33
CA CYS A 49 6.88 2.15 -0.41
C CYS A 49 7.36 2.90 -1.64
N PRO A 50 6.68 2.73 -2.75
CA PRO A 50 7.07 3.40 -4.00
C PRO A 50 6.88 4.93 -3.98
N PRO A 51 5.86 5.41 -3.33
CA PRO A 51 5.61 6.86 -3.20
C PRO A 51 6.40 7.36 -2.01
N SER A 52 7.68 7.27 -2.09
CA SER A 52 8.52 7.70 -0.94
C SER A 52 8.24 9.15 -0.58
N LYS A 53 7.90 9.96 -1.54
CA LYS A 53 7.60 11.38 -1.21
C LYS A 53 6.42 11.38 -0.25
N LEU A 54 6.58 11.87 0.94
CA LEU A 54 5.43 11.84 1.88
C LEU A 54 4.37 12.82 1.40
N GLY A 55 4.67 13.61 0.39
CA GLY A 55 3.62 14.52 -0.13
C GLY A 55 2.46 13.60 -0.51
N LEU A 56 2.81 12.39 -0.89
CA LEU A 56 1.81 11.36 -1.22
C LEU A 56 1.66 10.49 0.03
N THR A 57 0.51 9.94 0.28
CA THR A 57 0.36 9.12 1.51
C THR A 57 1.18 7.83 1.41
N VAL A 58 2.04 7.58 2.36
CA VAL A 58 2.85 6.33 2.34
C VAL A 58 2.61 5.53 3.61
N PHE A 59 2.65 4.24 3.52
CA PHE A 59 2.49 3.42 4.73
C PHE A 59 3.09 2.05 4.47
N CYS A 60 4.34 1.87 4.81
CA CYS A 60 5.00 0.56 4.58
C CYS A 60 4.92 -0.27 5.85
N CYS A 61 5.49 -1.44 5.82
CA CYS A 61 5.47 -2.31 7.04
C CYS A 61 6.34 -3.55 6.80
N THR A 62 7.02 -4.00 7.83
CA THR A 62 7.87 -5.21 7.67
C THR A 62 7.31 -6.36 8.49
N THR A 63 6.26 -6.98 8.02
CA THR A 63 5.65 -8.10 8.78
C THR A 63 4.72 -8.90 7.86
N ASP A 64 4.57 -10.17 8.09
CA ASP A 64 3.67 -10.99 7.23
C ASP A 64 2.37 -10.20 7.04
N ASN A 65 2.02 -9.91 5.81
CA ASN A 65 0.77 -9.14 5.53
C ASN A 65 0.51 -8.14 6.68
N CYS A 66 1.17 -7.02 6.67
CA CYS A 66 0.96 -6.03 7.78
C CYS A 66 0.14 -4.82 7.27
N ASN A 67 0.07 -4.61 5.98
CA ASN A 67 -0.70 -3.46 5.47
C ASN A 67 -2.16 -3.86 5.23
N HIS A 68 -2.80 -4.40 6.24
CA HIS A 68 -4.22 -4.81 6.08
C HIS A 68 -5.14 -3.60 6.30
N MET A 1 7.93 -11.68 -0.49
CA MET A 1 7.61 -11.71 0.97
C MET A 1 6.10 -11.82 1.17
N GLN A 2 5.62 -11.39 2.29
CA GLN A 2 4.17 -11.46 2.55
C GLN A 2 3.69 -10.14 3.17
N CYS A 3 2.78 -9.47 2.52
CA CYS A 3 2.26 -8.20 3.10
C CYS A 3 0.82 -8.01 2.63
N LYS A 4 -0.06 -7.51 3.47
CA LYS A 4 -1.45 -7.29 3.02
C LYS A 4 -1.43 -6.30 1.86
N THR A 5 -1.96 -6.66 0.73
CA THR A 5 -1.94 -5.74 -0.45
C THR A 5 -3.11 -6.05 -1.37
N CYS A 6 -4.30 -6.14 -0.83
CA CYS A 6 -5.48 -6.42 -1.69
C CYS A 6 -5.78 -5.22 -2.57
N SER A 7 -6.53 -4.28 -2.08
CA SER A 7 -6.85 -3.07 -2.90
C SER A 7 -7.74 -2.12 -2.10
N PHE A 8 -8.58 -2.66 -1.26
CA PHE A 8 -9.49 -1.78 -0.46
C PHE A 8 -8.78 -1.35 0.83
N TYR A 9 -9.50 -0.70 1.71
CA TYR A 9 -8.88 -0.23 2.99
C TYR A 9 -9.36 -1.13 4.12
N THR A 10 -9.56 -2.39 3.84
CA THR A 10 -10.05 -3.31 4.88
C THR A 10 -10.10 -4.73 4.32
N CYS A 11 -8.97 -5.23 3.92
CA CYS A 11 -8.93 -6.60 3.34
C CYS A 11 -8.66 -7.62 4.45
N PRO A 12 -9.65 -8.41 4.75
CA PRO A 12 -9.51 -9.46 5.77
C PRO A 12 -8.66 -10.60 5.22
N ASN A 13 -8.45 -10.60 3.93
CA ASN A 13 -7.62 -11.66 3.31
C ASN A 13 -6.14 -11.25 3.41
N SER A 14 -5.28 -11.91 2.68
CA SER A 14 -3.83 -11.54 2.74
C SER A 14 -3.20 -11.65 1.36
N GLU A 15 -2.31 -10.76 1.03
CA GLU A 15 -1.65 -10.81 -0.30
C GLU A 15 -0.15 -11.05 -0.12
N THR A 16 0.24 -12.28 -0.01
CA THR A 16 1.68 -12.61 0.19
C THR A 16 2.52 -12.08 -1.00
N CYS A 17 3.32 -11.08 -0.77
CA CYS A 17 4.18 -10.55 -1.86
C CYS A 17 4.85 -11.72 -2.57
N PRO A 18 5.42 -11.46 -3.72
CA PRO A 18 6.09 -12.49 -4.51
C PRO A 18 7.39 -12.95 -3.82
N ASP A 19 8.02 -13.98 -4.32
CA ASP A 19 9.26 -14.48 -3.68
C ASP A 19 10.47 -13.69 -4.17
N GLY A 20 10.33 -12.41 -4.29
CA GLY A 20 11.47 -11.57 -4.75
C GLY A 20 11.26 -10.14 -4.25
N LYS A 21 10.48 -9.98 -3.22
CA LYS A 21 10.23 -8.63 -2.67
C LYS A 21 10.54 -8.62 -1.19
N ASN A 22 10.10 -7.61 -0.47
CA ASN A 22 10.43 -7.59 0.99
C ASN A 22 9.47 -6.70 1.80
N ILE A 23 8.54 -6.01 1.19
CA ILE A 23 7.67 -5.14 2.03
C ILE A 23 6.38 -4.75 1.30
N CYS A 24 5.48 -4.13 2.02
CA CYS A 24 4.23 -3.62 1.40
C CYS A 24 4.40 -2.13 1.15
N VAL A 25 3.73 -1.59 0.18
CA VAL A 25 3.88 -0.15 -0.08
C VAL A 25 2.58 0.42 -0.65
N LYS A 26 1.96 1.30 0.08
CA LYS A 26 0.70 1.90 -0.41
C LYS A 26 0.76 3.41 -0.19
N ARG A 27 0.36 4.17 -1.17
CA ARG A 27 0.38 5.65 -1.04
C ARG A 27 -1.05 6.17 -0.95
N SER A 28 -1.22 7.45 -0.77
CA SER A 28 -2.60 7.98 -0.68
C SER A 28 -2.58 9.48 -0.94
N TRP A 29 -3.09 9.90 -2.06
CA TRP A 29 -3.14 11.34 -2.37
C TRP A 29 -4.61 11.71 -2.49
N THR A 30 -4.93 12.91 -2.85
CA THR A 30 -6.37 13.26 -2.95
C THR A 30 -6.74 13.62 -4.39
N ALA A 31 -5.89 13.28 -5.30
CA ALA A 31 -6.15 13.59 -6.73
C ALA A 31 -7.38 12.81 -7.22
N VAL A 32 -7.88 11.91 -6.43
CA VAL A 32 -9.07 11.12 -6.86
C VAL A 32 -10.32 12.00 -6.76
N ARG A 33 -10.80 12.49 -7.88
CA ARG A 33 -12.02 13.35 -7.85
C ARG A 33 -13.06 12.82 -8.84
N GLY A 34 -12.69 11.86 -9.64
CA GLY A 34 -13.66 11.31 -10.64
C GLY A 34 -14.74 10.49 -9.92
N ASP A 35 -14.45 10.02 -8.74
CA ASP A 35 -15.45 9.21 -8.00
C ASP A 35 -15.81 9.91 -6.69
N GLY A 36 -14.86 10.50 -6.04
CA GLY A 36 -15.15 11.20 -4.75
C GLY A 36 -13.86 11.81 -4.20
N PRO A 37 -14.01 12.84 -3.42
CA PRO A 37 -12.88 13.55 -2.80
C PRO A 37 -12.38 12.79 -1.56
N LYS A 38 -11.72 11.68 -1.77
CA LYS A 38 -11.20 10.90 -0.60
C LYS A 38 -9.68 10.87 -0.66
N ARG A 39 -9.10 9.79 -1.13
CA ARG A 39 -7.62 9.72 -1.20
C ARG A 39 -7.19 8.62 -2.18
N GLU A 40 -6.76 9.00 -3.34
CA GLU A 40 -6.30 8.00 -4.35
C GLU A 40 -5.17 7.16 -3.75
N ILE A 41 -5.46 6.03 -3.18
CA ILE A 41 -4.36 5.21 -2.60
C ILE A 41 -3.97 4.08 -3.55
N ARG A 42 -2.87 3.44 -3.26
CA ARG A 42 -2.39 2.32 -4.14
C ARG A 42 -1.61 1.33 -3.27
N ARG A 43 -1.27 0.17 -3.79
CA ARG A 43 -0.51 -0.82 -2.97
C ARG A 43 0.47 -1.59 -3.86
N GLU A 44 1.41 -2.28 -3.26
CA GLU A 44 2.40 -3.06 -4.07
C GLU A 44 3.48 -3.64 -3.14
N CYS A 45 4.48 -4.28 -3.69
CA CYS A 45 5.56 -4.86 -2.83
C CYS A 45 6.90 -4.18 -3.18
N ALA A 46 7.70 -3.87 -2.19
CA ALA A 46 9.01 -3.20 -2.45
C ALA A 46 9.93 -3.39 -1.23
N ALA A 47 10.99 -2.63 -1.18
CA ALA A 47 11.90 -2.70 0.00
C ALA A 47 11.29 -1.74 1.03
N THR A 48 10.67 -0.71 0.53
CA THR A 48 9.97 0.28 1.39
C THR A 48 8.88 0.91 0.57
N CYS A 49 8.10 1.71 1.19
CA CYS A 49 7.05 2.44 0.45
C CYS A 49 7.77 3.59 -0.25
N PRO A 50 7.15 4.18 -1.23
CA PRO A 50 7.78 5.30 -1.97
C PRO A 50 8.04 6.48 -1.01
N PRO A 51 9.31 6.67 -0.70
CA PRO A 51 9.71 7.74 0.22
C PRO A 51 9.48 9.09 -0.42
N SER A 52 8.38 9.70 -0.13
CA SER A 52 8.11 11.01 -0.74
C SER A 52 8.22 12.10 0.34
N LYS A 53 7.78 13.29 0.05
CA LYS A 53 7.83 14.37 1.08
C LYS A 53 6.46 14.42 1.76
N LEU A 54 5.78 13.30 1.72
CA LEU A 54 4.42 13.20 2.31
C LEU A 54 3.40 13.86 1.39
N GLY A 55 3.83 14.52 0.35
CA GLY A 55 2.82 15.09 -0.58
C GLY A 55 1.99 13.88 -1.02
N LEU A 56 2.64 12.75 -0.98
CA LEU A 56 1.98 11.46 -1.28
C LEU A 56 2.16 10.61 -0.02
N THR A 57 1.14 10.46 0.77
CA THR A 57 1.28 9.69 2.04
C THR A 57 1.73 8.25 1.76
N VAL A 58 2.94 7.91 2.16
CA VAL A 58 3.41 6.52 1.92
C VAL A 58 3.00 5.63 3.09
N PHE A 59 2.98 4.35 2.87
CA PHE A 59 2.64 3.42 3.97
C PHE A 59 3.31 2.07 3.70
N CYS A 60 4.43 1.84 4.30
CA CYS A 60 5.16 0.56 4.06
C CYS A 60 5.22 -0.25 5.36
N CYS A 61 5.29 -1.55 5.24
CA CYS A 61 5.37 -2.40 6.48
C CYS A 61 6.46 -3.45 6.30
N THR A 62 6.94 -4.00 7.37
CA THR A 62 8.01 -5.03 7.27
C THR A 62 7.60 -6.28 8.06
N THR A 63 6.60 -6.97 7.60
CA THR A 63 6.16 -8.20 8.31
C THR A 63 5.19 -8.98 7.41
N ASP A 64 5.00 -10.25 7.67
CA ASP A 64 4.07 -11.03 6.81
C ASP A 64 2.71 -10.32 6.81
N ASN A 65 2.03 -10.35 5.70
CA ASN A 65 0.69 -9.69 5.57
C ASN A 65 0.50 -8.60 6.63
N CYS A 66 1.02 -7.42 6.40
CA CYS A 66 0.84 -6.34 7.42
C CYS A 66 0.72 -4.98 6.75
N ASN A 67 -0.49 -4.51 6.59
CA ASN A 67 -0.74 -3.19 5.97
C ASN A 67 -2.25 -2.96 5.96
N HIS A 68 -3.00 -4.01 5.74
CA HIS A 68 -4.48 -3.88 5.73
C HIS A 68 -5.11 -5.23 5.41
N MET A 1 8.15 -13.68 2.87
CA MET A 1 7.48 -12.39 3.24
C MET A 1 6.08 -12.36 2.62
N GLN A 2 5.25 -11.51 3.14
CA GLN A 2 3.88 -11.36 2.62
C GLN A 2 3.40 -9.96 2.97
N CYS A 3 2.90 -9.22 2.02
CA CYS A 3 2.44 -7.86 2.34
C CYS A 3 1.17 -7.57 1.54
N LYS A 4 0.17 -6.99 2.15
CA LYS A 4 -1.07 -6.68 1.39
C LYS A 4 -0.85 -5.41 0.56
N THR A 5 -0.96 -5.51 -0.73
CA THR A 5 -0.73 -4.31 -1.59
C THR A 5 -2.01 -3.48 -1.68
N CYS A 6 -2.65 -3.22 -0.58
CA CYS A 6 -3.90 -2.41 -0.59
C CYS A 6 -4.14 -1.84 0.81
N SER A 7 -4.42 -0.58 0.91
CA SER A 7 -4.67 0.02 2.26
C SER A 7 -6.13 -0.19 2.64
N PHE A 8 -6.64 -1.37 2.42
CA PHE A 8 -8.06 -1.66 2.76
C PHE A 8 -8.97 -1.04 1.70
N TYR A 9 -8.40 -0.37 0.75
CA TYR A 9 -9.22 0.24 -0.32
C TYR A 9 -9.88 -0.90 -1.10
N THR A 10 -9.47 -2.12 -0.87
CA THR A 10 -10.09 -3.25 -1.62
C THR A 10 -9.43 -4.58 -1.22
N CYS A 11 -8.96 -4.72 -0.02
CA CYS A 11 -8.31 -6.01 0.34
C CYS A 11 -8.72 -6.47 1.74
N PRO A 12 -9.78 -7.23 1.79
CA PRO A 12 -10.30 -7.80 3.04
C PRO A 12 -9.51 -9.05 3.41
N ASN A 13 -8.71 -9.54 2.49
CA ASN A 13 -7.92 -10.77 2.77
C ASN A 13 -6.42 -10.44 2.84
N SER A 14 -5.57 -11.30 2.35
CA SER A 14 -4.11 -11.03 2.40
C SER A 14 -3.45 -11.40 1.07
N GLU A 15 -2.18 -11.09 0.90
CA GLU A 15 -1.48 -11.44 -0.36
C GLU A 15 0.04 -11.44 -0.16
N THR A 16 0.66 -12.58 -0.26
CA THR A 16 2.14 -12.67 -0.10
C THR A 16 2.83 -11.80 -1.16
N CYS A 17 4.09 -11.53 -1.00
CA CYS A 17 4.81 -10.68 -2.00
C CYS A 17 5.47 -11.56 -3.07
N PRO A 18 5.81 -10.95 -4.17
CA PRO A 18 6.45 -11.64 -5.30
C PRO A 18 7.95 -11.82 -5.08
N ASP A 19 8.56 -12.70 -5.84
CA ASP A 19 10.03 -12.94 -5.71
C ASP A 19 10.48 -12.85 -4.26
N GLY A 20 11.73 -12.60 -4.04
CA GLY A 20 12.26 -12.49 -2.65
C GLY A 20 12.02 -11.07 -2.12
N LYS A 21 10.79 -10.65 -2.08
CA LYS A 21 10.48 -9.29 -1.57
C LYS A 21 10.51 -9.30 -0.05
N ASN A 22 9.92 -8.33 0.59
CA ASN A 22 9.94 -8.35 2.09
C ASN A 22 9.04 -7.27 2.71
N ILE A 23 8.42 -6.39 1.96
CA ILE A 23 7.58 -5.36 2.64
C ILE A 23 6.49 -4.81 1.70
N CYS A 24 5.59 -4.05 2.26
CA CYS A 24 4.53 -3.41 1.44
C CYS A 24 4.81 -1.92 1.40
N VAL A 25 4.25 -1.24 0.45
CA VAL A 25 4.48 0.22 0.37
C VAL A 25 3.25 0.87 -0.26
N LYS A 26 2.65 1.80 0.42
CA LYS A 26 1.45 2.45 -0.15
C LYS A 26 1.55 3.96 0.04
N ARG A 27 0.84 4.69 -0.76
CA ARG A 27 0.87 6.18 -0.64
C ARG A 27 -0.58 6.64 -0.42
N SER A 28 -0.79 7.87 -0.04
CA SER A 28 -2.20 8.31 0.21
C SER A 28 -2.29 9.83 0.18
N TRP A 29 -3.17 10.35 -0.67
CA TRP A 29 -3.37 11.83 -0.80
C TRP A 29 -4.85 12.13 -1.01
N THR A 30 -5.25 13.31 -0.66
CA THR A 30 -6.66 13.70 -0.87
C THR A 30 -6.78 14.28 -2.27
N ALA A 31 -7.77 13.89 -3.00
CA ALA A 31 -7.88 14.41 -4.39
C ALA A 31 -9.27 14.08 -4.96
N VAL A 32 -9.39 14.04 -6.25
CA VAL A 32 -10.73 13.74 -6.85
C VAL A 32 -10.89 12.23 -7.00
N ARG A 33 -12.08 11.75 -6.82
CA ARG A 33 -12.33 10.28 -6.94
C ARG A 33 -13.44 10.04 -7.96
N GLY A 34 -13.87 8.82 -8.11
CA GLY A 34 -14.96 8.53 -9.08
C GLY A 34 -16.27 9.15 -8.58
N ASP A 35 -16.64 8.82 -7.36
CA ASP A 35 -17.90 9.40 -6.80
C ASP A 35 -17.87 9.28 -5.27
N GLY A 36 -16.79 9.70 -4.65
CA GLY A 36 -16.71 9.61 -3.17
C GLY A 36 -15.37 10.21 -2.71
N PRO A 37 -15.39 10.82 -1.56
CA PRO A 37 -14.20 11.45 -0.97
C PRO A 37 -13.31 10.38 -0.32
N LYS A 38 -12.04 10.35 -0.69
CA LYS A 38 -11.13 9.33 -0.09
C LYS A 38 -9.69 9.62 -0.52
N ARG A 39 -8.74 9.16 0.26
CA ARG A 39 -7.31 9.39 -0.10
C ARG A 39 -6.89 8.39 -1.16
N GLU A 40 -6.81 8.81 -2.39
CA GLU A 40 -6.40 7.85 -3.46
C GLU A 40 -5.02 7.31 -3.08
N ILE A 41 -4.95 6.06 -2.71
CA ILE A 41 -3.65 5.49 -2.28
C ILE A 41 -2.99 4.73 -3.42
N ARG A 42 -1.91 4.06 -3.11
CA ARG A 42 -1.17 3.27 -4.13
C ARG A 42 -0.47 2.13 -3.38
N ARG A 43 0.04 1.14 -4.07
CA ARG A 43 0.70 0.02 -3.32
C ARG A 43 1.86 -0.59 -4.12
N GLU A 44 2.61 -1.46 -3.48
CA GLU A 44 3.77 -2.12 -4.15
C GLU A 44 4.58 -2.90 -3.10
N CYS A 45 5.44 -3.79 -3.52
CA CYS A 45 6.25 -4.56 -2.53
C CYS A 45 7.72 -4.13 -2.62
N ALA A 46 8.38 -3.97 -1.50
CA ALA A 46 9.80 -3.56 -1.52
C ALA A 46 10.47 -3.88 -0.18
N ALA A 47 11.52 -3.17 0.14
CA ALA A 47 12.20 -3.37 1.45
C ALA A 47 11.57 -2.37 2.42
N THR A 48 11.16 -1.25 1.90
CA THR A 48 10.48 -0.21 2.71
C THR A 48 9.47 0.47 1.82
N CYS A 49 8.92 1.53 2.29
CA CYS A 49 7.98 2.28 1.48
C CYS A 49 8.80 3.42 0.85
N PRO A 50 8.39 3.88 -0.30
CA PRO A 50 9.11 4.94 -1.04
C PRO A 50 9.06 6.27 -0.29
N PRO A 51 9.67 7.28 -0.85
CA PRO A 51 9.68 8.61 -0.25
C PRO A 51 8.29 9.20 -0.41
N SER A 52 7.72 9.04 -1.57
CA SER A 52 6.36 9.55 -1.81
C SER A 52 5.86 9.07 -3.18
N LYS A 53 4.58 8.91 -3.33
CA LYS A 53 4.05 8.47 -4.65
C LYS A 53 4.34 9.59 -5.63
N LEU A 54 4.10 10.79 -5.20
CA LEU A 54 4.38 11.99 -6.02
C LEU A 54 5.07 12.99 -5.10
N GLY A 55 4.53 13.14 -3.93
CA GLY A 55 5.13 14.07 -2.93
C GLY A 55 4.25 14.05 -1.67
N LEU A 56 3.65 12.93 -1.36
CA LEU A 56 2.75 12.91 -0.16
C LEU A 56 3.20 11.86 0.88
N THR A 57 2.30 11.04 1.42
CA THR A 57 2.75 10.09 2.49
C THR A 57 3.00 8.66 1.97
N VAL A 58 3.95 7.98 2.57
CA VAL A 58 4.23 6.57 2.20
C VAL A 58 3.58 5.67 3.24
N PHE A 59 3.73 4.39 3.11
CA PHE A 59 3.16 3.47 4.12
C PHE A 59 3.88 2.11 3.98
N CYS A 60 4.86 1.87 4.79
CA CYS A 60 5.59 0.57 4.67
C CYS A 60 5.22 -0.35 5.84
N CYS A 61 5.09 -1.62 5.57
CA CYS A 61 4.73 -2.59 6.65
C CYS A 61 5.71 -3.75 6.63
N THR A 62 5.88 -4.43 7.74
CA THR A 62 6.83 -5.58 7.78
C THR A 62 6.16 -6.77 8.46
N THR A 63 4.95 -7.09 8.06
CA THR A 63 4.24 -8.24 8.68
C THR A 63 3.44 -8.97 7.61
N ASP A 64 3.35 -10.27 7.69
CA ASP A 64 2.57 -11.02 6.67
C ASP A 64 1.25 -10.31 6.44
N ASN A 65 0.97 -9.93 5.22
CA ASN A 65 -0.31 -9.22 4.89
C ASN A 65 -0.81 -8.40 6.09
N CYS A 66 -0.52 -7.13 6.16
CA CYS A 66 -0.98 -6.34 7.33
C CYS A 66 -1.91 -5.19 6.89
N ASN A 67 -1.56 -4.45 5.88
CA ASN A 67 -2.44 -3.33 5.44
C ASN A 67 -3.48 -3.85 4.47
N HIS A 68 -4.70 -4.03 4.92
CA HIS A 68 -5.76 -4.54 4.02
C HIS A 68 -7.08 -4.62 4.79
N MET A 1 8.60 -13.45 1.69
CA MET A 1 7.91 -12.45 2.56
C MET A 1 6.42 -12.42 2.23
N GLN A 2 5.68 -11.54 2.84
CA GLN A 2 4.23 -11.44 2.57
C GLN A 2 3.74 -10.07 3.02
N CYS A 3 3.03 -9.39 2.18
CA CYS A 3 2.53 -8.04 2.55
C CYS A 3 1.25 -7.74 1.76
N LYS A 4 0.15 -7.58 2.44
CA LYS A 4 -1.13 -7.31 1.74
C LYS A 4 -0.92 -6.28 0.63
N THR A 5 -1.74 -6.32 -0.38
CA THR A 5 -1.61 -5.35 -1.51
C THR A 5 -2.95 -5.25 -2.24
N CYS A 6 -4.02 -5.06 -1.51
CA CYS A 6 -5.36 -4.96 -2.17
C CYS A 6 -5.55 -3.53 -2.68
N SER A 7 -6.79 -3.12 -2.83
CA SER A 7 -7.05 -1.74 -3.33
C SER A 7 -8.09 -1.06 -2.44
N PHE A 8 -8.56 -1.74 -1.43
CA PHE A 8 -9.59 -1.13 -0.53
C PHE A 8 -8.89 -0.58 0.71
N TYR A 9 -9.61 0.14 1.54
CA TYR A 9 -9.00 0.72 2.77
C TYR A 9 -8.51 -0.41 3.68
N THR A 10 -8.90 -1.62 3.42
CA THR A 10 -8.46 -2.75 4.28
C THR A 10 -8.43 -4.03 3.47
N CYS A 11 -7.83 -5.06 4.01
CA CYS A 11 -7.77 -6.35 3.27
C CYS A 11 -8.40 -7.46 4.13
N PRO A 12 -9.43 -8.08 3.62
CA PRO A 12 -10.13 -9.17 4.32
C PRO A 12 -9.30 -10.45 4.22
N ASN A 13 -8.42 -10.50 3.26
CA ASN A 13 -7.57 -11.72 3.10
C ASN A 13 -6.10 -11.30 3.17
N SER A 14 -5.20 -12.25 3.18
CA SER A 14 -3.75 -11.90 3.25
C SER A 14 -3.15 -11.90 1.84
N GLU A 15 -2.16 -11.08 1.61
CA GLU A 15 -1.54 -11.04 0.26
C GLU A 15 -0.02 -11.16 0.39
N THR A 16 0.52 -12.27 0.00
CA THR A 16 1.99 -12.47 0.08
C THR A 16 2.70 -11.70 -1.04
N CYS A 17 4.00 -11.63 -0.98
CA CYS A 17 4.76 -10.89 -2.04
C CYS A 17 5.47 -11.92 -2.92
N PRO A 18 5.90 -11.48 -4.08
CA PRO A 18 6.59 -12.35 -5.04
C PRO A 18 8.02 -12.64 -4.57
N ASP A 19 8.74 -13.44 -5.31
CA ASP A 19 10.14 -13.78 -4.91
C ASP A 19 11.10 -12.70 -5.39
N GLY A 20 10.72 -11.46 -5.24
CA GLY A 20 11.62 -10.35 -5.68
C GLY A 20 11.46 -9.17 -4.73
N LYS A 21 10.26 -8.91 -4.28
CA LYS A 21 10.04 -7.78 -3.36
C LYS A 21 10.44 -8.20 -1.96
N ASN A 22 10.08 -7.42 -0.98
CA ASN A 22 10.49 -7.77 0.42
C ASN A 22 9.72 -6.98 1.47
N ILE A 23 8.68 -6.28 1.14
CA ILE A 23 7.99 -5.52 2.22
C ILE A 23 6.56 -5.14 1.84
N CYS A 24 5.89 -4.56 2.80
CA CYS A 24 4.51 -4.08 2.59
C CYS A 24 4.57 -2.57 2.37
N VAL A 25 3.72 -2.03 1.54
CA VAL A 25 3.75 -0.56 1.31
C VAL A 25 2.35 -0.06 0.99
N LYS A 26 2.06 1.18 1.32
CA LYS A 26 0.69 1.71 1.05
C LYS A 26 0.80 3.18 0.60
N ARG A 27 -0.12 3.61 -0.21
CA ARG A 27 -0.12 5.02 -0.69
C ARG A 27 -1.39 5.71 -0.22
N SER A 28 -1.27 6.82 0.44
CA SER A 28 -2.50 7.51 0.93
C SER A 28 -2.42 8.99 0.57
N TRP A 29 -3.16 9.41 -0.43
CA TRP A 29 -3.12 10.85 -0.83
C TRP A 29 -4.55 11.38 -0.92
N THR A 30 -4.70 12.67 -1.03
CA THR A 30 -6.06 13.26 -1.10
C THR A 30 -6.35 13.79 -2.50
N ALA A 31 -5.42 13.65 -3.39
CA ALA A 31 -5.62 14.15 -4.78
C ALA A 31 -6.88 13.51 -5.38
N VAL A 32 -7.63 14.26 -6.13
CA VAL A 32 -8.86 13.70 -6.74
C VAL A 32 -8.49 12.95 -8.01
N ARG A 33 -9.31 12.01 -8.40
CA ARG A 33 -9.01 11.24 -9.64
C ARG A 33 -10.22 11.30 -10.58
N GLY A 34 -11.13 10.37 -10.46
CA GLY A 34 -12.32 10.37 -11.35
C GLY A 34 -13.44 11.18 -10.69
N ASP A 35 -14.25 10.55 -9.90
CA ASP A 35 -15.36 11.28 -9.23
C ASP A 35 -15.49 10.82 -7.77
N GLY A 36 -14.54 11.17 -6.95
CA GLY A 36 -14.60 10.75 -5.53
C GLY A 36 -13.63 11.60 -4.71
N PRO A 37 -14.16 12.54 -3.98
CA PRO A 37 -13.37 13.46 -3.13
C PRO A 37 -12.99 12.78 -1.82
N LYS A 38 -11.78 12.32 -1.70
CA LYS A 38 -11.35 11.65 -0.44
C LYS A 38 -9.89 11.21 -0.55
N ARG A 39 -9.37 10.57 0.46
CA ARG A 39 -7.95 10.13 0.41
C ARG A 39 -7.85 8.84 -0.40
N GLU A 40 -7.51 8.94 -1.65
CA GLU A 40 -7.39 7.70 -2.48
C GLU A 40 -6.18 6.93 -1.99
N ILE A 41 -6.29 5.64 -1.82
CA ILE A 41 -5.11 4.87 -1.34
C ILE A 41 -4.85 3.66 -2.25
N ARG A 42 -3.83 2.91 -1.96
CA ARG A 42 -3.50 1.73 -2.79
C ARG A 42 -2.46 0.89 -2.05
N ARG A 43 -2.17 -0.29 -2.52
CA ARG A 43 -1.16 -1.14 -1.80
C ARG A 43 -0.33 -1.94 -2.80
N GLU A 44 0.75 -2.52 -2.32
CA GLU A 44 1.63 -3.32 -3.21
C GLU A 44 2.87 -3.73 -2.43
N CYS A 45 3.69 -4.60 -2.99
CA CYS A 45 4.92 -5.03 -2.26
C CYS A 45 6.07 -4.10 -2.65
N ALA A 46 6.99 -3.87 -1.75
CA ALA A 46 8.13 -2.97 -2.08
C ALA A 46 9.28 -3.23 -1.11
N ALA A 47 10.39 -2.55 -1.28
CA ALA A 47 11.53 -2.73 -0.35
C ALA A 47 11.33 -1.82 0.85
N THR A 48 10.51 -0.81 0.69
CA THR A 48 10.24 0.13 1.82
C THR A 48 9.21 1.14 1.40
N CYS A 49 9.11 2.18 2.16
CA CYS A 49 8.19 3.27 1.85
C CYS A 49 8.93 4.24 0.91
N PRO A 50 8.53 4.26 -0.34
CA PRO A 50 9.17 5.11 -1.37
C PRO A 50 8.93 6.60 -1.07
N PRO A 51 9.55 7.43 -1.87
CA PRO A 51 9.44 8.89 -1.73
C PRO A 51 8.11 9.34 -2.28
N SER A 52 7.40 10.16 -1.58
CA SER A 52 6.09 10.61 -2.12
C SER A 52 6.29 11.89 -2.95
N LYS A 53 5.21 12.45 -3.43
CA LYS A 53 5.32 13.68 -4.25
C LYS A 53 4.04 14.49 -4.08
N LEU A 54 3.04 14.19 -4.89
CA LEU A 54 1.73 14.88 -4.80
C LEU A 54 1.45 15.21 -3.34
N GLY A 55 1.24 14.19 -2.58
CA GLY A 55 0.98 14.35 -1.13
C GLY A 55 0.74 12.96 -0.58
N LEU A 56 1.48 12.01 -1.09
CA LEU A 56 1.32 10.60 -0.68
C LEU A 56 1.95 10.34 0.68
N THR A 57 1.32 9.51 1.46
CA THR A 57 1.87 9.14 2.77
C THR A 57 2.28 7.68 2.69
N VAL A 58 3.54 7.37 2.88
CA VAL A 58 3.96 5.95 2.77
C VAL A 58 3.60 5.19 4.05
N PHE A 59 3.27 3.95 3.89
CA PHE A 59 2.98 3.10 5.06
C PHE A 59 3.49 1.69 4.75
N CYS A 60 4.65 1.36 5.23
CA CYS A 60 5.22 0.01 4.94
C CYS A 60 5.19 -0.84 6.19
N CYS A 61 5.85 -1.95 6.16
CA CYS A 61 5.88 -2.85 7.34
C CYS A 61 6.71 -4.08 7.02
N THR A 62 7.24 -4.74 8.02
CA THR A 62 8.08 -5.94 7.76
C THR A 62 7.46 -7.15 8.44
N THR A 63 6.37 -7.64 7.93
CA THR A 63 5.72 -8.83 8.55
C THR A 63 4.75 -9.47 7.56
N ASP A 64 4.62 -10.77 7.59
CA ASP A 64 3.68 -11.44 6.66
C ASP A 64 2.32 -10.75 6.72
N ASN A 65 1.78 -10.36 5.58
CA ASN A 65 0.46 -9.68 5.57
C ASN A 65 0.33 -8.73 6.76
N CYS A 66 1.31 -7.89 6.98
CA CYS A 66 1.25 -6.96 8.14
C CYS A 66 0.26 -5.83 7.83
N ASN A 67 0.50 -5.06 6.80
CA ASN A 67 -0.43 -3.95 6.47
C ASN A 67 -1.81 -4.53 6.13
N HIS A 68 -2.65 -4.71 7.12
CA HIS A 68 -4.01 -5.27 6.84
C HIS A 68 -4.80 -4.28 5.99
N MET A 1 8.22 -11.26 -0.37
CA MET A 1 7.80 -11.19 1.05
C MET A 1 6.28 -11.25 1.14
N GLN A 2 5.76 -10.99 2.31
CA GLN A 2 4.29 -11.00 2.47
C GLN A 2 3.85 -9.61 2.88
N CYS A 3 3.23 -8.89 2.00
CA CYS A 3 2.79 -7.52 2.34
C CYS A 3 1.41 -7.26 1.72
N LYS A 4 0.38 -7.44 2.50
CA LYS A 4 -1.01 -7.26 1.99
C LYS A 4 -1.11 -6.04 1.09
N THR A 5 -1.47 -6.24 -0.14
CA THR A 5 -1.62 -5.10 -1.09
C THR A 5 -3.06 -5.11 -1.59
N CYS A 6 -4.00 -5.34 -0.70
CA CYS A 6 -5.43 -5.39 -1.15
C CYS A 6 -5.81 -4.05 -1.78
N SER A 7 -6.97 -3.98 -2.36
CA SER A 7 -7.41 -2.70 -2.99
C SER A 7 -8.44 -2.02 -2.10
N PHE A 8 -8.56 -2.47 -0.88
CA PHE A 8 -9.55 -1.85 0.05
C PHE A 8 -8.81 -1.27 1.26
N TYR A 9 -9.45 -1.23 2.39
CA TYR A 9 -8.78 -0.67 3.62
C TYR A 9 -8.96 -1.65 4.77
N THR A 10 -8.80 -2.92 4.52
CA THR A 10 -8.97 -3.93 5.60
C THR A 10 -8.64 -5.32 5.06
N CYS A 11 -7.50 -5.84 5.43
CA CYS A 11 -7.12 -7.20 4.94
C CYS A 11 -7.02 -8.16 6.13
N PRO A 12 -8.04 -8.95 6.31
CA PRO A 12 -8.09 -9.94 7.41
C PRO A 12 -7.20 -11.13 7.07
N ASN A 13 -6.99 -11.38 5.80
CA ASN A 13 -6.12 -12.52 5.40
C ASN A 13 -4.72 -12.01 5.07
N SER A 14 -3.80 -12.88 4.76
CA SER A 14 -2.42 -12.43 4.44
C SER A 14 -2.23 -12.43 2.92
N GLU A 15 -1.21 -11.80 2.43
CA GLU A 15 -0.98 -11.79 0.95
C GLU A 15 0.52 -11.83 0.63
N THR A 16 1.05 -13.01 0.46
CA THR A 16 2.50 -13.14 0.15
C THR A 16 2.80 -12.42 -1.17
N CYS A 17 3.40 -11.25 -1.10
CA CYS A 17 3.71 -10.51 -2.35
C CYS A 17 4.42 -11.44 -3.34
N PRO A 18 4.40 -11.05 -4.58
CA PRO A 18 5.00 -11.85 -5.67
C PRO A 18 6.53 -11.71 -5.73
N ASP A 19 7.17 -12.63 -6.39
CA ASP A 19 8.65 -12.59 -6.53
C ASP A 19 9.32 -12.27 -5.19
N GLY A 20 10.58 -11.93 -5.24
CA GLY A 20 11.33 -11.61 -3.99
C GLY A 20 11.05 -10.16 -3.61
N LYS A 21 9.85 -9.88 -3.20
CA LYS A 21 9.50 -8.49 -2.81
C LYS A 21 10.08 -8.24 -1.43
N ASN A 22 9.69 -7.18 -0.77
CA ASN A 22 10.29 -6.92 0.57
C ASN A 22 9.37 -6.10 1.48
N ILE A 23 8.63 -5.17 0.95
CA ILE A 23 7.80 -4.35 1.88
C ILE A 23 6.37 -4.18 1.37
N CYS A 24 5.56 -3.62 2.22
CA CYS A 24 4.14 -3.35 1.89
C CYS A 24 4.06 -1.85 1.62
N VAL A 25 3.10 -1.39 0.87
CA VAL A 25 3.04 0.07 0.61
C VAL A 25 1.60 0.55 0.49
N LYS A 26 1.15 1.28 1.49
CA LYS A 26 -0.24 1.82 1.46
C LYS A 26 -0.14 3.32 1.23
N ARG A 27 -0.38 3.76 0.02
CA ARG A 27 -0.27 5.22 -0.26
C ARG A 27 -1.65 5.86 -0.27
N SER A 28 -1.74 7.12 0.02
CA SER A 28 -3.06 7.81 0.01
C SER A 28 -2.85 9.31 -0.13
N TRP A 29 -3.54 9.93 -1.04
CA TRP A 29 -3.38 11.40 -1.24
C TRP A 29 -4.71 12.05 -1.54
N THR A 30 -4.84 13.29 -1.20
CA THR A 30 -6.09 14.02 -1.48
C THR A 30 -6.08 14.43 -2.94
N ALA A 31 -7.20 14.35 -3.60
CA ALA A 31 -7.22 14.74 -5.04
C ALA A 31 -8.63 14.57 -5.61
N VAL A 32 -9.08 15.54 -6.36
CA VAL A 32 -10.45 15.44 -6.95
C VAL A 32 -10.37 15.64 -8.47
N ARG A 33 -10.79 14.68 -9.22
CA ARG A 33 -10.72 14.81 -10.71
C ARG A 33 -12.14 14.76 -11.30
N GLY A 34 -12.54 13.64 -11.85
CA GLY A 34 -13.91 13.56 -12.43
C GLY A 34 -14.54 12.21 -12.05
N ASP A 35 -13.77 11.16 -12.08
CA ASP A 35 -14.32 9.82 -11.70
C ASP A 35 -13.47 9.23 -10.59
N GLY A 36 -13.56 9.77 -9.41
CA GLY A 36 -12.76 9.24 -8.27
C GLY A 36 -13.12 9.99 -6.99
N PRO A 37 -12.80 9.39 -5.87
CA PRO A 37 -13.08 9.99 -4.54
C PRO A 37 -12.06 11.08 -4.22
N LYS A 38 -11.90 11.39 -2.96
CA LYS A 38 -10.92 12.44 -2.56
C LYS A 38 -9.56 11.80 -2.29
N ARG A 39 -9.46 11.03 -1.25
CA ARG A 39 -8.16 10.37 -0.92
C ARG A 39 -8.00 9.10 -1.75
N GLU A 40 -7.28 9.18 -2.85
CA GLU A 40 -7.08 7.95 -3.68
C GLU A 40 -5.87 7.20 -3.14
N ILE A 41 -6.06 6.00 -2.65
CA ILE A 41 -4.91 5.24 -2.11
C ILE A 41 -4.50 4.14 -3.09
N ARG A 42 -3.59 3.30 -2.71
CA ARG A 42 -3.13 2.22 -3.62
C ARG A 42 -2.37 1.17 -2.81
N ARG A 43 -2.13 0.02 -3.38
CA ARG A 43 -1.39 -1.05 -2.63
C ARG A 43 -0.32 -1.66 -3.53
N GLU A 44 0.83 -1.98 -2.98
CA GLU A 44 1.90 -2.59 -3.82
C GLU A 44 3.04 -3.09 -2.91
N CYS A 45 4.14 -3.49 -3.51
CA CYS A 45 5.29 -3.98 -2.71
C CYS A 45 6.59 -3.32 -3.23
N ALA A 46 7.47 -2.96 -2.34
CA ALA A 46 8.74 -2.31 -2.78
C ALA A 46 9.77 -2.41 -1.65
N ALA A 47 10.86 -1.71 -1.76
CA ALA A 47 11.87 -1.73 -0.66
C ALA A 47 11.30 -0.92 0.50
N THR A 48 10.33 -0.09 0.19
CA THR A 48 9.65 0.75 1.22
C THR A 48 8.37 1.27 0.60
N CYS A 49 8.52 2.22 -0.25
CA CYS A 49 7.34 2.84 -0.92
C CYS A 49 7.87 3.67 -2.10
N PRO A 50 7.56 3.24 -3.31
CA PRO A 50 8.03 3.89 -4.55
C PRO A 50 7.42 5.27 -4.90
N PRO A 51 6.20 5.51 -4.52
CA PRO A 51 5.53 6.79 -4.83
C PRO A 51 6.05 7.89 -3.91
N SER A 52 5.73 7.81 -2.65
CA SER A 52 6.20 8.86 -1.71
C SER A 52 6.89 8.19 -0.53
N LYS A 53 7.23 8.96 0.48
CA LYS A 53 7.90 8.37 1.67
C LYS A 53 6.98 8.53 2.88
N LEU A 54 6.52 9.72 3.12
CA LEU A 54 5.61 9.94 4.28
C LEU A 54 5.00 11.34 4.25
N GLY A 55 5.58 12.27 3.52
CA GLY A 55 4.97 13.61 3.45
C GLY A 55 3.54 13.41 2.97
N LEU A 56 3.35 12.35 2.23
CA LEU A 56 1.99 12.00 1.74
C LEU A 56 1.46 10.95 2.72
N THR A 57 0.69 9.98 2.29
CA THR A 57 0.24 8.95 3.26
C THR A 57 0.78 7.59 2.87
N VAL A 58 1.95 7.25 3.31
CA VAL A 58 2.49 5.90 2.98
C VAL A 58 2.48 5.05 4.22
N PHE A 59 2.11 3.82 4.08
CA PHE A 59 2.14 2.92 5.23
C PHE A 59 3.01 1.75 4.80
N CYS A 60 4.29 2.02 4.70
CA CYS A 60 5.26 0.99 4.26
C CYS A 60 5.61 0.12 5.47
N CYS A 61 5.50 -1.18 5.32
CA CYS A 61 5.80 -2.07 6.48
C CYS A 61 6.69 -3.24 6.05
N THR A 62 7.59 -3.65 6.89
CA THR A 62 8.49 -4.79 6.55
C THR A 62 8.12 -6.00 7.42
N THR A 63 6.93 -6.51 7.27
CA THR A 63 6.53 -7.69 8.10
C THR A 63 5.51 -8.54 7.33
N ASP A 64 5.37 -9.79 7.68
CA ASP A 64 4.40 -10.65 6.97
C ASP A 64 3.02 -9.97 6.99
N ASN A 65 2.36 -9.93 5.87
CA ASN A 65 1.01 -9.28 5.80
C ASN A 65 0.94 -8.11 6.78
N CYS A 66 1.72 -7.08 6.58
CA CYS A 66 1.69 -5.91 7.51
C CYS A 66 1.13 -4.68 6.81
N ASN A 67 -0.10 -4.74 6.36
CA ASN A 67 -0.70 -3.55 5.69
C ASN A 67 -2.23 -3.71 5.64
N HIS A 68 -2.83 -4.01 6.75
CA HIS A 68 -4.32 -4.17 6.77
C HIS A 68 -4.98 -2.80 6.92
N MET A 1 8.70 -11.01 -0.40
CA MET A 1 8.21 -11.08 1.01
C MET A 1 6.70 -11.26 1.00
N GLN A 2 6.10 -11.15 2.16
CA GLN A 2 4.64 -11.29 2.24
C GLN A 2 4.10 -10.02 2.88
N CYS A 3 3.33 -9.26 2.16
CA CYS A 3 2.77 -8.01 2.74
C CYS A 3 1.25 -8.02 2.53
N LYS A 4 0.56 -6.97 2.92
CA LYS A 4 -0.92 -6.95 2.71
C LYS A 4 -1.28 -5.87 1.68
N THR A 5 -1.47 -6.25 0.45
CA THR A 5 -1.83 -5.25 -0.60
C THR A 5 -3.15 -5.64 -1.28
N CYS A 6 -4.17 -5.88 -0.50
CA CYS A 6 -5.48 -6.26 -1.11
C CYS A 6 -6.12 -5.03 -1.76
N SER A 7 -7.35 -4.72 -1.42
CA SER A 7 -8.00 -3.52 -2.04
C SER A 7 -9.02 -2.93 -1.07
N PHE A 8 -8.62 -2.64 0.15
CA PHE A 8 -9.57 -2.06 1.13
C PHE A 8 -8.80 -1.56 2.36
N TYR A 9 -9.50 -1.22 3.40
CA TYR A 9 -8.81 -0.72 4.63
C TYR A 9 -9.10 -1.69 5.79
N THR A 10 -9.06 -2.96 5.54
CA THR A 10 -9.35 -3.94 6.62
C THR A 10 -9.26 -5.35 6.04
N CYS A 11 -8.08 -5.81 5.73
CA CYS A 11 -7.93 -7.17 5.16
C CYS A 11 -7.33 -8.11 6.21
N PRO A 12 -8.17 -8.91 6.81
CA PRO A 12 -7.75 -9.88 7.83
C PRO A 12 -7.05 -11.06 7.15
N ASN A 13 -7.21 -11.17 5.86
CA ASN A 13 -6.55 -12.29 5.12
C ASN A 13 -5.06 -11.97 4.97
N SER A 14 -4.47 -12.32 3.86
CA SER A 14 -3.02 -12.03 3.67
C SER A 14 -2.71 -11.97 2.17
N GLU A 15 -1.52 -11.58 1.82
CA GLU A 15 -1.16 -11.51 0.37
C GLU A 15 0.36 -11.57 0.21
N THR A 16 0.91 -12.75 0.05
CA THR A 16 2.37 -12.87 -0.12
C THR A 16 2.81 -12.16 -1.40
N CYS A 17 3.51 -11.06 -1.28
CA CYS A 17 3.96 -10.32 -2.49
C CYS A 17 4.50 -11.32 -3.53
N PRO A 18 4.51 -10.90 -4.76
CA PRO A 18 4.99 -11.73 -5.89
C PRO A 18 6.53 -11.72 -5.99
N ASP A 19 7.07 -12.68 -6.68
CA ASP A 19 8.56 -12.74 -6.85
C ASP A 19 9.28 -12.38 -5.54
N GLY A 20 10.51 -11.97 -5.65
CA GLY A 20 11.30 -11.58 -4.45
C GLY A 20 10.97 -10.15 -4.08
N LYS A 21 9.78 -9.90 -3.63
CA LYS A 21 9.38 -8.53 -3.25
C LYS A 21 9.96 -8.23 -1.87
N ASN A 22 9.48 -7.21 -1.20
CA ASN A 22 10.06 -6.91 0.14
C ASN A 22 9.14 -6.06 1.02
N ILE A 23 8.19 -5.34 0.48
CA ILE A 23 7.34 -4.51 1.39
C ILE A 23 5.97 -4.20 0.78
N CYS A 24 5.07 -3.77 1.61
CA CYS A 24 3.73 -3.33 1.13
C CYS A 24 3.78 -1.81 1.03
N VAL A 25 2.97 -1.23 0.23
CA VAL A 25 3.02 0.25 0.13
C VAL A 25 1.63 0.82 -0.10
N LYS A 26 1.03 1.32 0.95
CA LYS A 26 -0.33 1.90 0.81
C LYS A 26 -0.27 3.40 1.05
N ARG A 27 -0.63 4.18 0.07
CA ARG A 27 -0.60 5.66 0.25
C ARG A 27 -2.03 6.18 0.45
N SER A 28 -2.18 7.41 0.85
CA SER A 28 -3.54 7.94 1.07
C SER A 28 -3.54 9.46 0.90
N TRP A 29 -4.43 9.97 0.09
CA TRP A 29 -4.53 11.44 -0.13
C TRP A 29 -5.96 11.80 -0.46
N THR A 30 -6.28 13.06 -0.40
CA THR A 30 -7.67 13.50 -0.71
C THR A 30 -7.73 14.04 -2.14
N ALA A 31 -6.59 14.20 -2.76
CA ALA A 31 -6.57 14.73 -4.16
C ALA A 31 -7.40 13.83 -5.08
N VAL A 32 -7.40 14.14 -6.35
CA VAL A 32 -8.17 13.33 -7.32
C VAL A 32 -7.44 13.31 -8.67
N ARG A 33 -7.37 12.18 -9.31
CA ARG A 33 -6.66 12.11 -10.62
C ARG A 33 -7.69 11.96 -11.76
N GLY A 34 -7.93 10.76 -12.21
CA GLY A 34 -8.91 10.57 -13.31
C GLY A 34 -10.31 10.87 -12.79
N ASP A 35 -10.90 9.94 -12.08
CA ASP A 35 -12.27 10.17 -11.53
C ASP A 35 -12.37 9.54 -10.14
N GLY A 36 -11.25 9.30 -9.51
CA GLY A 36 -11.28 8.70 -8.15
C GLY A 36 -12.07 9.62 -7.20
N PRO A 37 -12.32 9.13 -6.02
CA PRO A 37 -13.07 9.88 -4.99
C PRO A 37 -12.15 10.91 -4.31
N LYS A 38 -12.54 11.39 -3.15
CA LYS A 38 -11.70 12.39 -2.43
C LYS A 38 -10.47 11.69 -1.86
N ARG A 39 -10.66 10.93 -0.81
CA ARG A 39 -9.51 10.22 -0.20
C ARG A 39 -9.18 8.98 -1.03
N GLU A 40 -8.34 9.14 -2.01
CA GLU A 40 -7.97 7.96 -2.86
C GLU A 40 -6.69 7.34 -2.31
N ILE A 41 -6.70 6.06 -2.07
CA ILE A 41 -5.47 5.40 -1.55
C ILE A 41 -4.94 4.45 -2.60
N ARG A 42 -4.03 3.60 -2.24
CA ARG A 42 -3.48 2.64 -3.24
C ARG A 42 -2.60 1.61 -2.52
N ARG A 43 -2.19 0.57 -3.20
CA ARG A 43 -1.33 -0.45 -2.53
C ARG A 43 -0.38 -1.07 -3.57
N GLU A 44 0.77 -1.50 -3.14
CA GLU A 44 1.74 -2.11 -4.09
C GLU A 44 2.88 -2.75 -3.31
N CYS A 45 3.79 -3.41 -3.97
CA CYS A 45 4.92 -4.05 -3.23
C CYS A 45 6.25 -3.45 -3.71
N ALA A 46 7.11 -3.11 -2.78
CA ALA A 46 8.41 -2.50 -3.15
C ALA A 46 9.40 -2.63 -1.99
N ALA A 47 10.38 -1.77 -1.95
CA ALA A 47 11.37 -1.81 -0.83
C ALA A 47 10.81 -0.99 0.33
N THR A 48 10.14 0.09 0.02
CA THR A 48 9.52 0.94 1.07
C THR A 48 8.12 1.28 0.62
N CYS A 49 8.05 2.22 -0.27
CA CYS A 49 6.75 2.68 -0.81
C CYS A 49 7.02 3.34 -2.17
N PRO A 50 5.97 3.74 -2.86
CA PRO A 50 6.14 4.40 -4.18
C PRO A 50 6.89 5.73 -4.00
N PRO A 51 7.13 6.42 -5.08
CA PRO A 51 7.87 7.69 -5.05
C PRO A 51 7.05 8.76 -4.37
N SER A 52 7.20 8.89 -3.09
CA SER A 52 6.44 9.94 -2.36
C SER A 52 7.38 10.69 -1.45
N LYS A 53 7.00 11.85 -1.01
CA LYS A 53 7.90 12.62 -0.09
C LYS A 53 7.40 12.45 1.34
N LEU A 54 6.35 11.67 1.50
CA LEU A 54 5.77 11.45 2.85
C LEU A 54 4.87 12.63 3.21
N GLY A 55 4.95 13.70 2.49
CA GLY A 55 4.05 14.85 2.79
C GLY A 55 2.63 14.30 2.69
N LEU A 56 2.47 13.30 1.88
CA LEU A 56 1.14 12.64 1.74
C LEU A 56 1.08 11.55 2.80
N THR A 57 0.42 10.45 2.57
CA THR A 57 0.40 9.41 3.64
C THR A 57 0.88 8.06 3.10
N VAL A 58 2.16 7.78 3.20
CA VAL A 58 2.66 6.46 2.73
C VAL A 58 2.75 5.53 3.92
N PHE A 59 2.63 4.26 3.70
CA PHE A 59 2.73 3.31 4.84
C PHE A 59 3.47 2.05 4.38
N CYS A 60 4.77 2.04 4.49
CA CYS A 60 5.56 0.86 4.08
C CYS A 60 5.58 -0.14 5.24
N CYS A 61 5.40 -1.39 4.95
CA CYS A 61 5.44 -2.40 6.05
C CYS A 61 6.44 -3.51 5.70
N THR A 62 7.01 -4.11 6.70
CA THR A 62 8.01 -5.20 6.43
C THR A 62 7.70 -6.40 7.33
N THR A 63 6.65 -7.12 7.06
CA THR A 63 6.30 -8.29 7.90
C THR A 63 5.25 -9.15 7.19
N ASP A 64 5.20 -10.42 7.49
CA ASP A 64 4.19 -11.31 6.85
C ASP A 64 2.84 -10.59 6.80
N ASN A 65 2.30 -10.40 5.62
CA ASN A 65 0.99 -9.69 5.46
C ASN A 65 0.76 -8.71 6.61
N CYS A 66 1.23 -7.50 6.49
CA CYS A 66 1.04 -6.51 7.60
C CYS A 66 0.65 -5.15 7.03
N ASN A 67 -0.56 -5.00 6.59
CA ASN A 67 -1.01 -3.69 6.04
C ASN A 67 -2.54 -3.61 6.05
N HIS A 68 -3.16 -4.39 6.90
CA HIS A 68 -4.66 -4.36 6.95
C HIS A 68 -5.11 -3.04 7.59
N MET A 1 9.25 -13.19 1.34
CA MET A 1 8.66 -12.14 2.21
C MET A 1 7.14 -12.22 2.14
N GLN A 2 6.46 -11.33 2.80
CA GLN A 2 4.98 -11.34 2.79
C GLN A 2 4.46 -9.95 3.12
N CYS A 3 3.59 -9.43 2.30
CA CYS A 3 3.05 -8.07 2.56
C CYS A 3 1.64 -7.95 1.98
N LYS A 4 0.69 -7.58 2.81
CA LYS A 4 -0.71 -7.47 2.32
C LYS A 4 -0.80 -6.42 1.22
N THR A 5 -1.60 -6.67 0.23
CA THR A 5 -1.74 -5.69 -0.89
C THR A 5 -3.17 -5.80 -1.45
N CYS A 6 -4.15 -5.73 -0.60
CA CYS A 6 -5.56 -5.84 -1.08
C CYS A 6 -5.95 -4.57 -1.84
N SER A 7 -7.21 -4.39 -2.11
CA SER A 7 -7.66 -3.18 -2.85
C SER A 7 -8.52 -2.30 -1.94
N PHE A 8 -8.52 -2.57 -0.67
CA PHE A 8 -9.34 -1.76 0.27
C PHE A 8 -8.40 -0.88 1.12
N TYR A 9 -8.93 -0.20 2.10
CA TYR A 9 -8.05 0.67 2.95
C TYR A 9 -7.67 -0.09 4.22
N THR A 10 -8.03 -1.34 4.31
CA THR A 10 -7.68 -2.12 5.54
C THR A 10 -8.11 -3.57 5.36
N CYS A 11 -7.18 -4.45 5.10
CA CYS A 11 -7.54 -5.88 4.93
C CYS A 11 -6.85 -6.70 6.02
N PRO A 12 -7.64 -7.34 6.86
CA PRO A 12 -7.12 -8.17 7.95
C PRO A 12 -6.61 -9.50 7.38
N ASN A 13 -7.00 -9.82 6.19
CA ASN A 13 -6.53 -11.09 5.57
C ASN A 13 -5.01 -11.05 5.43
N SER A 14 -4.45 -11.96 4.69
CA SER A 14 -2.96 -11.96 4.51
C SER A 14 -2.63 -12.17 3.03
N GLU A 15 -1.50 -11.70 2.59
CA GLU A 15 -1.13 -11.88 1.16
C GLU A 15 0.40 -11.90 1.03
N THR A 16 0.98 -13.06 1.04
CA THR A 16 2.46 -13.18 0.92
C THR A 16 2.92 -12.56 -0.41
N CYS A 17 4.20 -12.31 -0.52
CA CYS A 17 4.74 -11.72 -1.78
C CYS A 17 5.49 -12.81 -2.54
N PRO A 18 5.72 -12.57 -3.81
CA PRO A 18 6.41 -13.55 -4.67
C PRO A 18 7.91 -13.62 -4.34
N ASP A 19 8.63 -14.43 -5.04
CA ASP A 19 10.09 -14.57 -4.77
C ASP A 19 10.87 -13.49 -5.52
N GLY A 20 10.44 -12.27 -5.41
CA GLY A 20 11.14 -11.16 -6.13
C GLY A 20 10.89 -9.84 -5.41
N LYS A 21 9.74 -9.66 -4.81
CA LYS A 21 9.47 -8.38 -4.11
C LYS A 21 10.17 -8.37 -2.76
N ASN A 22 9.86 -7.42 -1.92
CA ASN A 22 10.56 -7.40 -0.59
C ASN A 22 9.86 -6.53 0.46
N ILE A 23 8.76 -5.89 0.17
CA ILE A 23 8.18 -5.04 1.25
C ILE A 23 6.67 -4.87 1.11
N CYS A 24 6.10 -4.26 2.11
CA CYS A 24 4.65 -3.98 2.12
C CYS A 24 4.47 -2.47 1.96
N VAL A 25 4.14 -2.00 0.80
CA VAL A 25 3.98 -0.52 0.64
C VAL A 25 2.57 -0.16 0.18
N LYS A 26 1.83 0.53 1.02
CA LYS A 26 0.46 0.96 0.63
C LYS A 26 0.45 2.49 0.56
N ARG A 27 -0.37 3.06 -0.29
CA ARG A 27 -0.39 4.54 -0.42
C ARG A 27 -1.82 5.07 -0.49
N SER A 28 -1.96 6.36 -0.43
CA SER A 28 -3.31 6.99 -0.51
C SER A 28 -3.12 8.45 -0.90
N TRP A 29 -3.57 8.83 -2.06
CA TRP A 29 -3.39 10.24 -2.47
C TRP A 29 -4.76 10.90 -2.51
N THR A 30 -4.87 12.08 -3.06
CA THR A 30 -6.20 12.76 -3.10
C THR A 30 -6.36 13.43 -4.45
N ALA A 31 -5.69 12.91 -5.41
CA ALA A 31 -5.74 13.48 -6.78
C ALA A 31 -7.18 13.48 -7.29
N VAL A 32 -7.74 14.64 -7.51
CA VAL A 32 -9.14 14.73 -8.00
C VAL A 32 -9.22 15.72 -9.16
N ARG A 33 -9.93 15.37 -10.20
CA ARG A 33 -10.04 16.30 -11.37
C ARG A 33 -11.12 17.35 -11.09
N GLY A 34 -12.33 16.92 -10.84
CA GLY A 34 -13.42 17.90 -10.57
C GLY A 34 -14.15 17.51 -9.28
N ASP A 35 -15.24 16.82 -9.39
CA ASP A 35 -15.99 16.40 -8.17
C ASP A 35 -16.18 14.89 -8.16
N GLY A 36 -15.44 14.19 -8.97
CA GLY A 36 -15.58 12.71 -9.02
C GLY A 36 -15.02 12.11 -7.72
N PRO A 37 -13.98 11.31 -7.86
CA PRO A 37 -13.33 10.66 -6.72
C PRO A 37 -12.46 11.66 -5.95
N LYS A 38 -11.74 11.21 -4.96
CA LYS A 38 -10.88 12.16 -4.19
C LYS A 38 -9.63 11.42 -3.70
N ARG A 39 -9.76 10.62 -2.67
CA ARG A 39 -8.58 9.89 -2.15
C ARG A 39 -8.53 8.48 -2.72
N GLU A 40 -7.71 8.28 -3.70
CA GLU A 40 -7.61 6.91 -4.30
C GLU A 40 -6.42 6.19 -3.65
N ILE A 41 -6.67 5.13 -2.93
CA ILE A 41 -5.54 4.42 -2.28
C ILE A 41 -5.29 3.08 -2.97
N ARG A 42 -4.07 2.63 -2.95
CA ARG A 42 -3.73 1.33 -3.59
C ARG A 42 -2.52 0.74 -2.87
N ARG A 43 -2.49 -0.55 -2.69
CA ARG A 43 -1.32 -1.15 -1.98
C ARG A 43 -0.71 -2.26 -2.84
N GLU A 44 0.55 -2.51 -2.64
CA GLU A 44 1.24 -3.57 -3.43
C GLU A 44 2.57 -3.89 -2.76
N CYS A 45 3.13 -5.03 -3.07
CA CYS A 45 4.44 -5.41 -2.46
C CYS A 45 5.54 -4.74 -3.25
N ALA A 46 6.30 -3.88 -2.62
CA ALA A 46 7.39 -3.19 -3.34
C ALA A 46 8.69 -3.35 -2.57
N ALA A 47 9.80 -3.24 -3.24
CA ALA A 47 11.10 -3.36 -2.52
C ALA A 47 11.51 -1.97 -2.05
N THR A 48 10.57 -1.04 -2.06
CA THR A 48 10.88 0.34 -1.64
C THR A 48 10.46 0.56 -0.19
N CYS A 49 10.44 1.79 0.20
CA CYS A 49 10.03 2.14 1.58
C CYS A 49 10.14 3.66 1.71
N PRO A 50 9.38 4.35 0.90
CA PRO A 50 9.40 5.82 0.86
C PRO A 50 8.49 6.41 1.96
N PRO A 51 9.04 7.32 2.72
CA PRO A 51 8.29 7.99 3.79
C PRO A 51 7.43 9.06 3.15
N SER A 52 6.30 8.68 2.66
CA SER A 52 5.43 9.66 1.97
C SER A 52 4.62 10.48 3.00
N LYS A 53 3.74 11.32 2.51
CA LYS A 53 2.91 12.15 3.44
C LYS A 53 1.44 11.73 3.30
N LEU A 54 0.53 12.65 3.12
CA LEU A 54 -0.90 12.24 2.99
C LEU A 54 -1.45 12.59 1.61
N GLY A 55 -0.97 13.65 0.99
CA GLY A 55 -1.47 13.95 -0.38
C GLY A 55 -1.18 12.73 -1.24
N LEU A 56 -0.25 11.94 -0.78
CA LEU A 56 0.13 10.68 -1.45
C LEU A 56 0.99 9.94 -0.43
N THR A 57 0.38 9.14 0.41
CA THR A 57 1.14 8.47 1.49
C THR A 57 1.72 7.13 1.03
N VAL A 58 2.61 6.61 1.82
CA VAL A 58 3.22 5.29 1.55
C VAL A 58 3.44 4.62 2.89
N PHE A 59 3.59 3.35 2.91
CA PHE A 59 3.83 2.69 4.21
C PHE A 59 4.57 1.38 3.98
N CYS A 60 5.85 1.39 4.21
CA CYS A 60 6.66 0.15 4.00
C CYS A 60 6.68 -0.70 5.27
N CYS A 61 6.77 -1.99 5.10
CA CYS A 61 6.80 -2.89 6.29
C CYS A 61 7.68 -4.10 5.96
N THR A 62 8.54 -4.48 6.86
CA THR A 62 9.43 -5.65 6.59
C THR A 62 9.04 -6.82 7.49
N THR A 63 7.89 -7.39 7.29
CA THR A 63 7.46 -8.53 8.14
C THR A 63 6.44 -9.37 7.37
N ASP A 64 5.70 -10.21 8.05
CA ASP A 64 4.70 -11.05 7.35
C ASP A 64 3.35 -10.32 7.32
N ASN A 65 2.79 -10.14 6.15
CA ASN A 65 1.48 -9.43 6.04
C ASN A 65 1.44 -8.27 7.04
N CYS A 66 2.03 -7.15 6.69
CA CYS A 66 2.02 -5.98 7.61
C CYS A 66 0.87 -5.05 7.25
N ASN A 67 0.93 -4.43 6.10
CA ASN A 67 -0.15 -3.50 5.68
C ASN A 67 -1.51 -4.13 5.99
N HIS A 68 -2.07 -3.83 7.12
CA HIS A 68 -3.40 -4.41 7.47
C HIS A 68 -4.46 -3.87 6.52
#